data_6T6E
# 
_entry.id   6T6E 
# 
_audit_conform.dict_name       mmcif_pdbx.dic 
_audit_conform.dict_version    5.383 
_audit_conform.dict_location   http://mmcif.pdb.org/dictionaries/ascii/mmcif_pdbx.dic 
# 
loop_
_database_2.database_id 
_database_2.database_code 
_database_2.pdbx_database_accession 
_database_2.pdbx_DOI 
PDB   6T6E         pdb_00006t6e 10.2210/pdb6t6e/pdb 
WWPDB D_1292104916 ?            ?                   
# 
loop_
_pdbx_audit_revision_history.ordinal 
_pdbx_audit_revision_history.data_content_type 
_pdbx_audit_revision_history.major_revision 
_pdbx_audit_revision_history.minor_revision 
_pdbx_audit_revision_history.revision_date 
1 'Structure model' 1 0 2020-07-22 
2 'Structure model' 1 1 2021-02-10 
3 'Structure model' 1 2 2024-01-24 
# 
_pdbx_audit_revision_details.ordinal             1 
_pdbx_audit_revision_details.revision_ordinal    1 
_pdbx_audit_revision_details.data_content_type   'Structure model' 
_pdbx_audit_revision_details.provider            repository 
_pdbx_audit_revision_details.type                'Initial release' 
_pdbx_audit_revision_details.description         ? 
_pdbx_audit_revision_details.details             ? 
# 
loop_
_pdbx_audit_revision_group.ordinal 
_pdbx_audit_revision_group.revision_ordinal 
_pdbx_audit_revision_group.data_content_type 
_pdbx_audit_revision_group.group 
1 2 'Structure model' 'Database references'    
2 2 'Structure model' 'Derived calculations'   
3 3 'Structure model' 'Data collection'        
4 3 'Structure model' 'Database references'    
5 3 'Structure model' 'Refinement description' 
# 
loop_
_pdbx_audit_revision_category.ordinal 
_pdbx_audit_revision_category.revision_ordinal 
_pdbx_audit_revision_category.data_content_type 
_pdbx_audit_revision_category.category 
1 2 'Structure model' citation                      
2 2 'Structure model' citation_author               
3 2 'Structure model' pdbx_struct_conn_angle        
4 2 'Structure model' struct_conn                   
5 3 'Structure model' chem_comp_atom                
6 3 'Structure model' chem_comp_bond                
7 3 'Structure model' database_2                    
8 3 'Structure model' pdbx_initial_refinement_model 
# 
loop_
_pdbx_audit_revision_item.ordinal 
_pdbx_audit_revision_item.revision_ordinal 
_pdbx_audit_revision_item.data_content_type 
_pdbx_audit_revision_item.item 
1  2 'Structure model' '_citation.country'                          
2  2 'Structure model' '_citation.journal_abbrev'                   
3  2 'Structure model' '_citation.journal_id_ASTM'                  
4  2 'Structure model' '_citation.journal_id_CSD'                   
5  2 'Structure model' '_citation.journal_id_ISSN'                  
6  2 'Structure model' '_citation.journal_volume'                   
7  2 'Structure model' '_citation.pdbx_database_id_DOI'             
8  2 'Structure model' '_citation.pdbx_database_id_PubMed'          
9  2 'Structure model' '_citation.title'                            
10 2 'Structure model' '_citation.year'                             
11 2 'Structure model' '_pdbx_struct_conn_angle.ptnr1_auth_seq_id'  
12 2 'Structure model' '_pdbx_struct_conn_angle.ptnr1_label_seq_id' 
13 2 'Structure model' '_pdbx_struct_conn_angle.ptnr3_auth_seq_id'  
14 2 'Structure model' '_pdbx_struct_conn_angle.ptnr3_label_seq_id' 
15 2 'Structure model' '_pdbx_struct_conn_angle.value'              
16 2 'Structure model' '_struct_conn.pdbx_dist_value'               
17 2 'Structure model' '_struct_conn.ptnr1_auth_seq_id'             
18 2 'Structure model' '_struct_conn.ptnr1_label_seq_id'            
19 2 'Structure model' '_struct_conn.ptnr2_symmetry'                
20 3 'Structure model' '_database_2.pdbx_DOI'                       
21 3 'Structure model' '_database_2.pdbx_database_accession'        
# 
_pdbx_database_status.status_code                     REL 
_pdbx_database_status.status_code_sf                  REL 
_pdbx_database_status.status_code_mr                  ? 
_pdbx_database_status.entry_id                        6T6E 
_pdbx_database_status.recvd_initial_deposition_date   2019-10-18 
_pdbx_database_status.SG_entry                        N 
_pdbx_database_status.deposit_site                    PDBE 
_pdbx_database_status.process_site                    PDBE 
_pdbx_database_status.status_code_cs                  ? 
_pdbx_database_status.methods_development_category    ? 
_pdbx_database_status.pdb_format_compatible           Y 
_pdbx_database_status.status_code_nmr_data            ? 
# 
loop_
_audit_author.name 
_audit_author.pdbx_ordinal 
_audit_author.identifier_ORCID 
'Ruff, M.'    1 0000-0001-5451-6377 
'Negroni, M.' 2 ?                   
# 
_citation.abstract                  ? 
_citation.abstract_id_CAS           ? 
_citation.book_id_ISBN              ? 
_citation.book_publisher            ? 
_citation.book_publisher_city       ? 
_citation.book_title                ? 
_citation.coordinate_linkage        ? 
_citation.country                   US 
_citation.database_id_Medline       ? 
_citation.details                   ? 
_citation.id                        primary 
_citation.journal_abbrev            J.Virol. 
_citation.journal_id_ASTM           JOVIAM 
_citation.journal_id_CSD            0825 
_citation.journal_id_ISSN           1098-5514 
_citation.journal_full              ? 
_citation.journal_issue             ? 
_citation.journal_volume            94 
_citation.language                  ? 
_citation.page_first                ? 
_citation.page_last                 ? 
_citation.title                     'NKNK: a New Essential Motif in the C-Terminal Domain of HIV-1 Group M Integrases.' 
_citation.year                      2020 
_citation.database_id_CSD           ? 
_citation.pdbx_database_id_DOI      10.1128/JVI.01035-20 
_citation.pdbx_database_id_PubMed   32727879 
_citation.unpublished_flag          ? 
# 
loop_
_citation_author.citation_id 
_citation_author.name 
_citation_author.ordinal 
_citation_author.identifier_ORCID 
primary 'Kanja, M.'      1  ?                   
primary 'Cappy, P.'      2  0000-0001-8540-2196 
primary 'Levy, N.'       3  ?                   
primary 'Oladosu, O.'    4  ?                   
primary 'Schmidt, S.'    5  ?                   
primary 'Rossolillo, P.' 6  ?                   
primary 'Winter, F.'     7  ?                   
primary 'Gasser, R.'     8  ?                   
primary 'Moog, C.'       9  0000-0002-0916-156X 
primary 'Ruff, M.'       10 ?                   
primary 'Negroni, M.'    11 0000-0003-3005-8871 
primary 'Lener, D.'      12 0000-0001-8266-8810 
# 
loop_
_entity.id 
_entity.type 
_entity.src_method 
_entity.pdbx_description 
_entity.formula_weight 
_entity.pdbx_number_of_molecules 
_entity.pdbx_ec 
_entity.pdbx_mutation 
_entity.pdbx_fragment 
_entity.details 
1 polymer     man 'Pol protein'     7025.118 1  ? ? ? ? 
2 non-polymer syn 'NICKEL (II) ION' 58.693   1  ? ? ? ? 
3 water       nat water             18.015   68 ? ? ? ? 
# 
_entity_poly.entity_id                      1 
_entity_poly.type                           'polypeptide(L)' 
_entity_poly.nstd_linkage                   no 
_entity_poly.nstd_monomer                   no 
_entity_poly.pdbx_seq_one_letter_code       MGHHHHHHIQNFRVYYRDSRDPVWKGPAKLLWKGEGAVVIQDNSDIKVVPRRKAKIIRD 
_entity_poly.pdbx_seq_one_letter_code_can   MGHHHHHHIQNFRVYYRDSRDPVWKGPAKLLWKGEGAVVIQDNSDIKVVPRRKAKIIRD 
_entity_poly.pdbx_strand_id                 A 
_entity_poly.pdbx_target_identifier         ? 
# 
loop_
_pdbx_entity_nonpoly.entity_id 
_pdbx_entity_nonpoly.name 
_pdbx_entity_nonpoly.comp_id 
2 'NICKEL (II) ION' NI  
3 water             HOH 
# 
loop_
_entity_poly_seq.entity_id 
_entity_poly_seq.num 
_entity_poly_seq.mon_id 
_entity_poly_seq.hetero 
1 1  MET n 
1 2  GLY n 
1 3  HIS n 
1 4  HIS n 
1 5  HIS n 
1 6  HIS n 
1 7  HIS n 
1 8  HIS n 
1 9  ILE n 
1 10 GLN n 
1 11 ASN n 
1 12 PHE n 
1 13 ARG n 
1 14 VAL n 
1 15 TYR n 
1 16 TYR n 
1 17 ARG n 
1 18 ASP n 
1 19 SER n 
1 20 ARG n 
1 21 ASP n 
1 22 PRO n 
1 23 VAL n 
1 24 TRP n 
1 25 LYS n 
1 26 GLY n 
1 27 PRO n 
1 28 ALA n 
1 29 LYS n 
1 30 LEU n 
1 31 LEU n 
1 32 TRP n 
1 33 LYS n 
1 34 GLY n 
1 35 GLU n 
1 36 GLY n 
1 37 ALA n 
1 38 VAL n 
1 39 VAL n 
1 40 ILE n 
1 41 GLN n 
1 42 ASP n 
1 43 ASN n 
1 44 SER n 
1 45 ASP n 
1 46 ILE n 
1 47 LYS n 
1 48 VAL n 
1 49 VAL n 
1 50 PRO n 
1 51 ARG n 
1 52 ARG n 
1 53 LYS n 
1 54 ALA n 
1 55 LYS n 
1 56 ILE n 
1 57 ILE n 
1 58 ARG n 
1 59 ASP n 
# 
_entity_src_gen.entity_id                          1 
_entity_src_gen.pdbx_src_id                        1 
_entity_src_gen.pdbx_alt_source_flag               sample 
_entity_src_gen.pdbx_seq_type                      'Biological sequence' 
_entity_src_gen.pdbx_beg_seq_num                   1 
_entity_src_gen.pdbx_end_seq_num                   59 
_entity_src_gen.gene_src_common_name               ? 
_entity_src_gen.gene_src_genus                     ? 
_entity_src_gen.pdbx_gene_src_gene                 pol 
_entity_src_gen.gene_src_species                   ? 
_entity_src_gen.gene_src_strain                    ? 
_entity_src_gen.gene_src_tissue                    ? 
_entity_src_gen.gene_src_tissue_fraction           ? 
_entity_src_gen.gene_src_details                   ? 
_entity_src_gen.pdbx_gene_src_fragment             ? 
_entity_src_gen.pdbx_gene_src_scientific_name      'Human immunodeficiency virus 1' 
_entity_src_gen.pdbx_gene_src_ncbi_taxonomy_id     11676 
_entity_src_gen.pdbx_gene_src_variant              ? 
_entity_src_gen.pdbx_gene_src_cell_line            ? 
_entity_src_gen.pdbx_gene_src_atcc                 ? 
_entity_src_gen.pdbx_gene_src_organ                ? 
_entity_src_gen.pdbx_gene_src_organelle            ? 
_entity_src_gen.pdbx_gene_src_cell                 ? 
_entity_src_gen.pdbx_gene_src_cellular_location    ? 
_entity_src_gen.host_org_common_name               ? 
_entity_src_gen.pdbx_host_org_scientific_name      'Escherichia coli' 
_entity_src_gen.pdbx_host_org_ncbi_taxonomy_id     562 
_entity_src_gen.host_org_genus                     ? 
_entity_src_gen.pdbx_host_org_gene                 ? 
_entity_src_gen.pdbx_host_org_organ                ? 
_entity_src_gen.host_org_species                   ? 
_entity_src_gen.pdbx_host_org_tissue               ? 
_entity_src_gen.pdbx_host_org_tissue_fraction      ? 
_entity_src_gen.pdbx_host_org_strain               ? 
_entity_src_gen.pdbx_host_org_variant              ? 
_entity_src_gen.pdbx_host_org_cell_line            ? 
_entity_src_gen.pdbx_host_org_atcc                 ? 
_entity_src_gen.pdbx_host_org_culture_collection   ? 
_entity_src_gen.pdbx_host_org_cell                 ? 
_entity_src_gen.pdbx_host_org_organelle            ? 
_entity_src_gen.pdbx_host_org_cellular_location    ? 
_entity_src_gen.pdbx_host_org_vector_type          ? 
_entity_src_gen.pdbx_host_org_vector               ? 
_entity_src_gen.host_org_details                   ? 
_entity_src_gen.expression_system_id               ? 
_entity_src_gen.plasmid_name                       ? 
_entity_src_gen.plasmid_details                    ? 
_entity_src_gen.pdbx_description                   ? 
# 
loop_
_chem_comp.id 
_chem_comp.type 
_chem_comp.mon_nstd_flag 
_chem_comp.name 
_chem_comp.pdbx_synonyms 
_chem_comp.formula 
_chem_comp.formula_weight 
ALA 'L-peptide linking' y ALANINE           ? 'C3 H7 N O2'     89.093  
ARG 'L-peptide linking' y ARGININE          ? 'C6 H15 N4 O2 1' 175.209 
ASN 'L-peptide linking' y ASPARAGINE        ? 'C4 H8 N2 O3'    132.118 
ASP 'L-peptide linking' y 'ASPARTIC ACID'   ? 'C4 H7 N O4'     133.103 
GLN 'L-peptide linking' y GLUTAMINE         ? 'C5 H10 N2 O3'   146.144 
GLU 'L-peptide linking' y 'GLUTAMIC ACID'   ? 'C5 H9 N O4'     147.129 
GLY 'peptide linking'   y GLYCINE           ? 'C2 H5 N O2'     75.067  
HIS 'L-peptide linking' y HISTIDINE         ? 'C6 H10 N3 O2 1' 156.162 
HOH non-polymer         . WATER             ? 'H2 O'           18.015  
ILE 'L-peptide linking' y ISOLEUCINE        ? 'C6 H13 N O2'    131.173 
LEU 'L-peptide linking' y LEUCINE           ? 'C6 H13 N O2'    131.173 
LYS 'L-peptide linking' y LYSINE            ? 'C6 H15 N2 O2 1' 147.195 
MET 'L-peptide linking' y METHIONINE        ? 'C5 H11 N O2 S'  149.211 
NI  non-polymer         . 'NICKEL (II) ION' ? 'Ni 2'           58.693  
PHE 'L-peptide linking' y PHENYLALANINE     ? 'C9 H11 N O2'    165.189 
PRO 'L-peptide linking' y PROLINE           ? 'C5 H9 N O2'     115.130 
SER 'L-peptide linking' y SERINE            ? 'C3 H7 N O3'     105.093 
TRP 'L-peptide linking' y TRYPTOPHAN        ? 'C11 H12 N2 O2'  204.225 
TYR 'L-peptide linking' y TYROSINE          ? 'C9 H11 N O3'    181.189 
VAL 'L-peptide linking' y VALINE            ? 'C5 H11 N O2'    117.146 
# 
loop_
_pdbx_poly_seq_scheme.asym_id 
_pdbx_poly_seq_scheme.entity_id 
_pdbx_poly_seq_scheme.seq_id 
_pdbx_poly_seq_scheme.mon_id 
_pdbx_poly_seq_scheme.ndb_seq_num 
_pdbx_poly_seq_scheme.pdb_seq_num 
_pdbx_poly_seq_scheme.auth_seq_num 
_pdbx_poly_seq_scheme.pdb_mon_id 
_pdbx_poly_seq_scheme.auth_mon_id 
_pdbx_poly_seq_scheme.pdb_strand_id 
_pdbx_poly_seq_scheme.pdb_ins_code 
_pdbx_poly_seq_scheme.hetero 
A 1 1  MET 1  212 ?   ?   ?   A . n 
A 1 2  GLY 2  213 ?   ?   ?   A . n 
A 1 3  HIS 3  214 ?   ?   ?   A . n 
A 1 4  HIS 4  215 215 HIS HIS A . n 
A 1 5  HIS 5  216 216 HIS HIS A . n 
A 1 6  HIS 6  217 217 HIS HIS A . n 
A 1 7  HIS 7  218 218 HIS HIS A . n 
A 1 8  HIS 8  219 219 HIS HIS A . n 
A 1 9  ILE 9  220 220 ILE ILE A . n 
A 1 10 GLN 10 221 221 GLN GLN A . n 
A 1 11 ASN 11 222 222 ASN ASN A . n 
A 1 12 PHE 12 223 223 PHE PHE A . n 
A 1 13 ARG 13 224 224 ARG ARG A . n 
A 1 14 VAL 14 225 225 VAL VAL A . n 
A 1 15 TYR 15 226 226 TYR TYR A . n 
A 1 16 TYR 16 227 227 TYR TYR A . n 
A 1 17 ARG 17 228 228 ARG ARG A . n 
A 1 18 ASP 18 229 229 ASP ASP A . n 
A 1 19 SER 19 230 230 SER SER A . n 
A 1 20 ARG 20 231 231 ARG ARG A . n 
A 1 21 ASP 21 232 232 ASP ASP A . n 
A 1 22 PRO 22 233 233 PRO PRO A . n 
A 1 23 VAL 23 234 234 VAL VAL A . n 
A 1 24 TRP 24 235 235 TRP TRP A . n 
A 1 25 LYS 25 236 236 LYS LYS A . n 
A 1 26 GLY 26 237 237 GLY GLY A . n 
A 1 27 PRO 27 238 238 PRO PRO A . n 
A 1 28 ALA 28 239 239 ALA ALA A . n 
A 1 29 LYS 29 240 240 LYS LYS A . n 
A 1 30 LEU 30 241 241 LEU LEU A . n 
A 1 31 LEU 31 242 242 LEU LEU A . n 
A 1 32 TRP 32 243 243 TRP TRP A . n 
A 1 33 LYS 33 244 244 LYS LYS A . n 
A 1 34 GLY 34 245 245 GLY GLY A . n 
A 1 35 GLU 35 246 246 GLU GLU A . n 
A 1 36 GLY 36 247 247 GLY GLY A . n 
A 1 37 ALA 37 248 248 ALA ALA A . n 
A 1 38 VAL 38 249 249 VAL VAL A . n 
A 1 39 VAL 39 250 250 VAL VAL A . n 
A 1 40 ILE 40 251 251 ILE ILE A . n 
A 1 41 GLN 41 252 252 GLN GLN A . n 
A 1 42 ASP 42 253 253 ASP ASP A . n 
A 1 43 ASN 43 254 254 ASN ASN A . n 
A 1 44 SER 44 255 255 SER SER A . n 
A 1 45 ASP 45 256 256 ASP ASP A . n 
A 1 46 ILE 46 257 257 ILE ILE A . n 
A 1 47 LYS 47 258 258 LYS LYS A . n 
A 1 48 VAL 48 259 259 VAL VAL A . n 
A 1 49 VAL 49 260 260 VAL VAL A . n 
A 1 50 PRO 50 261 261 PRO PRO A . n 
A 1 51 ARG 51 262 262 ARG ARG A . n 
A 1 52 ARG 52 263 263 ARG ARG A . n 
A 1 53 LYS 53 264 264 LYS LYS A . n 
A 1 54 ALA 54 265 265 ALA ALA A . n 
A 1 55 LYS 55 266 266 LYS LYS A . n 
A 1 56 ILE 56 267 267 ILE ILE A . n 
A 1 57 ILE 57 268 268 ILE ILE A . n 
A 1 58 ARG 58 269 269 ARG ARG A . n 
A 1 59 ASP 59 270 270 ASP ASP A . n 
# 
loop_
_pdbx_nonpoly_scheme.asym_id 
_pdbx_nonpoly_scheme.entity_id 
_pdbx_nonpoly_scheme.mon_id 
_pdbx_nonpoly_scheme.ndb_seq_num 
_pdbx_nonpoly_scheme.pdb_seq_num 
_pdbx_nonpoly_scheme.auth_seq_num 
_pdbx_nonpoly_scheme.pdb_mon_id 
_pdbx_nonpoly_scheme.auth_mon_id 
_pdbx_nonpoly_scheme.pdb_strand_id 
_pdbx_nonpoly_scheme.pdb_ins_code 
B 2 NI  1  301 1  NI  NI  A . 
C 3 HOH 1  401 11 HOH HOH A . 
C 3 HOH 2  402 67 HOH HOH A . 
C 3 HOH 3  403 56 HOH HOH A . 
C 3 HOH 4  404 14 HOH HOH A . 
C 3 HOH 5  405 64 HOH HOH A . 
C 3 HOH 6  406 26 HOH HOH A . 
C 3 HOH 7  407 15 HOH HOH A . 
C 3 HOH 8  408 23 HOH HOH A . 
C 3 HOH 9  409 4  HOH HOH A . 
C 3 HOH 10 410 36 HOH HOH A . 
C 3 HOH 11 411 76 HOH HOH A . 
C 3 HOH 12 412 9  HOH HOH A . 
C 3 HOH 13 413 8  HOH HOH A . 
C 3 HOH 14 414 40 HOH HOH A . 
C 3 HOH 15 415 47 HOH HOH A . 
C 3 HOH 16 416 41 HOH HOH A . 
C 3 HOH 17 417 19 HOH HOH A . 
C 3 HOH 18 418 22 HOH HOH A . 
C 3 HOH 19 419 7  HOH HOH A . 
C 3 HOH 20 420 12 HOH HOH A . 
C 3 HOH 21 421 21 HOH HOH A . 
C 3 HOH 22 422 10 HOH HOH A . 
C 3 HOH 23 423 1  HOH HOH A . 
C 3 HOH 24 424 48 HOH HOH A . 
C 3 HOH 25 425 16 HOH HOH A . 
C 3 HOH 26 426 29 HOH HOH A . 
C 3 HOH 27 427 2  HOH HOH A . 
C 3 HOH 28 428 18 HOH HOH A . 
C 3 HOH 29 429 6  HOH HOH A . 
C 3 HOH 30 430 28 HOH HOH A . 
C 3 HOH 31 431 34 HOH HOH A . 
C 3 HOH 32 432 25 HOH HOH A . 
C 3 HOH 33 433 74 HOH HOH A . 
C 3 HOH 34 434 13 HOH HOH A . 
C 3 HOH 35 435 71 HOH HOH A . 
C 3 HOH 36 436 5  HOH HOH A . 
C 3 HOH 37 437 72 HOH HOH A . 
C 3 HOH 38 438 58 HOH HOH A . 
C 3 HOH 39 439 37 HOH HOH A . 
C 3 HOH 40 440 39 HOH HOH A . 
C 3 HOH 41 441 59 HOH HOH A . 
C 3 HOH 42 442 35 HOH HOH A . 
C 3 HOH 43 443 17 HOH HOH A . 
C 3 HOH 44 444 32 HOH HOH A . 
C 3 HOH 45 445 69 HOH HOH A . 
C 3 HOH 46 446 61 HOH HOH A . 
C 3 HOH 47 447 31 HOH HOH A . 
C 3 HOH 48 448 33 HOH HOH A . 
C 3 HOH 49 449 70 HOH HOH A . 
C 3 HOH 50 450 24 HOH HOH A . 
C 3 HOH 51 451 66 HOH HOH A . 
C 3 HOH 52 452 46 HOH HOH A . 
C 3 HOH 53 453 3  HOH HOH A . 
C 3 HOH 54 454 63 HOH HOH A . 
C 3 HOH 55 455 42 HOH HOH A . 
C 3 HOH 56 456 55 HOH HOH A . 
C 3 HOH 57 457 52 HOH HOH A . 
C 3 HOH 58 458 50 HOH HOH A . 
C 3 HOH 59 459 27 HOH HOH A . 
C 3 HOH 60 460 65 HOH HOH A . 
C 3 HOH 61 461 38 HOH HOH A . 
C 3 HOH 62 462 54 HOH HOH A . 
C 3 HOH 63 463 62 HOH HOH A . 
C 3 HOH 64 464 45 HOH HOH A . 
C 3 HOH 65 465 68 HOH HOH A . 
C 3 HOH 66 466 30 HOH HOH A . 
C 3 HOH 67 467 57 HOH HOH A . 
C 3 HOH 68 468 60 HOH HOH A . 
# 
loop_
_software.citation_id 
_software.classification 
_software.compiler_name 
_software.compiler_version 
_software.contact_author 
_software.contact_author_email 
_software.date 
_software.description 
_software.dependencies 
_software.hardware 
_software.language 
_software.location 
_software.mods 
_software.name 
_software.os 
_software.os_version 
_software.type 
_software.version 
_software.pdbx_ordinal 
? 'data scaling'    ? ? ? ? ? ? ? ? ? ? ? XSCALE      ? ? ? .        1 
? phasing           ? ? ? ? ? ? ? ? ? ? ? PHASER      ? ? ? .        2 
? refinement        ? ? ? ? ? ? ? ? ? ? ? PHENIX      ? ? ? dev_3311 3 
? 'data extraction' ? ? ? ? ? ? ? ? ? ? ? PDB_EXTRACT ? ? ? 3.25     4 
? 'data reduction'  ? ? ? ? ? ? ? ? ? ? ? XDS         ? ? ? .        5 
# 
_cell.angle_alpha                  90.000 
_cell.angle_alpha_esd              ? 
_cell.angle_beta                   90.000 
_cell.angle_beta_esd               ? 
_cell.angle_gamma                  120.000 
_cell.angle_gamma_esd              ? 
_cell.entry_id                     6T6E 
_cell.details                      ? 
_cell.formula_units_Z              ? 
_cell.length_a                     49.472 
_cell.length_a_esd                 ? 
_cell.length_b                     49.472 
_cell.length_b_esd                 ? 
_cell.length_c                     39.811 
_cell.length_c_esd                 ? 
_cell.volume                       ? 
_cell.volume_esd                   ? 
_cell.Z_PDB                        6 
_cell.reciprocal_angle_alpha       ? 
_cell.reciprocal_angle_beta        ? 
_cell.reciprocal_angle_gamma       ? 
_cell.reciprocal_angle_alpha_esd   ? 
_cell.reciprocal_angle_beta_esd    ? 
_cell.reciprocal_angle_gamma_esd   ? 
_cell.reciprocal_length_a          ? 
_cell.reciprocal_length_b          ? 
_cell.reciprocal_length_c          ? 
_cell.reciprocal_length_a_esd      ? 
_cell.reciprocal_length_b_esd      ? 
_cell.reciprocal_length_c_esd      ? 
_cell.pdbx_unique_axis             ? 
# 
_symmetry.entry_id                         6T6E 
_symmetry.cell_setting                     ? 
_symmetry.Int_Tables_number                173 
_symmetry.space_group_name_Hall            ? 
_symmetry.space_group_name_H-M             'P 63' 
_symmetry.pdbx_full_space_group_name_H-M   ? 
# 
_exptl.absorpt_coefficient_mu     ? 
_exptl.absorpt_correction_T_max   ? 
_exptl.absorpt_correction_T_min   ? 
_exptl.absorpt_correction_type    ? 
_exptl.absorpt_process_details    ? 
_exptl.entry_id                   6T6E 
_exptl.crystals_number            1 
_exptl.details                    ? 
_exptl.method                     'X-RAY DIFFRACTION' 
_exptl.method_details             ? 
# 
_exptl_crystal.colour                      ? 
_exptl_crystal.density_diffrn              ? 
_exptl_crystal.density_Matthews            2.00 
_exptl_crystal.density_method              ? 
_exptl_crystal.density_percent_sol         38.56 
_exptl_crystal.description                 ? 
_exptl_crystal.F_000                       ? 
_exptl_crystal.id                          1 
_exptl_crystal.preparation                 ? 
_exptl_crystal.size_max                    ? 
_exptl_crystal.size_mid                    ? 
_exptl_crystal.size_min                    ? 
_exptl_crystal.size_rad                    ? 
_exptl_crystal.colour_lustre               ? 
_exptl_crystal.colour_modifier             ? 
_exptl_crystal.colour_primary              ? 
_exptl_crystal.density_meas                ? 
_exptl_crystal.density_meas_esd            ? 
_exptl_crystal.density_meas_gt             ? 
_exptl_crystal.density_meas_lt             ? 
_exptl_crystal.density_meas_temp           ? 
_exptl_crystal.density_meas_temp_esd       ? 
_exptl_crystal.density_meas_temp_gt        ? 
_exptl_crystal.density_meas_temp_lt        ? 
_exptl_crystal.pdbx_crystal_image_url      ? 
_exptl_crystal.pdbx_crystal_image_format   ? 
_exptl_crystal.pdbx_mosaicity              ? 
_exptl_crystal.pdbx_mosaicity_esd          ? 
# 
_exptl_crystal_grow.apparatus       ? 
_exptl_crystal_grow.atmosphere      ? 
_exptl_crystal_grow.crystal_id      1 
_exptl_crystal_grow.details         ? 
_exptl_crystal_grow.method          'VAPOR DIFFUSION, SITTING DROP' 
_exptl_crystal_grow.method_ref      ? 
_exptl_crystal_grow.pH              ? 
_exptl_crystal_grow.pressure        ? 
_exptl_crystal_grow.pressure_esd    ? 
_exptl_crystal_grow.seeding         ? 
_exptl_crystal_grow.seeding_ref     ? 
_exptl_crystal_grow.temp            293 
_exptl_crystal_grow.temp_details    ? 
_exptl_crystal_grow.temp_esd        ? 
_exptl_crystal_grow.time            ? 
_exptl_crystal_grow.pdbx_details    '0.1 M Tris pH 7, 0.8 M potassium sodium tartrate and 0.2 M lithium sulfate' 
_exptl_crystal_grow.pdbx_pH_range   ? 
# 
_diffrn.ambient_environment              ? 
_diffrn.ambient_temp                     100 
_diffrn.ambient_temp_details             ? 
_diffrn.ambient_temp_esd                 ? 
_diffrn.crystal_id                       1 
_diffrn.crystal_support                  ? 
_diffrn.crystal_treatment                ? 
_diffrn.details                          ? 
_diffrn.id                               1 
_diffrn.ambient_pressure                 ? 
_diffrn.ambient_pressure_esd             ? 
_diffrn.ambient_pressure_gt              ? 
_diffrn.ambient_pressure_lt              ? 
_diffrn.ambient_temp_gt                  ? 
_diffrn.ambient_temp_lt                  ? 
_diffrn.pdbx_serial_crystal_experiment   N 
# 
_diffrn_detector.details                      ? 
_diffrn_detector.detector                     PIXEL 
_diffrn_detector.diffrn_id                    1 
_diffrn_detector.type                         'DECTRIS PILATUS 2M' 
_diffrn_detector.area_resol_mean              ? 
_diffrn_detector.dtime                        ? 
_diffrn_detector.pdbx_frames_total            ? 
_diffrn_detector.pdbx_collection_time_total   ? 
_diffrn_detector.pdbx_collection_date         2017-02-20 
_diffrn_detector.pdbx_frequency               ? 
# 
_diffrn_radiation.collimation                      ? 
_diffrn_radiation.diffrn_id                        1 
_diffrn_radiation.filter_edge                      ? 
_diffrn_radiation.inhomogeneity                    ? 
_diffrn_radiation.monochromator                    ? 
_diffrn_radiation.polarisn_norm                    ? 
_diffrn_radiation.polarisn_ratio                   ? 
_diffrn_radiation.probe                            ? 
_diffrn_radiation.type                             ? 
_diffrn_radiation.xray_symbol                      ? 
_diffrn_radiation.wavelength_id                    1 
_diffrn_radiation.pdbx_monochromatic_or_laue_m_l   M 
_diffrn_radiation.pdbx_wavelength_list             ? 
_diffrn_radiation.pdbx_wavelength                  ? 
_diffrn_radiation.pdbx_diffrn_protocol             'SINGLE WAVELENGTH' 
_diffrn_radiation.pdbx_analyzer                    ? 
_diffrn_radiation.pdbx_scattering_type             x-ray 
# 
_diffrn_radiation_wavelength.id           1 
_diffrn_radiation_wavelength.wavelength   1.0 
_diffrn_radiation_wavelength.wt           1.0 
# 
_diffrn_source.current                     ? 
_diffrn_source.details                     ? 
_diffrn_source.diffrn_id                   1 
_diffrn_source.power                       ? 
_diffrn_source.size                        ? 
_diffrn_source.source                      SYNCHROTRON 
_diffrn_source.target                      ? 
_diffrn_source.type                        'SLS BEAMLINE X06DA' 
_diffrn_source.voltage                     ? 
_diffrn_source.take-off_angle              ? 
_diffrn_source.pdbx_wavelength_list        1.0 
_diffrn_source.pdbx_wavelength             ? 
_diffrn_source.pdbx_synchrotron_beamline   X06DA 
_diffrn_source.pdbx_synchrotron_site       SLS 
# 
_reflns.B_iso_Wilson_estimate            20.6 
_reflns.entry_id                         6T6E 
_reflns.data_reduction_details           ? 
_reflns.data_reduction_method            ? 
_reflns.d_resolution_high                1.3 
_reflns.d_resolution_low                 42.844 
_reflns.details                          ? 
_reflns.limit_h_max                      ? 
_reflns.limit_h_min                      ? 
_reflns.limit_k_max                      ? 
_reflns.limit_k_min                      ? 
_reflns.limit_l_max                      ? 
_reflns.limit_l_min                      ? 
_reflns.number_all                       254580 
_reflns.number_obs                       13357 
_reflns.observed_criterion               ? 
_reflns.observed_criterion_F_max         ? 
_reflns.observed_criterion_F_min         ? 
_reflns.observed_criterion_I_max         ? 
_reflns.observed_criterion_I_min         ? 
_reflns.observed_criterion_sigma_F       ? 
_reflns.observed_criterion_sigma_I       ? 
_reflns.percent_possible_obs             99.08 
_reflns.R_free_details                   ? 
_reflns.Rmerge_F_all                     ? 
_reflns.Rmerge_F_obs                     ? 
_reflns.Friedel_coverage                 ? 
_reflns.number_gt                        ? 
_reflns.threshold_expression             ? 
_reflns.pdbx_redundancy                  18.6 
_reflns.pdbx_Rmerge_I_obs                0.0587 
_reflns.pdbx_Rmerge_I_all                ? 
_reflns.pdbx_Rsym_value                  ? 
_reflns.pdbx_netI_over_av_sigmaI         ? 
_reflns.pdbx_netI_over_sigmaI            254580 
_reflns.pdbx_res_netI_over_av_sigmaI_2   ? 
_reflns.pdbx_res_netI_over_sigmaI_2      ? 
_reflns.pdbx_chi_squared                 ? 
_reflns.pdbx_scaling_rejects             ? 
_reflns.pdbx_d_res_high_opt              ? 
_reflns.pdbx_d_res_low_opt               ? 
_reflns.pdbx_d_res_opt_method            ? 
_reflns.phase_calculation_details        ? 
_reflns.pdbx_Rrim_I_all                  ? 
_reflns.pdbx_Rpim_I_all                  ? 
_reflns.pdbx_d_opt                       ? 
_reflns.pdbx_number_measured_all         ? 
_reflns.pdbx_diffrn_id                   1 
_reflns.pdbx_ordinal                     1 
_reflns.pdbx_CC_half                     1 
_reflns.pdbx_CC_star                     ? 
_reflns.pdbx_R_split                     ? 
# 
_reflns_shell.d_res_high                  1.3 
_reflns_shell.d_res_low                   1.35 
_reflns_shell.meanI_over_sigI_all         ? 
_reflns_shell.meanI_over_sigI_obs         ? 
_reflns_shell.number_measured_all         ? 
_reflns_shell.number_measured_obs         17628 
_reflns_shell.number_possible             ? 
_reflns_shell.number_unique_all           ? 
_reflns_shell.number_unique_obs           1227 
_reflns_shell.percent_possible_all        ? 
_reflns_shell.percent_possible_obs        ? 
_reflns_shell.Rmerge_F_all                ? 
_reflns_shell.Rmerge_F_obs                ? 
_reflns_shell.Rmerge_I_all                ? 
_reflns_shell.Rmerge_I_obs                4.151 
_reflns_shell.meanI_over_sigI_gt          ? 
_reflns_shell.meanI_over_uI_all           ? 
_reflns_shell.meanI_over_uI_gt            ? 
_reflns_shell.number_measured_gt          ? 
_reflns_shell.number_unique_gt            ? 
_reflns_shell.percent_possible_gt         ? 
_reflns_shell.Rmerge_F_gt                 ? 
_reflns_shell.Rmerge_I_gt                 ? 
_reflns_shell.pdbx_redundancy             ? 
_reflns_shell.pdbx_Rsym_value             ? 
_reflns_shell.pdbx_chi_squared            ? 
_reflns_shell.pdbx_netI_over_sigmaI_all   ? 
_reflns_shell.pdbx_netI_over_sigmaI_obs   ? 
_reflns_shell.pdbx_Rrim_I_all             ? 
_reflns_shell.pdbx_Rpim_I_all             ? 
_reflns_shell.pdbx_rejects                ? 
_reflns_shell.pdbx_ordinal                1 
_reflns_shell.pdbx_diffrn_id              1 
_reflns_shell.pdbx_CC_half                0.249 
_reflns_shell.pdbx_CC_star                ? 
_reflns_shell.pdbx_R_split                ? 
# 
_refine.aniso_B[1][1]                            ? 
_refine.aniso_B[1][2]                            ? 
_refine.aniso_B[1][3]                            ? 
_refine.aniso_B[2][2]                            ? 
_refine.aniso_B[2][3]                            ? 
_refine.aniso_B[3][3]                            ? 
_refine.B_iso_max                                79.700 
_refine.B_iso_mean                               31.2801 
_refine.B_iso_min                                12.120 
_refine.correlation_coeff_Fo_to_Fc               ? 
_refine.correlation_coeff_Fo_to_Fc_free          ? 
_refine.details                                  ? 
_refine.diff_density_max                         ? 
_refine.diff_density_max_esd                     ? 
_refine.diff_density_min                         ? 
_refine.diff_density_min_esd                     ? 
_refine.diff_density_rms                         ? 
_refine.diff_density_rms_esd                     ? 
_refine.entry_id                                 6T6E 
_refine.pdbx_refine_id                           'X-RAY DIFFRACTION' 
_refine.ls_abs_structure_details                 ? 
_refine.ls_abs_structure_Flack                   ? 
_refine.ls_abs_structure_Flack_esd               ? 
_refine.ls_abs_structure_Rogers                  ? 
_refine.ls_abs_structure_Rogers_esd              ? 
_refine.ls_d_res_high                            1.3020 
_refine.ls_d_res_low                             42.8440 
_refine.ls_extinction_coef                       ? 
_refine.ls_extinction_coef_esd                   ? 
_refine.ls_extinction_expression                 ? 
_refine.ls_extinction_method                     ? 
_refine.ls_goodness_of_fit_all                   ? 
_refine.ls_goodness_of_fit_all_esd               ? 
_refine.ls_goodness_of_fit_obs                   ? 
_refine.ls_goodness_of_fit_obs_esd               ? 
_refine.ls_hydrogen_treatment                    ? 
_refine.ls_matrix_type                           ? 
_refine.ls_number_constraints                    ? 
_refine.ls_number_parameters                     ? 
_refine.ls_number_reflns_all                     ? 
_refine.ls_number_reflns_obs                     13357 
_refine.ls_number_reflns_R_free                  2648 
_refine.ls_number_reflns_R_work                  ? 
_refine.ls_number_restraints                     ? 
_refine.ls_percent_reflns_obs                    98.2000 
_refine.ls_percent_reflns_R_free                 10.1000 
_refine.ls_R_factor_all                          ? 
_refine.ls_R_factor_obs                          0.1803 
_refine.ls_R_factor_R_free                       0.2193 
_refine.ls_R_factor_R_free_error                 ? 
_refine.ls_R_factor_R_free_error_details         ? 
_refine.ls_R_factor_R_work                       0.1758 
_refine.ls_R_Fsqd_factor_obs                     ? 
_refine.ls_R_I_factor_obs                        ? 
_refine.ls_redundancy_reflns_all                 ? 
_refine.ls_redundancy_reflns_obs                 ? 
_refine.ls_restrained_S_all                      ? 
_refine.ls_restrained_S_obs                      ? 
_refine.ls_shift_over_esd_max                    ? 
_refine.ls_shift_over_esd_mean                   ? 
_refine.ls_structure_factor_coef                 ? 
_refine.ls_weighting_details                     ? 
_refine.ls_weighting_scheme                      ? 
_refine.ls_wR_factor_all                         ? 
_refine.ls_wR_factor_obs                         ? 
_refine.ls_wR_factor_R_free                      ? 
_refine.ls_wR_factor_R_work                      ? 
_refine.occupancy_max                            ? 
_refine.occupancy_min                            ? 
_refine.solvent_model_details                    ? 
_refine.solvent_model_param_bsol                 ? 
_refine.solvent_model_param_ksol                 ? 
_refine.pdbx_R_complete                          ? 
_refine.ls_R_factor_gt                           ? 
_refine.ls_goodness_of_fit_gt                    ? 
_refine.ls_goodness_of_fit_ref                   ? 
_refine.ls_shift_over_su_max                     ? 
_refine.ls_shift_over_su_max_lt                  ? 
_refine.ls_shift_over_su_mean                    ? 
_refine.ls_shift_over_su_mean_lt                 ? 
_refine.pdbx_ls_sigma_I                          ? 
_refine.pdbx_ls_sigma_F                          1.340 
_refine.pdbx_ls_sigma_Fsqd                       ? 
_refine.pdbx_data_cutoff_high_absF               ? 
_refine.pdbx_data_cutoff_high_rms_absF           ? 
_refine.pdbx_data_cutoff_low_absF                ? 
_refine.pdbx_isotropic_thermal_model             ? 
_refine.pdbx_ls_cross_valid_method               THROUGHOUT 
_refine.pdbx_method_to_determine_struct          'MOLECULAR REPLACEMENT' 
_refine.pdbx_starting_model                      '1QMC, 1IHV' 
_refine.pdbx_stereochemistry_target_values       ? 
_refine.pdbx_R_Free_selection_details            ? 
_refine.pdbx_stereochem_target_val_spec_case     ? 
_refine.pdbx_overall_ESU_R                       ? 
_refine.pdbx_overall_ESU_R_Free                  ? 
_refine.pdbx_solvent_vdw_probe_radii             1.1100 
_refine.pdbx_solvent_ion_probe_radii             ? 
_refine.pdbx_solvent_shrinkage_radii             0.9000 
_refine.pdbx_real_space_R                        ? 
_refine.pdbx_density_correlation                 ? 
_refine.pdbx_pd_number_of_powder_patterns        ? 
_refine.pdbx_pd_number_of_points                 ? 
_refine.pdbx_pd_meas_number_of_points            ? 
_refine.pdbx_pd_proc_ls_prof_R_factor            ? 
_refine.pdbx_pd_proc_ls_prof_wR_factor           ? 
_refine.pdbx_pd_Marquardt_correlation_coeff      ? 
_refine.pdbx_pd_Fsqrd_R_factor                   ? 
_refine.pdbx_pd_ls_matrix_band_width             ? 
_refine.pdbx_overall_phase_error                 27.6900 
_refine.pdbx_overall_SU_R_free_Cruickshank_DPI   ? 
_refine.pdbx_overall_SU_R_free_Blow_DPI          ? 
_refine.pdbx_overall_SU_R_Blow_DPI               ? 
_refine.pdbx_TLS_residual_ADP_flag               ? 
_refine.pdbx_diffrn_id                           1 
_refine.overall_SU_B                             ? 
_refine.overall_SU_ML                            0.2700 
_refine.overall_SU_R_Cruickshank_DPI             ? 
_refine.overall_SU_R_free                        ? 
_refine.overall_FOM_free_R_set                   ? 
_refine.overall_FOM_work_R_set                   ? 
_refine.pdbx_average_fsc_overall                 ? 
_refine.pdbx_average_fsc_work                    ? 
_refine.pdbx_average_fsc_free                    ? 
# 
_refine_hist.pdbx_refine_id                   'X-RAY DIFFRACTION' 
_refine_hist.cycle_id                         final 
_refine_hist.details                          ? 
_refine_hist.d_res_high                       1.3020 
_refine_hist.d_res_low                        42.8440 
_refine_hist.number_atoms_solvent             68 
_refine_hist.number_atoms_total               543 
_refine_hist.number_reflns_all                ? 
_refine_hist.number_reflns_obs                ? 
_refine_hist.number_reflns_R_free             ? 
_refine_hist.number_reflns_R_work             ? 
_refine_hist.R_factor_all                     ? 
_refine_hist.R_factor_obs                     ? 
_refine_hist.R_factor_R_free                  ? 
_refine_hist.R_factor_R_work                  ? 
_refine_hist.pdbx_number_residues_total       56 
_refine_hist.pdbx_B_iso_mean_ligand           19.63 
_refine_hist.pdbx_B_iso_mean_solvent          43.37 
_refine_hist.pdbx_number_atoms_protein        474 
_refine_hist.pdbx_number_atoms_nucleic_acid   0 
_refine_hist.pdbx_number_atoms_ligand         1 
_refine_hist.pdbx_number_atoms_lipid          ? 
_refine_hist.pdbx_number_atoms_carb           ? 
_refine_hist.pdbx_pseudo_atom_details         ? 
# 
loop_
_refine_ls_shell.pdbx_refine_id 
_refine_ls_shell.d_res_high 
_refine_ls_shell.d_res_low 
_refine_ls_shell.number_reflns_all 
_refine_ls_shell.number_reflns_obs 
_refine_ls_shell.number_reflns_R_free 
_refine_ls_shell.number_reflns_R_work 
_refine_ls_shell.percent_reflns_obs 
_refine_ls_shell.percent_reflns_R_free 
_refine_ls_shell.R_factor_all 
_refine_ls_shell.R_factor_obs 
_refine_ls_shell.R_factor_R_free 
_refine_ls_shell.R_factor_R_free_error 
_refine_ls_shell.R_factor_R_work 
_refine_ls_shell.redundancy_reflns_all 
_refine_ls_shell.redundancy_reflns_obs 
_refine_ls_shell.wR_factor_all 
_refine_ls_shell.wR_factor_obs 
_refine_ls_shell.wR_factor_R_free 
_refine_ls_shell.wR_factor_R_work 
_refine_ls_shell.pdbx_R_complete 
_refine_ls_shell.pdbx_total_number_of_bins_used 
_refine_ls_shell.pdbx_phase_error 
_refine_ls_shell.pdbx_fsc_work 
_refine_ls_shell.pdbx_fsc_free 
'X-RAY DIFFRACTION' 1.3020 1.3256  . . 95  831  67.0000  . . . 0.4373 0.0000 0.4603 . . . . . . . . . . . 
'X-RAY DIFFRACTION' 1.3256 1.3511  . . 144 1247 99.0000  . . . 0.4077 0.0000 0.4020 . . . . . . . . . . . 
'X-RAY DIFFRACTION' 1.3511 1.3786  . . 142 1268 100.0000 . . . 0.3890 0.0000 0.3613 . . . . . . . . . . . 
'X-RAY DIFFRACTION' 1.3786 1.4086  . . 142 1255 100.0000 . . . 0.3387 0.0000 0.3175 . . . . . . . . . . . 
'X-RAY DIFFRACTION' 1.4086 1.4414  . . 140 1285 100.0000 . . . 0.3146 0.0000 0.2543 . . . . . . . . . . . 
'X-RAY DIFFRACTION' 1.4414 1.4774  . . 144 1246 100.0000 . . . 0.2830 0.0000 0.2532 . . . . . . . . . . . 
'X-RAY DIFFRACTION' 1.4774 1.5174  . . 138 1252 100.0000 . . . 0.2873 0.0000 0.2243 . . . . . . . . . . . 
'X-RAY DIFFRACTION' 1.5174 1.5620  . . 152 1246 100.0000 . . . 0.2676 0.0000 0.2003 . . . . . . . . . . . 
'X-RAY DIFFRACTION' 1.5620 1.6125  . . 136 1290 100.0000 . . . 0.2061 0.0000 0.1714 . . . . . . . . . . . 
'X-RAY DIFFRACTION' 1.6125 1.6701  . . 141 1273 100.0000 . . . 0.1971 0.0000 0.1611 . . . . . . . . . . . 
'X-RAY DIFFRACTION' 1.6701 1.7370  . . 148 1219 100.0000 . . . 0.2669 0.0000 0.1519 . . . . . . . . . . . 
'X-RAY DIFFRACTION' 1.7370 1.8160  . . 138 1306 100.0000 . . . 0.2427 0.0000 0.1624 . . . . . . . . . . . 
'X-RAY DIFFRACTION' 1.8160 1.9118  . . 136 1264 100.0000 . . . 0.2273 0.0000 0.1453 . . . . . . . . . . . 
'X-RAY DIFFRACTION' 1.9118 2.0315  . . 141 1234 100.0000 . . . 0.2182 0.0000 0.1262 . . . . . . . . . . . 
'X-RAY DIFFRACTION' 2.0315 2.1884  . . 141 1296 100.0000 . . . 0.1779 0.0000 0.1292 . . . . . . . . . . . 
'X-RAY DIFFRACTION' 2.1884 2.4086  . . 144 1245 100.0000 . . . 0.1711 0.0000 0.1407 . . . . . . . . . . . 
'X-RAY DIFFRACTION' 2.4086 2.7571  . . 139 1283 100.0000 . . . 0.2459 0.0000 0.1658 . . . . . . . . . . . 
'X-RAY DIFFRACTION' 2.7571 3.4734  . . 144 1252 100.0000 . . . 0.2003 0.0000 0.1771 . . . . . . . . . . . 
'X-RAY DIFFRACTION' 3.4734 42.8440 . . 143 1268 100.0000 . . . 0.2084 0.0000 0.1848 . . . . . . . . . . . 
# 
_struct.entry_id                     6T6E 
_struct.title                        'Crystal Structure of the C-terminal domain of the HIV-1 Integrase (PNL4-3)' 
_struct.pdbx_model_details           ? 
_struct.pdbx_formula_weight          ? 
_struct.pdbx_formula_weight_method   ? 
_struct.pdbx_model_type_details      ? 
_struct.pdbx_CASP_flag               N 
# 
_struct_keywords.entry_id        6T6E 
_struct_keywords.text            'HIV, integrase, PNL4.3, VIRAL PROTEIN' 
_struct_keywords.pdbx_keywords   'VIRAL PROTEIN' 
# 
loop_
_struct_asym.id 
_struct_asym.pdbx_blank_PDB_chainid_flag 
_struct_asym.pdbx_modified 
_struct_asym.entity_id 
_struct_asym.details 
A N N 1 ? 
B N N 2 ? 
C N N 3 ? 
# 
_struct_ref.id                         1 
_struct_ref.db_name                    UNP 
_struct_ref.db_code                    A0A290WA76_9HIV1 
_struct_ref.pdbx_db_accession          A0A290WA76 
_struct_ref.pdbx_db_isoform            ? 
_struct_ref.entity_id                  1 
_struct_ref.pdbx_seq_one_letter_code   HIQNFRVYYRDSRDPIWKGPAKLLWKGEGAVVIQDNSDIKVVPRRKAKIIRD 
_struct_ref.pdbx_align_begin           220 
# 
_struct_ref_seq.align_id                      1 
_struct_ref_seq.ref_id                        1 
_struct_ref_seq.pdbx_PDB_id_code              6T6E 
_struct_ref_seq.pdbx_strand_id                A 
_struct_ref_seq.seq_align_beg                 8 
_struct_ref_seq.pdbx_seq_align_beg_ins_code   ? 
_struct_ref_seq.seq_align_end                 59 
_struct_ref_seq.pdbx_seq_align_end_ins_code   ? 
_struct_ref_seq.pdbx_db_accession             A0A290WA76 
_struct_ref_seq.db_align_beg                  220 
_struct_ref_seq.pdbx_db_align_beg_ins_code    ? 
_struct_ref_seq.db_align_end                  271 
_struct_ref_seq.pdbx_db_align_end_ins_code    ? 
_struct_ref_seq.pdbx_auth_seq_align_beg       219 
_struct_ref_seq.pdbx_auth_seq_align_end       270 
# 
loop_
_struct_ref_seq_dif.align_id 
_struct_ref_seq_dif.pdbx_pdb_id_code 
_struct_ref_seq_dif.mon_id 
_struct_ref_seq_dif.pdbx_pdb_strand_id 
_struct_ref_seq_dif.seq_num 
_struct_ref_seq_dif.pdbx_pdb_ins_code 
_struct_ref_seq_dif.pdbx_seq_db_name 
_struct_ref_seq_dif.pdbx_seq_db_accession_code 
_struct_ref_seq_dif.db_mon_id 
_struct_ref_seq_dif.pdbx_seq_db_seq_num 
_struct_ref_seq_dif.details 
_struct_ref_seq_dif.pdbx_auth_seq_num 
_struct_ref_seq_dif.pdbx_ordinal 
1 6T6E MET A 1  ? UNP A0A290WA76 ?   ?   'initiating methionine' 212 1 
1 6T6E GLY A 2  ? UNP A0A290WA76 ?   ?   'expression tag'        213 2 
1 6T6E HIS A 3  ? UNP A0A290WA76 ?   ?   'expression tag'        214 3 
1 6T6E HIS A 4  ? UNP A0A290WA76 ?   ?   'expression tag'        215 4 
1 6T6E HIS A 5  ? UNP A0A290WA76 ?   ?   'expression tag'        216 5 
1 6T6E HIS A 6  ? UNP A0A290WA76 ?   ?   'expression tag'        217 6 
1 6T6E HIS A 7  ? UNP A0A290WA76 ?   ?   'expression tag'        218 7 
1 6T6E VAL A 23 ? UNP A0A290WA76 ILE 235 conflict                234 8 
# 
_pdbx_struct_assembly.id                   1 
_pdbx_struct_assembly.details              author_and_software_defined_assembly 
_pdbx_struct_assembly.method_details       PISA 
_pdbx_struct_assembly.oligomeric_details   monomeric 
_pdbx_struct_assembly.oligomeric_count     1 
# 
loop_
_pdbx_struct_assembly_prop.biol_id 
_pdbx_struct_assembly_prop.type 
_pdbx_struct_assembly_prop.value 
_pdbx_struct_assembly_prop.details 
1 'ABSA (A^2)' 110  ? 
1 MORE         -7   ? 
1 'SSA (A^2)'  4240 ? 
# 
_pdbx_struct_assembly_gen.assembly_id       1 
_pdbx_struct_assembly_gen.oper_expression   1 
_pdbx_struct_assembly_gen.asym_id_list      A,B,C 
# 
_pdbx_struct_assembly_auth_evidence.id                     1 
_pdbx_struct_assembly_auth_evidence.assembly_id            1 
_pdbx_struct_assembly_auth_evidence.experimental_support   none 
_pdbx_struct_assembly_auth_evidence.details                ? 
# 
_pdbx_struct_oper_list.id                   1 
_pdbx_struct_oper_list.type                 'identity operation' 
_pdbx_struct_oper_list.name                 1_555 
_pdbx_struct_oper_list.symmetry_operation   x,y,z 
_pdbx_struct_oper_list.matrix[1][1]         1.0000000000 
_pdbx_struct_oper_list.matrix[1][2]         0.0000000000 
_pdbx_struct_oper_list.matrix[1][3]         0.0000000000 
_pdbx_struct_oper_list.vector[1]            0.0000000000 
_pdbx_struct_oper_list.matrix[2][1]         0.0000000000 
_pdbx_struct_oper_list.matrix[2][2]         1.0000000000 
_pdbx_struct_oper_list.matrix[2][3]         0.0000000000 
_pdbx_struct_oper_list.vector[2]            0.0000000000 
_pdbx_struct_oper_list.matrix[3][1]         0.0000000000 
_pdbx_struct_oper_list.matrix[3][2]         0.0000000000 
_pdbx_struct_oper_list.matrix[3][3]         1.0000000000 
_pdbx_struct_oper_list.vector[3]            0.0000000000 
# 
loop_
_struct_conn.id 
_struct_conn.conn_type_id 
_struct_conn.pdbx_leaving_atom_flag 
_struct_conn.pdbx_PDB_id 
_struct_conn.ptnr1_label_asym_id 
_struct_conn.ptnr1_label_comp_id 
_struct_conn.ptnr1_label_seq_id 
_struct_conn.ptnr1_label_atom_id 
_struct_conn.pdbx_ptnr1_label_alt_id 
_struct_conn.pdbx_ptnr1_PDB_ins_code 
_struct_conn.pdbx_ptnr1_standard_comp_id 
_struct_conn.ptnr1_symmetry 
_struct_conn.ptnr2_label_asym_id 
_struct_conn.ptnr2_label_comp_id 
_struct_conn.ptnr2_label_seq_id 
_struct_conn.ptnr2_label_atom_id 
_struct_conn.pdbx_ptnr2_label_alt_id 
_struct_conn.pdbx_ptnr2_PDB_ins_code 
_struct_conn.ptnr1_auth_asym_id 
_struct_conn.ptnr1_auth_comp_id 
_struct_conn.ptnr1_auth_seq_id 
_struct_conn.ptnr2_auth_asym_id 
_struct_conn.ptnr2_auth_comp_id 
_struct_conn.ptnr2_auth_seq_id 
_struct_conn.ptnr2_symmetry 
_struct_conn.pdbx_ptnr3_label_atom_id 
_struct_conn.pdbx_ptnr3_label_seq_id 
_struct_conn.pdbx_ptnr3_label_comp_id 
_struct_conn.pdbx_ptnr3_label_asym_id 
_struct_conn.pdbx_ptnr3_label_alt_id 
_struct_conn.pdbx_ptnr3_PDB_ins_code 
_struct_conn.details 
_struct_conn.pdbx_dist_value 
_struct_conn.pdbx_value_order 
_struct_conn.pdbx_role 
metalc1 metalc ? ? A HIS 4 NE2 ? ? ? 1_555 B NI . NI ? ? A HIS 215 A NI 301 1_555 ? ? ? ? ? ? ? 2.149 ? ? 
metalc2 metalc ? ? A HIS 4 NE2 ? ? ? 1_555 B NI . NI ? ? A HIS 215 A NI 301 3_695 ? ? ? ? ? ? ? 2.148 ? ? 
metalc3 metalc ? ? A HIS 6 NE2 ? ? ? 1_555 B NI . NI ? ? A HIS 217 A NI 301 1_555 ? ? ? ? ? ? ? 2.188 ? ? 
metalc4 metalc ? ? A HIS 6 NE2 ? ? ? 1_555 B NI . NI ? ? A HIS 217 A NI 301 3_695 ? ? ? ? ? ? ? 2.188 ? ? 
# 
_struct_conn_type.id          metalc 
_struct_conn_type.criteria    ? 
_struct_conn_type.reference   ? 
# 
loop_
_pdbx_struct_conn_angle.id 
_pdbx_struct_conn_angle.ptnr1_label_atom_id 
_pdbx_struct_conn_angle.ptnr1_label_alt_id 
_pdbx_struct_conn_angle.ptnr1_label_asym_id 
_pdbx_struct_conn_angle.ptnr1_label_comp_id 
_pdbx_struct_conn_angle.ptnr1_label_seq_id 
_pdbx_struct_conn_angle.ptnr1_auth_atom_id 
_pdbx_struct_conn_angle.ptnr1_auth_asym_id 
_pdbx_struct_conn_angle.ptnr1_auth_comp_id 
_pdbx_struct_conn_angle.ptnr1_auth_seq_id 
_pdbx_struct_conn_angle.ptnr1_PDB_ins_code 
_pdbx_struct_conn_angle.ptnr1_symmetry 
_pdbx_struct_conn_angle.ptnr2_label_atom_id 
_pdbx_struct_conn_angle.ptnr2_label_alt_id 
_pdbx_struct_conn_angle.ptnr2_label_asym_id 
_pdbx_struct_conn_angle.ptnr2_label_comp_id 
_pdbx_struct_conn_angle.ptnr2_label_seq_id 
_pdbx_struct_conn_angle.ptnr2_auth_atom_id 
_pdbx_struct_conn_angle.ptnr2_auth_asym_id 
_pdbx_struct_conn_angle.ptnr2_auth_comp_id 
_pdbx_struct_conn_angle.ptnr2_auth_seq_id 
_pdbx_struct_conn_angle.ptnr2_PDB_ins_code 
_pdbx_struct_conn_angle.ptnr2_symmetry 
_pdbx_struct_conn_angle.ptnr3_label_atom_id 
_pdbx_struct_conn_angle.ptnr3_label_alt_id 
_pdbx_struct_conn_angle.ptnr3_label_asym_id 
_pdbx_struct_conn_angle.ptnr3_label_comp_id 
_pdbx_struct_conn_angle.ptnr3_label_seq_id 
_pdbx_struct_conn_angle.ptnr3_auth_atom_id 
_pdbx_struct_conn_angle.ptnr3_auth_asym_id 
_pdbx_struct_conn_angle.ptnr3_auth_comp_id 
_pdbx_struct_conn_angle.ptnr3_auth_seq_id 
_pdbx_struct_conn_angle.ptnr3_PDB_ins_code 
_pdbx_struct_conn_angle.ptnr3_symmetry 
_pdbx_struct_conn_angle.value 
_pdbx_struct_conn_angle.value_esd 
1 NE2 ? A HIS 4 ? A HIS 215 ? 1_555 NI ? B NI . ? A NI 301 ? 1_555 NE2 ? A HIS 4 ? A HIS 215 ? 1_555 0.0  ? 
2 NE2 ? A HIS 4 ? A HIS 215 ? 1_555 NI ? B NI . ? A NI 301 ? 1_555 NE2 ? A HIS 6 ? A HIS 217 ? 1_555 91.9 ? 
3 NE2 ? A HIS 4 ? A HIS 215 ? 1_555 NI ? B NI . ? A NI 301 ? 1_555 NE2 ? A HIS 6 ? A HIS 217 ? 1_555 91.9 ? 
4 NE2 ? A HIS 4 ? A HIS 215 ? 1_555 NI ? B NI . ? A NI 301 ? 1_555 NE2 ? A HIS 6 ? A HIS 217 ? 1_555 91.9 ? 
5 NE2 ? A HIS 4 ? A HIS 215 ? 1_555 NI ? B NI . ? A NI 301 ? 1_555 NE2 ? A HIS 6 ? A HIS 217 ? 1_555 91.9 ? 
6 NE2 ? A HIS 6 ? A HIS 217 ? 1_555 NI ? B NI . ? A NI 301 ? 1_555 NE2 ? A HIS 6 ? A HIS 217 ? 1_555 0.0  ? 
# 
_struct_mon_prot_cis.pdbx_id                1 
_struct_mon_prot_cis.label_comp_id          GLY 
_struct_mon_prot_cis.label_seq_id           26 
_struct_mon_prot_cis.label_asym_id          A 
_struct_mon_prot_cis.label_alt_id           . 
_struct_mon_prot_cis.pdbx_PDB_ins_code      ? 
_struct_mon_prot_cis.auth_comp_id           GLY 
_struct_mon_prot_cis.auth_seq_id            237 
_struct_mon_prot_cis.auth_asym_id           A 
_struct_mon_prot_cis.pdbx_label_comp_id_2   PRO 
_struct_mon_prot_cis.pdbx_label_seq_id_2    27 
_struct_mon_prot_cis.pdbx_label_asym_id_2   A 
_struct_mon_prot_cis.pdbx_PDB_ins_code_2    ? 
_struct_mon_prot_cis.pdbx_auth_comp_id_2    PRO 
_struct_mon_prot_cis.pdbx_auth_seq_id_2     238 
_struct_mon_prot_cis.pdbx_auth_asym_id_2    A 
_struct_mon_prot_cis.pdbx_PDB_model_num     1 
_struct_mon_prot_cis.pdbx_omega_angle       6.53 
# 
_struct_sheet.id               AA1 
_struct_sheet.type             ? 
_struct_sheet.number_strands   5 
_struct_sheet.details          ? 
# 
loop_
_struct_sheet_order.sheet_id 
_struct_sheet_order.range_id_1 
_struct_sheet_order.range_id_2 
_struct_sheet_order.offset 
_struct_sheet_order.sense 
AA1 1 2 ? anti-parallel 
AA1 2 3 ? anti-parallel 
AA1 3 4 ? anti-parallel 
AA1 4 5 ? anti-parallel 
# 
loop_
_struct_sheet_range.sheet_id 
_struct_sheet_range.id 
_struct_sheet_range.beg_label_comp_id 
_struct_sheet_range.beg_label_asym_id 
_struct_sheet_range.beg_label_seq_id 
_struct_sheet_range.pdbx_beg_PDB_ins_code 
_struct_sheet_range.end_label_comp_id 
_struct_sheet_range.end_label_asym_id 
_struct_sheet_range.end_label_seq_id 
_struct_sheet_range.pdbx_end_PDB_ins_code 
_struct_sheet_range.beg_auth_comp_id 
_struct_sheet_range.beg_auth_asym_id 
_struct_sheet_range.beg_auth_seq_id 
_struct_sheet_range.end_auth_comp_id 
_struct_sheet_range.end_auth_asym_id 
_struct_sheet_range.end_auth_seq_id 
AA1 1 ASP A 45 ? PRO A 50 ? ASP A 256 PRO A 261 
AA1 2 ALA A 37 ? ASP A 42 ? ALA A 248 ASP A 253 
AA1 3 LYS A 25 ? LYS A 33 ? LYS A 236 LYS A 244 
AA1 4 PHE A 12 ? TYR A 16 ? PHE A 223 TYR A 227 
AA1 5 ALA A 54 ? ARG A 58 ? ALA A 265 ARG A 269 
# 
loop_
_pdbx_struct_sheet_hbond.sheet_id 
_pdbx_struct_sheet_hbond.range_id_1 
_pdbx_struct_sheet_hbond.range_id_2 
_pdbx_struct_sheet_hbond.range_1_label_atom_id 
_pdbx_struct_sheet_hbond.range_1_label_comp_id 
_pdbx_struct_sheet_hbond.range_1_label_asym_id 
_pdbx_struct_sheet_hbond.range_1_label_seq_id 
_pdbx_struct_sheet_hbond.range_1_PDB_ins_code 
_pdbx_struct_sheet_hbond.range_1_auth_atom_id 
_pdbx_struct_sheet_hbond.range_1_auth_comp_id 
_pdbx_struct_sheet_hbond.range_1_auth_asym_id 
_pdbx_struct_sheet_hbond.range_1_auth_seq_id 
_pdbx_struct_sheet_hbond.range_2_label_atom_id 
_pdbx_struct_sheet_hbond.range_2_label_comp_id 
_pdbx_struct_sheet_hbond.range_2_label_asym_id 
_pdbx_struct_sheet_hbond.range_2_label_seq_id 
_pdbx_struct_sheet_hbond.range_2_PDB_ins_code 
_pdbx_struct_sheet_hbond.range_2_auth_atom_id 
_pdbx_struct_sheet_hbond.range_2_auth_comp_id 
_pdbx_struct_sheet_hbond.range_2_auth_asym_id 
_pdbx_struct_sheet_hbond.range_2_auth_seq_id 
AA1 1 2 O ASP A 45 ? O ASP A 256 N ASP A 42 ? N ASP A 253 
AA1 2 3 O VAL A 39 ? O VAL A 250 N LEU A 31 ? N LEU A 242 
AA1 3 4 O LYS A 25 ? O LYS A 236 N TYR A 16 ? N TYR A 227 
AA1 4 5 N TYR A 15 ? N TYR A 226 O LYS A 55 ? O LYS A 266 
# 
_struct_site.id                   AC1 
_struct_site.pdbx_evidence_code   Software 
_struct_site.pdbx_auth_asym_id    A 
_struct_site.pdbx_auth_comp_id    NI 
_struct_site.pdbx_auth_seq_id     301 
_struct_site.pdbx_auth_ins_code   ? 
_struct_site.pdbx_num_residues    2 
_struct_site.details              'binding site for residue NI A 301' 
# 
loop_
_struct_site_gen.id 
_struct_site_gen.site_id 
_struct_site_gen.pdbx_num_res 
_struct_site_gen.label_comp_id 
_struct_site_gen.label_asym_id 
_struct_site_gen.label_seq_id 
_struct_site_gen.pdbx_auth_ins_code 
_struct_site_gen.auth_comp_id 
_struct_site_gen.auth_asym_id 
_struct_site_gen.auth_seq_id 
_struct_site_gen.label_atom_id 
_struct_site_gen.label_alt_id 
_struct_site_gen.symmetry 
_struct_site_gen.details 
1 AC1 2 HIS A 4 ? HIS A 215 . ? 1_555 ? 
2 AC1 2 HIS A 6 ? HIS A 217 . ? 1_555 ? 
# 
_pdbx_validate_torsion.id              1 
_pdbx_validate_torsion.PDB_model_num   1 
_pdbx_validate_torsion.auth_comp_id    ASN 
_pdbx_validate_torsion.auth_asym_id    A 
_pdbx_validate_torsion.auth_seq_id     254 
_pdbx_validate_torsion.PDB_ins_code    ? 
_pdbx_validate_torsion.label_alt_id    ? 
_pdbx_validate_torsion.phi             56.62 
_pdbx_validate_torsion.psi             -119.57 
# 
loop_
_pdbx_struct_special_symmetry.id 
_pdbx_struct_special_symmetry.PDB_model_num 
_pdbx_struct_special_symmetry.auth_asym_id 
_pdbx_struct_special_symmetry.auth_comp_id 
_pdbx_struct_special_symmetry.auth_seq_id 
_pdbx_struct_special_symmetry.PDB_ins_code 
_pdbx_struct_special_symmetry.label_asym_id 
_pdbx_struct_special_symmetry.label_comp_id 
_pdbx_struct_special_symmetry.label_seq_id 
1 1 A NI  301 ? B NI  . 
2 1 A HOH 446 ? C HOH . 
3 1 A HOH 458 ? C HOH . 
4 1 A HOH 466 ? C HOH . 
# 
_phasing.method   MR 
# 
_pdbx_entry_details.entry_id                 6T6E 
_pdbx_entry_details.has_ligand_of_interest   N 
_pdbx_entry_details.compound_details         ? 
_pdbx_entry_details.source_details           ? 
_pdbx_entry_details.nonpolymer_details       ? 
_pdbx_entry_details.sequence_details         ? 
# 
loop_
_pdbx_distant_solvent_atoms.id 
_pdbx_distant_solvent_atoms.PDB_model_num 
_pdbx_distant_solvent_atoms.auth_atom_id 
_pdbx_distant_solvent_atoms.label_alt_id 
_pdbx_distant_solvent_atoms.auth_asym_id 
_pdbx_distant_solvent_atoms.auth_comp_id 
_pdbx_distant_solvent_atoms.auth_seq_id 
_pdbx_distant_solvent_atoms.PDB_ins_code 
_pdbx_distant_solvent_atoms.neighbor_macromolecule_distance 
_pdbx_distant_solvent_atoms.neighbor_ligand_distance 
1 1 O ? A HOH 467 ? 6.12 . 
2 1 O ? A HOH 468 ? 6.69 . 
# 
loop_
_pdbx_unobs_or_zero_occ_residues.id 
_pdbx_unobs_or_zero_occ_residues.PDB_model_num 
_pdbx_unobs_or_zero_occ_residues.polymer_flag 
_pdbx_unobs_or_zero_occ_residues.occupancy_flag 
_pdbx_unobs_or_zero_occ_residues.auth_asym_id 
_pdbx_unobs_or_zero_occ_residues.auth_comp_id 
_pdbx_unobs_or_zero_occ_residues.auth_seq_id 
_pdbx_unobs_or_zero_occ_residues.PDB_ins_code 
_pdbx_unobs_or_zero_occ_residues.label_asym_id 
_pdbx_unobs_or_zero_occ_residues.label_comp_id 
_pdbx_unobs_or_zero_occ_residues.label_seq_id 
1 1 Y 1 A MET 212 ? A MET 1 
2 1 Y 1 A GLY 213 ? A GLY 2 
3 1 Y 1 A HIS 214 ? A HIS 3 
# 
loop_
_chem_comp_atom.comp_id 
_chem_comp_atom.atom_id 
_chem_comp_atom.type_symbol 
_chem_comp_atom.pdbx_aromatic_flag 
_chem_comp_atom.pdbx_stereo_config 
_chem_comp_atom.pdbx_ordinal 
ALA N    N  N N 1   
ALA CA   C  N S 2   
ALA C    C  N N 3   
ALA O    O  N N 4   
ALA CB   C  N N 5   
ALA OXT  O  N N 6   
ALA H    H  N N 7   
ALA H2   H  N N 8   
ALA HA   H  N N 9   
ALA HB1  H  N N 10  
ALA HB2  H  N N 11  
ALA HB3  H  N N 12  
ALA HXT  H  N N 13  
ARG N    N  N N 14  
ARG CA   C  N S 15  
ARG C    C  N N 16  
ARG O    O  N N 17  
ARG CB   C  N N 18  
ARG CG   C  N N 19  
ARG CD   C  N N 20  
ARG NE   N  N N 21  
ARG CZ   C  N N 22  
ARG NH1  N  N N 23  
ARG NH2  N  N N 24  
ARG OXT  O  N N 25  
ARG H    H  N N 26  
ARG H2   H  N N 27  
ARG HA   H  N N 28  
ARG HB2  H  N N 29  
ARG HB3  H  N N 30  
ARG HG2  H  N N 31  
ARG HG3  H  N N 32  
ARG HD2  H  N N 33  
ARG HD3  H  N N 34  
ARG HE   H  N N 35  
ARG HH11 H  N N 36  
ARG HH12 H  N N 37  
ARG HH21 H  N N 38  
ARG HH22 H  N N 39  
ARG HXT  H  N N 40  
ASN N    N  N N 41  
ASN CA   C  N S 42  
ASN C    C  N N 43  
ASN O    O  N N 44  
ASN CB   C  N N 45  
ASN CG   C  N N 46  
ASN OD1  O  N N 47  
ASN ND2  N  N N 48  
ASN OXT  O  N N 49  
ASN H    H  N N 50  
ASN H2   H  N N 51  
ASN HA   H  N N 52  
ASN HB2  H  N N 53  
ASN HB3  H  N N 54  
ASN HD21 H  N N 55  
ASN HD22 H  N N 56  
ASN HXT  H  N N 57  
ASP N    N  N N 58  
ASP CA   C  N S 59  
ASP C    C  N N 60  
ASP O    O  N N 61  
ASP CB   C  N N 62  
ASP CG   C  N N 63  
ASP OD1  O  N N 64  
ASP OD2  O  N N 65  
ASP OXT  O  N N 66  
ASP H    H  N N 67  
ASP H2   H  N N 68  
ASP HA   H  N N 69  
ASP HB2  H  N N 70  
ASP HB3  H  N N 71  
ASP HD2  H  N N 72  
ASP HXT  H  N N 73  
GLN N    N  N N 74  
GLN CA   C  N S 75  
GLN C    C  N N 76  
GLN O    O  N N 77  
GLN CB   C  N N 78  
GLN CG   C  N N 79  
GLN CD   C  N N 80  
GLN OE1  O  N N 81  
GLN NE2  N  N N 82  
GLN OXT  O  N N 83  
GLN H    H  N N 84  
GLN H2   H  N N 85  
GLN HA   H  N N 86  
GLN HB2  H  N N 87  
GLN HB3  H  N N 88  
GLN HG2  H  N N 89  
GLN HG3  H  N N 90  
GLN HE21 H  N N 91  
GLN HE22 H  N N 92  
GLN HXT  H  N N 93  
GLU N    N  N N 94  
GLU CA   C  N S 95  
GLU C    C  N N 96  
GLU O    O  N N 97  
GLU CB   C  N N 98  
GLU CG   C  N N 99  
GLU CD   C  N N 100 
GLU OE1  O  N N 101 
GLU OE2  O  N N 102 
GLU OXT  O  N N 103 
GLU H    H  N N 104 
GLU H2   H  N N 105 
GLU HA   H  N N 106 
GLU HB2  H  N N 107 
GLU HB3  H  N N 108 
GLU HG2  H  N N 109 
GLU HG3  H  N N 110 
GLU HE2  H  N N 111 
GLU HXT  H  N N 112 
GLY N    N  N N 113 
GLY CA   C  N N 114 
GLY C    C  N N 115 
GLY O    O  N N 116 
GLY OXT  O  N N 117 
GLY H    H  N N 118 
GLY H2   H  N N 119 
GLY HA2  H  N N 120 
GLY HA3  H  N N 121 
GLY HXT  H  N N 122 
HIS N    N  N N 123 
HIS CA   C  N S 124 
HIS C    C  N N 125 
HIS O    O  N N 126 
HIS CB   C  N N 127 
HIS CG   C  Y N 128 
HIS ND1  N  Y N 129 
HIS CD2  C  Y N 130 
HIS CE1  C  Y N 131 
HIS NE2  N  Y N 132 
HIS OXT  O  N N 133 
HIS H    H  N N 134 
HIS H2   H  N N 135 
HIS HA   H  N N 136 
HIS HB2  H  N N 137 
HIS HB3  H  N N 138 
HIS HD1  H  N N 139 
HIS HD2  H  N N 140 
HIS HE1  H  N N 141 
HIS HE2  H  N N 142 
HIS HXT  H  N N 143 
HOH O    O  N N 144 
HOH H1   H  N N 145 
HOH H2   H  N N 146 
ILE N    N  N N 147 
ILE CA   C  N S 148 
ILE C    C  N N 149 
ILE O    O  N N 150 
ILE CB   C  N S 151 
ILE CG1  C  N N 152 
ILE CG2  C  N N 153 
ILE CD1  C  N N 154 
ILE OXT  O  N N 155 
ILE H    H  N N 156 
ILE H2   H  N N 157 
ILE HA   H  N N 158 
ILE HB   H  N N 159 
ILE HG12 H  N N 160 
ILE HG13 H  N N 161 
ILE HG21 H  N N 162 
ILE HG22 H  N N 163 
ILE HG23 H  N N 164 
ILE HD11 H  N N 165 
ILE HD12 H  N N 166 
ILE HD13 H  N N 167 
ILE HXT  H  N N 168 
LEU N    N  N N 169 
LEU CA   C  N S 170 
LEU C    C  N N 171 
LEU O    O  N N 172 
LEU CB   C  N N 173 
LEU CG   C  N N 174 
LEU CD1  C  N N 175 
LEU CD2  C  N N 176 
LEU OXT  O  N N 177 
LEU H    H  N N 178 
LEU H2   H  N N 179 
LEU HA   H  N N 180 
LEU HB2  H  N N 181 
LEU HB3  H  N N 182 
LEU HG   H  N N 183 
LEU HD11 H  N N 184 
LEU HD12 H  N N 185 
LEU HD13 H  N N 186 
LEU HD21 H  N N 187 
LEU HD22 H  N N 188 
LEU HD23 H  N N 189 
LEU HXT  H  N N 190 
LYS N    N  N N 191 
LYS CA   C  N S 192 
LYS C    C  N N 193 
LYS O    O  N N 194 
LYS CB   C  N N 195 
LYS CG   C  N N 196 
LYS CD   C  N N 197 
LYS CE   C  N N 198 
LYS NZ   N  N N 199 
LYS OXT  O  N N 200 
LYS H    H  N N 201 
LYS H2   H  N N 202 
LYS HA   H  N N 203 
LYS HB2  H  N N 204 
LYS HB3  H  N N 205 
LYS HG2  H  N N 206 
LYS HG3  H  N N 207 
LYS HD2  H  N N 208 
LYS HD3  H  N N 209 
LYS HE2  H  N N 210 
LYS HE3  H  N N 211 
LYS HZ1  H  N N 212 
LYS HZ2  H  N N 213 
LYS HZ3  H  N N 214 
LYS HXT  H  N N 215 
MET N    N  N N 216 
MET CA   C  N S 217 
MET C    C  N N 218 
MET O    O  N N 219 
MET CB   C  N N 220 
MET CG   C  N N 221 
MET SD   S  N N 222 
MET CE   C  N N 223 
MET OXT  O  N N 224 
MET H    H  N N 225 
MET H2   H  N N 226 
MET HA   H  N N 227 
MET HB2  H  N N 228 
MET HB3  H  N N 229 
MET HG2  H  N N 230 
MET HG3  H  N N 231 
MET HE1  H  N N 232 
MET HE2  H  N N 233 
MET HE3  H  N N 234 
MET HXT  H  N N 235 
NI  NI   NI N N 236 
PHE N    N  N N 237 
PHE CA   C  N S 238 
PHE C    C  N N 239 
PHE O    O  N N 240 
PHE CB   C  N N 241 
PHE CG   C  Y N 242 
PHE CD1  C  Y N 243 
PHE CD2  C  Y N 244 
PHE CE1  C  Y N 245 
PHE CE2  C  Y N 246 
PHE CZ   C  Y N 247 
PHE OXT  O  N N 248 
PHE H    H  N N 249 
PHE H2   H  N N 250 
PHE HA   H  N N 251 
PHE HB2  H  N N 252 
PHE HB3  H  N N 253 
PHE HD1  H  N N 254 
PHE HD2  H  N N 255 
PHE HE1  H  N N 256 
PHE HE2  H  N N 257 
PHE HZ   H  N N 258 
PHE HXT  H  N N 259 
PRO N    N  N N 260 
PRO CA   C  N S 261 
PRO C    C  N N 262 
PRO O    O  N N 263 
PRO CB   C  N N 264 
PRO CG   C  N N 265 
PRO CD   C  N N 266 
PRO OXT  O  N N 267 
PRO H    H  N N 268 
PRO HA   H  N N 269 
PRO HB2  H  N N 270 
PRO HB3  H  N N 271 
PRO HG2  H  N N 272 
PRO HG3  H  N N 273 
PRO HD2  H  N N 274 
PRO HD3  H  N N 275 
PRO HXT  H  N N 276 
SER N    N  N N 277 
SER CA   C  N S 278 
SER C    C  N N 279 
SER O    O  N N 280 
SER CB   C  N N 281 
SER OG   O  N N 282 
SER OXT  O  N N 283 
SER H    H  N N 284 
SER H2   H  N N 285 
SER HA   H  N N 286 
SER HB2  H  N N 287 
SER HB3  H  N N 288 
SER HG   H  N N 289 
SER HXT  H  N N 290 
TRP N    N  N N 291 
TRP CA   C  N S 292 
TRP C    C  N N 293 
TRP O    O  N N 294 
TRP CB   C  N N 295 
TRP CG   C  Y N 296 
TRP CD1  C  Y N 297 
TRP CD2  C  Y N 298 
TRP NE1  N  Y N 299 
TRP CE2  C  Y N 300 
TRP CE3  C  Y N 301 
TRP CZ2  C  Y N 302 
TRP CZ3  C  Y N 303 
TRP CH2  C  Y N 304 
TRP OXT  O  N N 305 
TRP H    H  N N 306 
TRP H2   H  N N 307 
TRP HA   H  N N 308 
TRP HB2  H  N N 309 
TRP HB3  H  N N 310 
TRP HD1  H  N N 311 
TRP HE1  H  N N 312 
TRP HE3  H  N N 313 
TRP HZ2  H  N N 314 
TRP HZ3  H  N N 315 
TRP HH2  H  N N 316 
TRP HXT  H  N N 317 
TYR N    N  N N 318 
TYR CA   C  N S 319 
TYR C    C  N N 320 
TYR O    O  N N 321 
TYR CB   C  N N 322 
TYR CG   C  Y N 323 
TYR CD1  C  Y N 324 
TYR CD2  C  Y N 325 
TYR CE1  C  Y N 326 
TYR CE2  C  Y N 327 
TYR CZ   C  Y N 328 
TYR OH   O  N N 329 
TYR OXT  O  N N 330 
TYR H    H  N N 331 
TYR H2   H  N N 332 
TYR HA   H  N N 333 
TYR HB2  H  N N 334 
TYR HB3  H  N N 335 
TYR HD1  H  N N 336 
TYR HD2  H  N N 337 
TYR HE1  H  N N 338 
TYR HE2  H  N N 339 
TYR HH   H  N N 340 
TYR HXT  H  N N 341 
VAL N    N  N N 342 
VAL CA   C  N S 343 
VAL C    C  N N 344 
VAL O    O  N N 345 
VAL CB   C  N N 346 
VAL CG1  C  N N 347 
VAL CG2  C  N N 348 
VAL OXT  O  N N 349 
VAL H    H  N N 350 
VAL H2   H  N N 351 
VAL HA   H  N N 352 
VAL HB   H  N N 353 
VAL HG11 H  N N 354 
VAL HG12 H  N N 355 
VAL HG13 H  N N 356 
VAL HG21 H  N N 357 
VAL HG22 H  N N 358 
VAL HG23 H  N N 359 
VAL HXT  H  N N 360 
# 
loop_
_chem_comp_bond.comp_id 
_chem_comp_bond.atom_id_1 
_chem_comp_bond.atom_id_2 
_chem_comp_bond.value_order 
_chem_comp_bond.pdbx_aromatic_flag 
_chem_comp_bond.pdbx_stereo_config 
_chem_comp_bond.pdbx_ordinal 
ALA N   CA   sing N N 1   
ALA N   H    sing N N 2   
ALA N   H2   sing N N 3   
ALA CA  C    sing N N 4   
ALA CA  CB   sing N N 5   
ALA CA  HA   sing N N 6   
ALA C   O    doub N N 7   
ALA C   OXT  sing N N 8   
ALA CB  HB1  sing N N 9   
ALA CB  HB2  sing N N 10  
ALA CB  HB3  sing N N 11  
ALA OXT HXT  sing N N 12  
ARG N   CA   sing N N 13  
ARG N   H    sing N N 14  
ARG N   H2   sing N N 15  
ARG CA  C    sing N N 16  
ARG CA  CB   sing N N 17  
ARG CA  HA   sing N N 18  
ARG C   O    doub N N 19  
ARG C   OXT  sing N N 20  
ARG CB  CG   sing N N 21  
ARG CB  HB2  sing N N 22  
ARG CB  HB3  sing N N 23  
ARG CG  CD   sing N N 24  
ARG CG  HG2  sing N N 25  
ARG CG  HG3  sing N N 26  
ARG CD  NE   sing N N 27  
ARG CD  HD2  sing N N 28  
ARG CD  HD3  sing N N 29  
ARG NE  CZ   sing N N 30  
ARG NE  HE   sing N N 31  
ARG CZ  NH1  sing N N 32  
ARG CZ  NH2  doub N N 33  
ARG NH1 HH11 sing N N 34  
ARG NH1 HH12 sing N N 35  
ARG NH2 HH21 sing N N 36  
ARG NH2 HH22 sing N N 37  
ARG OXT HXT  sing N N 38  
ASN N   CA   sing N N 39  
ASN N   H    sing N N 40  
ASN N   H2   sing N N 41  
ASN CA  C    sing N N 42  
ASN CA  CB   sing N N 43  
ASN CA  HA   sing N N 44  
ASN C   O    doub N N 45  
ASN C   OXT  sing N N 46  
ASN CB  CG   sing N N 47  
ASN CB  HB2  sing N N 48  
ASN CB  HB3  sing N N 49  
ASN CG  OD1  doub N N 50  
ASN CG  ND2  sing N N 51  
ASN ND2 HD21 sing N N 52  
ASN ND2 HD22 sing N N 53  
ASN OXT HXT  sing N N 54  
ASP N   CA   sing N N 55  
ASP N   H    sing N N 56  
ASP N   H2   sing N N 57  
ASP CA  C    sing N N 58  
ASP CA  CB   sing N N 59  
ASP CA  HA   sing N N 60  
ASP C   O    doub N N 61  
ASP C   OXT  sing N N 62  
ASP CB  CG   sing N N 63  
ASP CB  HB2  sing N N 64  
ASP CB  HB3  sing N N 65  
ASP CG  OD1  doub N N 66  
ASP CG  OD2  sing N N 67  
ASP OD2 HD2  sing N N 68  
ASP OXT HXT  sing N N 69  
GLN N   CA   sing N N 70  
GLN N   H    sing N N 71  
GLN N   H2   sing N N 72  
GLN CA  C    sing N N 73  
GLN CA  CB   sing N N 74  
GLN CA  HA   sing N N 75  
GLN C   O    doub N N 76  
GLN C   OXT  sing N N 77  
GLN CB  CG   sing N N 78  
GLN CB  HB2  sing N N 79  
GLN CB  HB3  sing N N 80  
GLN CG  CD   sing N N 81  
GLN CG  HG2  sing N N 82  
GLN CG  HG3  sing N N 83  
GLN CD  OE1  doub N N 84  
GLN CD  NE2  sing N N 85  
GLN NE2 HE21 sing N N 86  
GLN NE2 HE22 sing N N 87  
GLN OXT HXT  sing N N 88  
GLU N   CA   sing N N 89  
GLU N   H    sing N N 90  
GLU N   H2   sing N N 91  
GLU CA  C    sing N N 92  
GLU CA  CB   sing N N 93  
GLU CA  HA   sing N N 94  
GLU C   O    doub N N 95  
GLU C   OXT  sing N N 96  
GLU CB  CG   sing N N 97  
GLU CB  HB2  sing N N 98  
GLU CB  HB3  sing N N 99  
GLU CG  CD   sing N N 100 
GLU CG  HG2  sing N N 101 
GLU CG  HG3  sing N N 102 
GLU CD  OE1  doub N N 103 
GLU CD  OE2  sing N N 104 
GLU OE2 HE2  sing N N 105 
GLU OXT HXT  sing N N 106 
GLY N   CA   sing N N 107 
GLY N   H    sing N N 108 
GLY N   H2   sing N N 109 
GLY CA  C    sing N N 110 
GLY CA  HA2  sing N N 111 
GLY CA  HA3  sing N N 112 
GLY C   O    doub N N 113 
GLY C   OXT  sing N N 114 
GLY OXT HXT  sing N N 115 
HIS N   CA   sing N N 116 
HIS N   H    sing N N 117 
HIS N   H2   sing N N 118 
HIS CA  C    sing N N 119 
HIS CA  CB   sing N N 120 
HIS CA  HA   sing N N 121 
HIS C   O    doub N N 122 
HIS C   OXT  sing N N 123 
HIS CB  CG   sing N N 124 
HIS CB  HB2  sing N N 125 
HIS CB  HB3  sing N N 126 
HIS CG  ND1  sing Y N 127 
HIS CG  CD2  doub Y N 128 
HIS ND1 CE1  doub Y N 129 
HIS ND1 HD1  sing N N 130 
HIS CD2 NE2  sing Y N 131 
HIS CD2 HD2  sing N N 132 
HIS CE1 NE2  sing Y N 133 
HIS CE1 HE1  sing N N 134 
HIS NE2 HE2  sing N N 135 
HIS OXT HXT  sing N N 136 
HOH O   H1   sing N N 137 
HOH O   H2   sing N N 138 
ILE N   CA   sing N N 139 
ILE N   H    sing N N 140 
ILE N   H2   sing N N 141 
ILE CA  C    sing N N 142 
ILE CA  CB   sing N N 143 
ILE CA  HA   sing N N 144 
ILE C   O    doub N N 145 
ILE C   OXT  sing N N 146 
ILE CB  CG1  sing N N 147 
ILE CB  CG2  sing N N 148 
ILE CB  HB   sing N N 149 
ILE CG1 CD1  sing N N 150 
ILE CG1 HG12 sing N N 151 
ILE CG1 HG13 sing N N 152 
ILE CG2 HG21 sing N N 153 
ILE CG2 HG22 sing N N 154 
ILE CG2 HG23 sing N N 155 
ILE CD1 HD11 sing N N 156 
ILE CD1 HD12 sing N N 157 
ILE CD1 HD13 sing N N 158 
ILE OXT HXT  sing N N 159 
LEU N   CA   sing N N 160 
LEU N   H    sing N N 161 
LEU N   H2   sing N N 162 
LEU CA  C    sing N N 163 
LEU CA  CB   sing N N 164 
LEU CA  HA   sing N N 165 
LEU C   O    doub N N 166 
LEU C   OXT  sing N N 167 
LEU CB  CG   sing N N 168 
LEU CB  HB2  sing N N 169 
LEU CB  HB3  sing N N 170 
LEU CG  CD1  sing N N 171 
LEU CG  CD2  sing N N 172 
LEU CG  HG   sing N N 173 
LEU CD1 HD11 sing N N 174 
LEU CD1 HD12 sing N N 175 
LEU CD1 HD13 sing N N 176 
LEU CD2 HD21 sing N N 177 
LEU CD2 HD22 sing N N 178 
LEU CD2 HD23 sing N N 179 
LEU OXT HXT  sing N N 180 
LYS N   CA   sing N N 181 
LYS N   H    sing N N 182 
LYS N   H2   sing N N 183 
LYS CA  C    sing N N 184 
LYS CA  CB   sing N N 185 
LYS CA  HA   sing N N 186 
LYS C   O    doub N N 187 
LYS C   OXT  sing N N 188 
LYS CB  CG   sing N N 189 
LYS CB  HB2  sing N N 190 
LYS CB  HB3  sing N N 191 
LYS CG  CD   sing N N 192 
LYS CG  HG2  sing N N 193 
LYS CG  HG3  sing N N 194 
LYS CD  CE   sing N N 195 
LYS CD  HD2  sing N N 196 
LYS CD  HD3  sing N N 197 
LYS CE  NZ   sing N N 198 
LYS CE  HE2  sing N N 199 
LYS CE  HE3  sing N N 200 
LYS NZ  HZ1  sing N N 201 
LYS NZ  HZ2  sing N N 202 
LYS NZ  HZ3  sing N N 203 
LYS OXT HXT  sing N N 204 
MET N   CA   sing N N 205 
MET N   H    sing N N 206 
MET N   H2   sing N N 207 
MET CA  C    sing N N 208 
MET CA  CB   sing N N 209 
MET CA  HA   sing N N 210 
MET C   O    doub N N 211 
MET C   OXT  sing N N 212 
MET CB  CG   sing N N 213 
MET CB  HB2  sing N N 214 
MET CB  HB3  sing N N 215 
MET CG  SD   sing N N 216 
MET CG  HG2  sing N N 217 
MET CG  HG3  sing N N 218 
MET SD  CE   sing N N 219 
MET CE  HE1  sing N N 220 
MET CE  HE2  sing N N 221 
MET CE  HE3  sing N N 222 
MET OXT HXT  sing N N 223 
PHE N   CA   sing N N 224 
PHE N   H    sing N N 225 
PHE N   H2   sing N N 226 
PHE CA  C    sing N N 227 
PHE CA  CB   sing N N 228 
PHE CA  HA   sing N N 229 
PHE C   O    doub N N 230 
PHE C   OXT  sing N N 231 
PHE CB  CG   sing N N 232 
PHE CB  HB2  sing N N 233 
PHE CB  HB3  sing N N 234 
PHE CG  CD1  doub Y N 235 
PHE CG  CD2  sing Y N 236 
PHE CD1 CE1  sing Y N 237 
PHE CD1 HD1  sing N N 238 
PHE CD2 CE2  doub Y N 239 
PHE CD2 HD2  sing N N 240 
PHE CE1 CZ   doub Y N 241 
PHE CE1 HE1  sing N N 242 
PHE CE2 CZ   sing Y N 243 
PHE CE2 HE2  sing N N 244 
PHE CZ  HZ   sing N N 245 
PHE OXT HXT  sing N N 246 
PRO N   CA   sing N N 247 
PRO N   CD   sing N N 248 
PRO N   H    sing N N 249 
PRO CA  C    sing N N 250 
PRO CA  CB   sing N N 251 
PRO CA  HA   sing N N 252 
PRO C   O    doub N N 253 
PRO C   OXT  sing N N 254 
PRO CB  CG   sing N N 255 
PRO CB  HB2  sing N N 256 
PRO CB  HB3  sing N N 257 
PRO CG  CD   sing N N 258 
PRO CG  HG2  sing N N 259 
PRO CG  HG3  sing N N 260 
PRO CD  HD2  sing N N 261 
PRO CD  HD3  sing N N 262 
PRO OXT HXT  sing N N 263 
SER N   CA   sing N N 264 
SER N   H    sing N N 265 
SER N   H2   sing N N 266 
SER CA  C    sing N N 267 
SER CA  CB   sing N N 268 
SER CA  HA   sing N N 269 
SER C   O    doub N N 270 
SER C   OXT  sing N N 271 
SER CB  OG   sing N N 272 
SER CB  HB2  sing N N 273 
SER CB  HB3  sing N N 274 
SER OG  HG   sing N N 275 
SER OXT HXT  sing N N 276 
TRP N   CA   sing N N 277 
TRP N   H    sing N N 278 
TRP N   H2   sing N N 279 
TRP CA  C    sing N N 280 
TRP CA  CB   sing N N 281 
TRP CA  HA   sing N N 282 
TRP C   O    doub N N 283 
TRP C   OXT  sing N N 284 
TRP CB  CG   sing N N 285 
TRP CB  HB2  sing N N 286 
TRP CB  HB3  sing N N 287 
TRP CG  CD1  doub Y N 288 
TRP CG  CD2  sing Y N 289 
TRP CD1 NE1  sing Y N 290 
TRP CD1 HD1  sing N N 291 
TRP CD2 CE2  doub Y N 292 
TRP CD2 CE3  sing Y N 293 
TRP NE1 CE2  sing Y N 294 
TRP NE1 HE1  sing N N 295 
TRP CE2 CZ2  sing Y N 296 
TRP CE3 CZ3  doub Y N 297 
TRP CE3 HE3  sing N N 298 
TRP CZ2 CH2  doub Y N 299 
TRP CZ2 HZ2  sing N N 300 
TRP CZ3 CH2  sing Y N 301 
TRP CZ3 HZ3  sing N N 302 
TRP CH2 HH2  sing N N 303 
TRP OXT HXT  sing N N 304 
TYR N   CA   sing N N 305 
TYR N   H    sing N N 306 
TYR N   H2   sing N N 307 
TYR CA  C    sing N N 308 
TYR CA  CB   sing N N 309 
TYR CA  HA   sing N N 310 
TYR C   O    doub N N 311 
TYR C   OXT  sing N N 312 
TYR CB  CG   sing N N 313 
TYR CB  HB2  sing N N 314 
TYR CB  HB3  sing N N 315 
TYR CG  CD1  doub Y N 316 
TYR CG  CD2  sing Y N 317 
TYR CD1 CE1  sing Y N 318 
TYR CD1 HD1  sing N N 319 
TYR CD2 CE2  doub Y N 320 
TYR CD2 HD2  sing N N 321 
TYR CE1 CZ   doub Y N 322 
TYR CE1 HE1  sing N N 323 
TYR CE2 CZ   sing Y N 324 
TYR CE2 HE2  sing N N 325 
TYR CZ  OH   sing N N 326 
TYR OH  HH   sing N N 327 
TYR OXT HXT  sing N N 328 
VAL N   CA   sing N N 329 
VAL N   H    sing N N 330 
VAL N   H2   sing N N 331 
VAL CA  C    sing N N 332 
VAL CA  CB   sing N N 333 
VAL CA  HA   sing N N 334 
VAL C   O    doub N N 335 
VAL C   OXT  sing N N 336 
VAL CB  CG1  sing N N 337 
VAL CB  CG2  sing N N 338 
VAL CB  HB   sing N N 339 
VAL CG1 HG11 sing N N 340 
VAL CG1 HG12 sing N N 341 
VAL CG1 HG13 sing N N 342 
VAL CG2 HG21 sing N N 343 
VAL CG2 HG22 sing N N 344 
VAL CG2 HG23 sing N N 345 
VAL OXT HXT  sing N N 346 
# 
_pdbx_audit_support.funding_organization   'Other government' 
_pdbx_audit_support.country                France 
_pdbx_audit_support.grant_number           ? 
_pdbx_audit_support.ordinal                1 
# 
loop_
_pdbx_initial_refinement_model.id 
_pdbx_initial_refinement_model.entity_id_list 
_pdbx_initial_refinement_model.type 
_pdbx_initial_refinement_model.source_name 
_pdbx_initial_refinement_model.accession_code 
_pdbx_initial_refinement_model.details 
1 ? 'experimental model' PDB 1QMC '1QMC, 1IHV' 
2 ? 'experimental model' PDB 1IHV '1QMC, 1IHV' 
# 
_atom_sites.entry_id                    6T6E 
_atom_sites.Cartn_transf_matrix[1][1]   ? 
_atom_sites.Cartn_transf_matrix[1][2]   ? 
_atom_sites.Cartn_transf_matrix[1][3]   ? 
_atom_sites.Cartn_transf_matrix[2][1]   ? 
_atom_sites.Cartn_transf_matrix[2][2]   ? 
_atom_sites.Cartn_transf_matrix[2][3]   ? 
_atom_sites.Cartn_transf_matrix[3][1]   ? 
_atom_sites.Cartn_transf_matrix[3][2]   ? 
_atom_sites.Cartn_transf_matrix[3][3]   ? 
_atom_sites.Cartn_transf_vector[1]      ? 
_atom_sites.Cartn_transf_vector[2]      ? 
_atom_sites.Cartn_transf_vector[3]      ? 
_atom_sites.fract_transf_matrix[1][1]   0.01922618 
_atom_sites.fract_transf_matrix[1][2]   0.01278616 
_atom_sites.fract_transf_matrix[1][3]   -0.00340914 
_atom_sites.fract_transf_matrix[2][1]   0.00763817 
_atom_sites.fract_transf_matrix[2][2]   0.00403614 
_atom_sites.fract_transf_matrix[2][3]   -0.02168233 
_atom_sites.fract_transf_matrix[3][1]   -0.01402841 
_atom_sites.fract_transf_matrix[3][2]   0.02080929 
_atom_sites.fract_transf_matrix[3][3]   -0.00106825 
_atom_sites.fract_transf_vector[1]      1.382000 
_atom_sites.fract_transf_vector[2]      2.242497 
_atom_sites.fract_transf_vector[3]      -0.082833 
_atom_sites.solution_primary            ? 
_atom_sites.solution_secondary          ? 
_atom_sites.solution_hydrogens          ? 
_atom_sites.special_details             ? 
# 
loop_
_atom_type.symbol 
C  
H  
N  
NI 
O  
# 
loop_
_atom_site.group_PDB 
_atom_site.id 
_atom_site.type_symbol 
_atom_site.label_atom_id 
_atom_site.label_alt_id 
_atom_site.label_comp_id 
_atom_site.label_asym_id 
_atom_site.label_entity_id 
_atom_site.label_seq_id 
_atom_site.pdbx_PDB_ins_code 
_atom_site.Cartn_x 
_atom_site.Cartn_y 
_atom_site.Cartn_z 
_atom_site.occupancy 
_atom_site.B_iso_or_equiv 
_atom_site.pdbx_formal_charge 
_atom_site.auth_seq_id 
_atom_site.auth_comp_id 
_atom_site.auth_asym_id 
_atom_site.auth_atom_id 
_atom_site.pdbx_PDB_model_num 
ATOM   1    N  N    . HIS A 1 4  ? 4.174   19.120  -4.050  1.00 27.36 ? 215 HIS A N    1 
ATOM   2    C  CA   . HIS A 1 4  ? 4.789   18.056  -4.845  1.00 24.16 ? 215 HIS A CA   1 
ATOM   3    C  C    . HIS A 1 4  ? 3.804   16.887  -4.911  1.00 23.01 ? 215 HIS A C    1 
ATOM   4    O  O    . HIS A 1 4  ? 2.821   16.830  -4.148  1.00 23.78 ? 215 HIS A O    1 
ATOM   5    C  CB   . HIS A 1 4  ? 6.116   17.576  -4.241  1.00 23.84 ? 215 HIS A CB   1 
ATOM   6    C  CG   . HIS A 1 4  ? 5.966   17.056  -2.846  1.00 21.82 ? 215 HIS A CG   1 
ATOM   7    N  ND1  . HIS A 1 4  ? 5.884   17.891  -1.765  1.00 21.22 ? 215 HIS A ND1  1 
ATOM   8    C  CD2  . HIS A 1 4  ? 5.808   15.794  -2.378  1.00 20.23 ? 215 HIS A CD2  1 
ATOM   9    C  CE1  . HIS A 1 4  ? 5.695   17.165  -0.666  1.00 20.54 ? 215 HIS A CE1  1 
ATOM   10   N  NE2  . HIS A 1 4  ? 5.654   15.899  -1.012  1.00 21.06 ? 215 HIS A NE2  1 
ATOM   11   H  HA   . HIS A 1 4  ? 4.997   18.387  -5.732  1.00 28.99 ? 215 HIS A HA   1 
ATOM   12   H  HB2  . HIS A 1 4  ? 6.472   16.861  -4.791  1.00 28.61 ? 215 HIS A HB2  1 
ATOM   13   H  HB3  . HIS A 1 4  ? 6.739   18.320  -4.219  1.00 28.61 ? 215 HIS A HB3  1 
ATOM   14   H  HD1  . HIS A 1 4  ? 5.945   18.748  -1.792  1.00 25.46 ? 215 HIS A HD1  1 
ATOM   15   H  HD2  . HIS A 1 4  ? 5.805   15.012  -2.880  1.00 24.27 ? 215 HIS A HD2  1 
ATOM   16   H  HE1  . HIS A 1 4  ? 5.607   17.496  0.198   1.00 24.65 ? 215 HIS A HE1  1 
ATOM   17   N  N    . HIS A 1 5  ? 4.086   15.940  -5.797  1.00 21.05 ? 216 HIS A N    1 
ATOM   18   C  CA   . HIS A 1 5  ? 3.268   14.754  -5.945  1.00 21.92 ? 216 HIS A CA   1 
ATOM   19   C  C    . HIS A 1 5  ? 4.140   13.506  -5.998  1.00 19.99 ? 216 HIS A C    1 
ATOM   20   O  O    . HIS A 1 5  ? 5.149   13.475  -6.705  1.00 20.78 ? 216 HIS A O    1 
ATOM   21   C  CB   . HIS A 1 5  ? 2.452   14.805  -7.227  1.00 23.03 ? 216 HIS A CB   1 
ATOM   22   C  CG   . HIS A 1 5  ? 1.586   13.605  -7.405  1.00 25.27 ? 216 HIS A CG   1 
ATOM   23   N  ND1  . HIS A 1 5  ? 0.429   13.426  -6.682  1.00 26.17 ? 216 HIS A ND1  1 
ATOM   24   C  CD2  . HIS A 1 5  ? 1.737   12.490  -8.157  1.00 25.02 ? 216 HIS A CD2  1 
ATOM   25   C  CE1  . HIS A 1 5  ? -0.112  12.267  -7.003  1.00 25.36 ? 216 HIS A CE1  1 
ATOM   26   N  NE2  . HIS A 1 5  ? 0.656   11.683  -7.907  1.00 26.28 ? 216 HIS A NE2  1 
ATOM   27   H  H    . HIS A 1 5  ? 4.760   15.968  -6.331  1.00 25.26 ? 216 HIS A H    1 
ATOM   28   H  HA   . HIS A 1 5  ? 2.678   14.694  -5.178  1.00 26.30 ? 216 HIS A HA   1 
ATOM   29   H  HB2  . HIS A 1 5  ? 1.880   15.588  -7.206  1.00 27.64 ? 216 HIS A HB2  1 
ATOM   30   H  HB3  . HIS A 1 5  ? 3.057   14.855  -7.984  1.00 27.64 ? 216 HIS A HB3  1 
ATOM   31   H  HD1  . HIS A 1 5  ? 0.109   13.983  -6.110  1.00 31.40 ? 216 HIS A HD1  1 
ATOM   32   H  HD2  . HIS A 1 5  ? 2.442   12.305  -8.736  1.00 30.02 ? 216 HIS A HD2  1 
ATOM   33   H  HE1  . HIS A 1 5  ? -0.901  11.920  -6.654  1.00 30.44 ? 216 HIS A HE1  1 
ATOM   34   N  N    . HIS A 1 6  ? 3.723   12.469  -5.275  1.00 19.36 ? 217 HIS A N    1 
ATOM   35   C  CA   . HIS A 1 6  ? 4.425   11.197  -5.270  1.00 18.77 ? 217 HIS A CA   1 
ATOM   36   C  C    . HIS A 1 6  ? 3.764   10.312  -6.312  1.00 20.40 ? 217 HIS A C    1 
ATOM   37   O  O    . HIS A 1 6  ? 2.688   9.757   -6.084  1.00 22.10 ? 217 HIS A O    1 
ATOM   38   C  CB   . HIS A 1 6  ? 4.359   10.553  -3.891  1.00 17.70 ? 217 HIS A CB   1 
ATOM   39   C  CG   . HIS A 1 6  ? 5.007   11.374  -2.827  1.00 18.64 ? 217 HIS A CG   1 
ATOM   40   N  ND1  . HIS A 1 6  ? 6.322   11.195  -2.441  1.00 19.08 ? 217 HIS A ND1  1 
ATOM   41   C  CD2  . HIS A 1 6  ? 4.532   12.392  -2.070  1.00 19.40 ? 217 HIS A CD2  1 
ATOM   42   C  CE1  . HIS A 1 6  ? 6.622   12.059  -1.488  1.00 18.43 ? 217 HIS A CE1  1 
ATOM   43   N  NE2  . HIS A 1 6  ? 5.550   12.791  -1.238  1.00 18.87 ? 217 HIS A NE2  1 
ATOM   44   H  H    . HIS A 1 6  ? 3.025   12.483  -4.774  1.00 23.23 ? 217 HIS A H    1 
ATOM   45   H  HA   . HIS A 1 6  ? 5.356   11.332  -5.505  1.00 22.52 ? 217 HIS A HA   1 
ATOM   46   H  HB2  . HIS A 1 6  ? 3.429   10.430  -3.648  1.00 21.24 ? 217 HIS A HB2  1 
ATOM   47   H  HB3  . HIS A 1 6  ? 4.811   9.696   -3.923  1.00 21.24 ? 217 HIS A HB3  1 
ATOM   48   H  HD1  . HIS A 1 6  ? 6.860   10.610  -2.770  1.00 22.90 ? 217 HIS A HD1  1 
ATOM   49   H  HD2  . HIS A 1 6  ? 3.676   12.753  -2.108  1.00 23.28 ? 217 HIS A HD2  1 
ATOM   50   H  HE1  . HIS A 1 6  ? 7.447   12.138  -1.065  1.00 22.12 ? 217 HIS A HE1  1 
ATOM   51   N  N    . HIS A 1 7  ? 4.403   10.194  -7.465  1.00 18.23 ? 218 HIS A N    1 
ATOM   52   C  CA   . HIS A 1 7  ? 3.867   9.367   -8.537  1.00 18.78 ? 218 HIS A CA   1 
ATOM   53   C  C    . HIS A 1 7  ? 3.960   7.906   -8.160  1.00 18.21 ? 218 HIS A C    1 
ATOM   54   O  O    . HIS A 1 7  ? 5.013   7.418   -7.733  1.00 18.85 ? 218 HIS A O    1 
ATOM   55   C  CB   . HIS A 1 7  ? 4.668   9.642   -9.802  1.00 18.84 ? 218 HIS A CB   1 
ATOM   56   C  CG   . HIS A 1 7  ? 4.400   10.989  -10.377 1.00 18.79 ? 218 HIS A CG   1 
ATOM   57   N  ND1  . HIS A 1 7  ? 3.412   11.206  -11.316 1.00 21.34 ? 218 HIS A ND1  1 
ATOM   58   C  CD2  . HIS A 1 7  ? 4.979   12.191  -10.156 1.00 20.32 ? 218 HIS A CD2  1 
ATOM   59   C  CE1  . HIS A 1 7  ? 3.380   12.486  -11.624 1.00 23.77 ? 218 HIS A CE1  1 
ATOM   60   N  NE2  . HIS A 1 7  ? 4.339   13.104  -10.956 1.00 22.68 ? 218 HIS A NE2  1 
ATOM   61   H  H    . HIS A 1 7  ? 5.148   10.579  -7.654  1.00 21.88 ? 218 HIS A H    1 
ATOM   62   H  HA   . HIS A 1 7  ? 2.934   9.575   -8.698  1.00 22.54 ? 218 HIS A HA   1 
ATOM   63   H  HB2  . HIS A 1 7  ? 5.614   9.588   -9.596  1.00 22.61 ? 218 HIS A HB2  1 
ATOM   64   H  HB3  . HIS A 1 7  ? 4.437   8.979   -10.472 1.00 22.61 ? 218 HIS A HB3  1 
ATOM   65   H  HD2  . HIS A 1 7  ? 5.680   12.367  -9.571  1.00 24.38 ? 218 HIS A HD2  1 
ATOM   66   H  HE1  . HIS A 1 7  ? 2.783   12.887  -12.214 1.00 28.53 ? 218 HIS A HE1  1 
ATOM   67   H  HE2  . HIS A 1 7  ? 4.530   13.941  -11.012 1.00 27.22 ? 218 HIS A HE2  1 
ATOM   68   N  N    . HIS A 1 8  ? 2.848   7.200   -8.313  1.00 19.09 ? 219 HIS A N    1 
ATOM   69   C  CA   . HIS A 1 8  ? 2.823   5.814   -7.912  1.00 18.33 ? 219 HIS A CA   1 
ATOM   70   C  C    . HIS A 1 8  ? 3.502   4.924   -8.936  1.00 18.68 ? 219 HIS A C    1 
ATOM   71   O  O    . HIS A 1 8  ? 3.680   5.273   -10.106 1.00 20.78 ? 219 HIS A O    1 
ATOM   72   C  CB   . HIS A 1 8  ? 1.394   5.341   -7.731  1.00 20.33 ? 219 HIS A CB   1 
ATOM   73   C  CG   . HIS A 1 8  ? 0.570   5.403   -8.979  1.00 22.02 ? 219 HIS A CG   1 
ATOM   74   N  ND1  . HIS A 1 8  ? 0.016   6.577   -9.447  1.00 24.77 ? 219 HIS A ND1  1 
ATOM   75   C  CD2  . HIS A 1 8  ? 0.159   4.429   -9.825  1.00 24.15 ? 219 HIS A CD2  1 
ATOM   76   C  CE1  . HIS A 1 8  ? -0.700  6.321   -10.525 1.00 25.84 ? 219 HIS A CE1  1 
ATOM   77   N  NE2  . HIS A 1 8  ? -0.627  5.029   -10.775 1.00 25.08 ? 219 HIS A NE2  1 
ATOM   78   H  H    . HIS A 1 8  ? 2.112   7.499   -8.641  1.00 22.91 ? 219 HIS A H    1 
ATOM   79   H  HA   . HIS A 1 8  ? 3.300   5.733   -7.070  1.00 21.99 ? 219 HIS A HA   1 
ATOM   80   H  HB2  . HIS A 1 8  ? 1.409   4.418   -7.432  1.00 24.40 ? 219 HIS A HB2  1 
ATOM   81   H  HB3  . HIS A 1 8  ? 0.965   5.899   -7.064  1.00 24.40 ? 219 HIS A HB3  1 
ATOM   82   H  HD1  . HIS A 1 8  ? 0.121   7.353   -9.092  1.00 29.73 ? 219 HIS A HD1  1 
ATOM   83   H  HD2  . HIS A 1 8  ? 0.369   3.525   -9.772  1.00 28.97 ? 219 HIS A HD2  1 
ATOM   84   H  HE1  . HIS A 1 8  ? -1.177  6.947   -11.023 1.00 31.01 ? 219 HIS A HE1  1 
ATOM   85   N  N    . ILE A 1 9  ? 3.895   3.753   -8.466  1.00 18.95 ? 220 ILE A N    1 
ATOM   86   C  CA   . ILE A 1 9  ? 4.489   2.748   -9.333  1.00 20.06 ? 220 ILE A CA   1 
ATOM   87   C  C    . ILE A 1 9  ? 3.385   2.171   -10.215 1.00 21.99 ? 220 ILE A C    1 
ATOM   88   O  O    . ILE A 1 9  ? 2.376   1.637   -9.727  1.00 21.87 ? 220 ILE A O    1 
ATOM   89   C  CB   . ILE A 1 9  ? 5.203   1.683   -8.500  1.00 21.02 ? 220 ILE A CB   1 
ATOM   90   C  CG1  . ILE A 1 9  ? 6.316   2.337   -7.663  1.00 21.59 ? 220 ILE A CG1  1 
ATOM   91   C  CG2  . ILE A 1 9  ? 5.775   0.654   -9.422  1.00 22.59 ? 220 ILE A CG2  1 
ATOM   92   C  CD1  . ILE A 1 9  ? 7.033   1.394   -6.731  1.00 22.53 ? 220 ILE A CD1  1 
ATOM   93   H  H    . ILE A 1 9  ? 3.829   3.511   -7.643  1.00 22.74 ? 220 ILE A H    1 
ATOM   94   H  HA   . ILE A 1 9  ? 5.150   3.149   -9.919  1.00 24.07 ? 220 ILE A HA   1 
ATOM   95   H  HB   . ILE A 1 9  ? 4.574   1.259   -7.896  1.00 25.22 ? 220 ILE A HB   1 
ATOM   96   H  HG12 . ILE A 1 9  ? 6.976   2.712   -8.266  1.00 25.92 ? 220 ILE A HG12 1 
ATOM   97   H  HG13 . ILE A 1 9  ? 5.922   3.040   -7.122  1.00 25.92 ? 220 ILE A HG13 1 
ATOM   98   H  HG21 . ILE A 1 9  ? 6.218   -0.029  -8.895  1.00 27.11 ? 220 ILE A HG21 1 
ATOM   99   H  HG22 . ILE A 1 9  ? 5.056   0.259   -9.939  1.00 27.11 ? 220 ILE A HG22 1 
ATOM   100  H  HG23 . ILE A 1 9  ? 6.412   1.081   -10.014 1.00 27.11 ? 220 ILE A HG23 1 
ATOM   101  H  HD11 . ILE A 1 9  ? 7.590   1.911   -6.127  1.00 27.04 ? 220 ILE A HD11 1 
ATOM   102  H  HD12 . ILE A 1 9  ? 6.377   0.890   -6.226  1.00 27.04 ? 220 ILE A HD12 1 
ATOM   103  H  HD13 . ILE A 1 9  ? 7.583   0.792   -7.254  1.00 27.04 ? 220 ILE A HD13 1 
ATOM   104  N  N    . GLN A 1 10 ? 3.559   2.280   -11.525 1.00 23.73 ? 221 GLN A N    1 
ATOM   105  C  CA   . GLN A 1 10 ? 2.465   1.943   -12.429 1.00 26.00 ? 221 GLN A CA   1 
ATOM   106  C  C    . GLN A 1 10 ? 2.178   0.450   -12.404 1.00 25.72 ? 221 GLN A C    1 
ATOM   107  O  O    . GLN A 1 10 ? 3.062   -0.370  -12.143 1.00 25.34 ? 221 GLN A O    1 
ATOM   108  C  CB   . GLN A 1 10 ? 2.803   2.374   -13.854 1.00 31.14 ? 221 GLN A CB   1 
ATOM   109  C  CG   . GLN A 1 10 ? 2.715   3.881   -14.076 1.00 36.11 ? 221 GLN A CG   1 
ATOM   110  C  CD   . GLN A 1 10 ? 1.284   4.391   -14.224 1.00 42.66 ? 221 GLN A CD   1 
ATOM   111  O  OE1  . GLN A 1 10 ? 0.371   3.637   -14.579 1.00 47.47 ? 221 GLN A OE1  1 
ATOM   112  N  NE2  . GLN A 1 10 ? 1.086   5.680   -13.958 1.00 44.42 ? 221 GLN A NE2  1 
ATOM   113  H  H    . GLN A 1 10 ? 4.283   2.540   -11.911 1.00 28.48 ? 221 GLN A H    1 
ATOM   114  H  HA   . GLN A 1 10 ? 1.665   2.412   -12.142 1.00 31.20 ? 221 GLN A HA   1 
ATOM   115  H  HB2  . GLN A 1 10 ? 3.710   2.098   -14.058 1.00 37.37 ? 221 GLN A HB2  1 
ATOM   116  H  HB3  . GLN A 1 10 ? 2.182   1.949   -14.466 1.00 37.37 ? 221 GLN A HB3  1 
ATOM   117  H  HG2  . GLN A 1 10 ? 3.115   4.334   -13.317 1.00 43.33 ? 221 GLN A HG2  1 
ATOM   118  H  HG3  . GLN A 1 10 ? 3.196   4.107   -14.888 1.00 43.33 ? 221 GLN A HG3  1 
ATOM   119  H  HE21 . GLN A 1 10 ? 1.747   6.177   -13.719 1.00 53.31 ? 221 GLN A HE21 1 
ATOM   120  H  HE22 . GLN A 1 10 ? 0.298   6.018   -14.026 1.00 53.31 ? 221 GLN A HE22 1 
ATOM   121  N  N    . ASN A 1 11 ? 0.913   0.099   -12.657 1.00 27.40 ? 222 ASN A N    1 
ATOM   122  C  CA   . ASN A 1 11 ? 0.495   -1.296  -12.804 1.00 31.07 ? 222 ASN A CA   1 
ATOM   123  C  C    . ASN A 1 11 ? 0.493   -2.060  -11.483 1.00 29.45 ? 222 ASN A C    1 
ATOM   124  O  O    . ASN A 1 11 ? 0.696   -3.280  -11.453 1.00 29.68 ? 222 ASN A O    1 
ATOM   125  C  CB   . ASN A 1 11 ? 1.360   -2.006  -13.850 1.00 33.06 ? 222 ASN A CB   1 
ATOM   126  C  CG   . ASN A 1 11 ? 1.491   -1.206  -15.138 1.00 38.45 ? 222 ASN A CG   1 
ATOM   127  O  OD1  . ASN A 1 11 ? 2.571   -1.125  -15.727 1.00 41.20 ? 222 ASN A OD1  1 
ATOM   128  N  ND2  . ASN A 1 11 ? 0.388   -0.615  -15.585 1.00 38.96 ? 222 ASN A ND2  1 
ATOM   129  H  H    . ASN A 1 11 ? 0.269   0.664   -12.748 1.00 32.88 ? 222 ASN A H    1 
ATOM   130  H  HA   . ASN A 1 11 ? -0.424  -1.307  -13.113 1.00 37.29 ? 222 ASN A HA   1 
ATOM   131  H  HB2  . ASN A 1 11 ? 2.250   -2.140  -13.488 1.00 39.67 ? 222 ASN A HB2  1 
ATOM   132  H  HB3  . ASN A 1 11 ? 0.958   -2.861  -14.067 1.00 39.67 ? 222 ASN A HB3  1 
ATOM   133  H  HD21 . ASN A 1 11 ? 0.412   -0.152  -16.309 1.00 46.75 ? 222 ASN A HD21 1 
ATOM   134  H  HD22 . ASN A 1 11 ? -0.348  -0.695  -15.150 1.00 46.75 ? 222 ASN A HD22 1 
ATOM   135  N  N    . PHE A 1 12 ? 0.276   -1.351  -10.388 1.00 25.70 ? 223 PHE A N    1 
ATOM   136  C  CA   . PHE A 1 12 ? 0.091   -1.982  -9.091  1.00 24.77 ? 223 PHE A CA   1 
ATOM   137  C  C    . PHE A 1 12 ? -1.111  -1.367  -8.393  1.00 21.12 ? 223 PHE A C    1 
ATOM   138  O  O    . PHE A 1 12 ? -1.330  -0.155  -8.480  1.00 22.42 ? 223 PHE A O    1 
ATOM   139  C  CB   . PHE A 1 12 ? 1.267   -1.702  -8.154  1.00 26.08 ? 223 PHE A CB   1 
ATOM   140  C  CG   . PHE A 1 12 ? 2.486   -2.486  -8.455  1.00 26.86 ? 223 PHE A CG   1 
ATOM   141  C  CD1  . PHE A 1 12 ? 3.484   -1.971  -9.272  1.00 28.04 ? 223 PHE A CD1  1 
ATOM   142  C  CD2  . PHE A 1 12 ? 2.657   -3.732  -7.896  1.00 29.04 ? 223 PHE A CD2  1 
ATOM   143  C  CE1  . PHE A 1 12 ? 4.627   -2.704  -9.532  1.00 30.42 ? 223 PHE A CE1  1 
ATOM   144  C  CE2  . PHE A 1 12 ? 3.790   -4.464  -8.141  1.00 30.56 ? 223 PHE A CE2  1 
ATOM   145  C  CZ   . PHE A 1 12 ? 4.777   -3.956  -8.967  1.00 31.32 ? 223 PHE A CZ   1 
ATOM   146  H  H    . PHE A 1 12 ? 0.230   -0.493  -10.370 1.00 30.83 ? 223 PHE A H    1 
ATOM   147  H  HA   . PHE A 1 12 ? -0.027  -2.933  -9.243  1.00 29.73 ? 223 PHE A HA   1 
ATOM   148  H  HB2  . PHE A 1 12 ? 1.498   -0.762  -8.220  1.00 31.30 ? 223 PHE A HB2  1 
ATOM   149  H  HB3  . PHE A 1 12 ? 0.997   -1.914  -7.247  1.00 31.30 ? 223 PHE A HB3  1 
ATOM   150  H  HD1  . PHE A 1 12 ? 3.382   -1.126  -9.647  1.00 33.64 ? 223 PHE A HD1  1 
ATOM   151  H  HD2  . PHE A 1 12 ? 1.995   -4.082  -7.345  1.00 34.84 ? 223 PHE A HD2  1 
ATOM   152  H  HE1  . PHE A 1 12 ? 5.292   -2.356  -10.083 1.00 36.51 ? 223 PHE A HE1  1 
ATOM   153  H  HE2  . PHE A 1 12 ? 3.894   -5.303  -7.753  1.00 36.67 ? 223 PHE A HE2  1 
ATOM   154  H  HZ   . PHE A 1 12 ? 5.541   -4.457  -9.141  1.00 37.59 ? 223 PHE A HZ   1 
ATOM   155  N  N    . ARG A 1 13 ? -1.871  -2.197  -7.690  1.00 21.91 ? 224 ARG A N    1 
ATOM   156  C  CA   . ARG A 1 13 ? -2.811  -1.729  -6.682  1.00 23.85 ? 224 ARG A CA   1 
ATOM   157  C  C    . ARG A 1 13 ? -2.492  -2.511  -5.420  1.00 21.22 ? 224 ARG A C    1 
ATOM   158  O  O    . ARG A 1 13 ? -1.904  -3.599  -5.482  1.00 23.74 ? 224 ARG A O    1 
ATOM   159  C  CB   . ARG A 1 13 ? -4.292  -1.883  -7.078  1.00 31.41 ? 224 ARG A CB   1 
ATOM   160  C  CG   . ARG A 1 13 ? -4.807  -3.311  -7.281  1.00 35.11 ? 224 ARG A CG   1 
ATOM   161  C  CD   . ARG A 1 13 ? -6.296  -3.323  -7.691  1.00 39.85 ? 224 ARG A CD   1 
ATOM   162  N  NE   . ARG A 1 13 ? -6.506  -2.690  -8.992  1.00 43.62 ? 224 ARG A NE   1 
ATOM   163  C  CZ   . ARG A 1 13 ? -7.693  -2.487  -9.555  1.00 48.37 ? 224 ARG A CZ   1 
ATOM   164  N  NH1  . ARG A 1 13 ? -8.803  -2.864  -8.935  1.00 49.21 ? 224 ARG A NH1  1 
ATOM   165  N  NH2  . ARG A 1 13 ? -7.769  -1.899  -10.741 1.00 51.08 ? 224 ARG A NH2  1 
ATOM   166  H  H    . ARG A 1 13 ? -1.860  -3.053  -7.782  1.00 26.29 ? 224 ARG A H    1 
ATOM   167  H  HA   . ARG A 1 13 ? -2.707  -0.776  -6.530  1.00 28.62 ? 224 ARG A HA   1 
ATOM   168  H  HB2  . ARG A 1 13 ? -4.833  -1.484  -6.380  1.00 37.69 ? 224 ARG A HB2  1 
ATOM   169  H  HB3  . ARG A 1 13 ? -4.429  -1.412  -7.915  1.00 37.69 ? 224 ARG A HB3  1 
ATOM   170  H  HG2  . ARG A 1 13 ? -4.294  -3.741  -7.983  1.00 42.13 ? 224 ARG A HG2  1 
ATOM   171  H  HG3  . ARG A 1 13 ? -4.715  -3.806  -6.452  1.00 42.13 ? 224 ARG A HG3  1 
ATOM   172  H  HD2  . ARG A 1 13 ? -6.605  -4.241  -7.747  1.00 47.82 ? 224 ARG A HD2  1 
ATOM   173  H  HD3  . ARG A 1 13 ? -6.814  -2.837  -7.030  1.00 47.82 ? 224 ARG A HD3  1 
ATOM   174  H  HE   . ARG A 1 13 ? -5.810  -2.430  -9.426  1.00 52.34 ? 224 ARG A HE   1 
ATOM   175  H  HH11 . ARG A 1 13 ? -8.758  -3.242  -8.164  1.00 59.05 ? 224 ARG A HH11 1 
ATOM   176  H  HH12 . ARG A 1 13 ? -9.568  -2.730  -9.305  1.00 59.05 ? 224 ARG A HH12 1 
ATOM   177  H  HH21 . ARG A 1 13 ? -7.052  -1.650  -11.145 1.00 61.30 ? 224 ARG A HH21 1 
ATOM   178  H  HH22 . ARG A 1 13 ? -8.537  -1.766  -11.108 1.00 61.30 ? 224 ARG A HH22 1 
ATOM   179  N  N    . VAL A 1 14 ? -2.851  -1.955  -4.269  1.00 19.10 ? 225 VAL A N    1 
ATOM   180  C  CA   . VAL A 1 14 ? -2.521  -2.577  -2.996  1.00 18.52 ? 225 VAL A CA   1 
ATOM   181  C  C    . VAL A 1 14 ? -3.732  -2.508  -2.081  1.00 18.34 ? 225 VAL A C    1 
ATOM   182  O  O    . VAL A 1 14 ? -4.351  -1.447  -1.935  1.00 20.25 ? 225 VAL A O    1 
ATOM   183  C  CB   . VAL A 1 14 ? -1.311  -1.911  -2.309  1.00 18.51 ? 225 VAL A CB   1 
ATOM   184  C  CG1  . VAL A 1 14 ? -0.906  -2.740  -1.093  1.00 19.52 ? 225 VAL A CG1  1 
ATOM   185  C  CG2  . VAL A 1 14 ? -0.159  -1.739  -3.275  1.00 20.66 ? 225 VAL A CG2  1 
ATOM   186  H  H    . VAL A 1 14 ? -3.285  -1.216  -4.202  1.00 22.92 ? 225 VAL A H    1 
ATOM   187  H  HA   . VAL A 1 14 ? -2.311  -3.510  -3.163  1.00 22.23 ? 225 VAL A HA   1 
ATOM   188  H  HB   . VAL A 1 14 ? -1.555  -1.022  -2.011  1.00 22.21 ? 225 VAL A HB   1 
ATOM   189  H  HG11 . VAL A 1 14 ? -0.066  -2.401  -0.746  1.00 23.42 ? 225 VAL A HG11 1 
ATOM   190  H  HG12 . VAL A 1 14 ? -1.598  -2.667  -0.417  1.00 23.42 ? 225 VAL A HG12 1 
ATOM   191  H  HG13 . VAL A 1 14 ? -0.804  -3.666  -1.363  1.00 23.42 ? 225 VAL A HG13 1 
ATOM   192  H  HG21 . VAL A 1 14 ? 0.614   -1.409  -2.788  1.00 24.79 ? 225 VAL A HG21 1 
ATOM   193  H  HG22 . VAL A 1 14 ? 0.046   -2.596  -3.677  1.00 24.79 ? 225 VAL A HG22 1 
ATOM   194  H  HG23 . VAL A 1 14 ? -0.414  -1.103  -3.961  1.00 24.79 ? 225 VAL A HG23 1 
ATOM   195  N  N    . TYR A 1 15 ? -4.066  -3.630  -1.465  1.00 18.98 ? 226 TYR A N    1 
ATOM   196  C  CA   . TYR A 1 15 ? -4.958  -3.660  -0.323  1.00 19.11 ? 226 TYR A CA   1 
ATOM   197  C  C    . TYR A 1 15 ? -4.111  -3.926  0.920   1.00 19.33 ? 226 TYR A C    1 
ATOM   198  O  O    . TYR A 1 15 ? -3.076  -4.591  0.839   1.00 20.47 ? 226 TYR A O    1 
ATOM   199  C  CB   . TYR A 1 15 ? -6.031  -4.735  -0.508  1.00 21.04 ? 226 TYR A CB   1 
ATOM   200  C  CG   . TYR A 1 15 ? -7.072  -4.335  -1.545  1.00 22.94 ? 226 TYR A CG   1 
ATOM   201  C  CD1  . TYR A 1 15 ? -6.849  -4.548  -2.887  1.00 25.85 ? 226 TYR A CD1  1 
ATOM   202  C  CD2  . TYR A 1 15 ? -8.262  -3.727  -1.170  1.00 25.60 ? 226 TYR A CD2  1 
ATOM   203  C  CE1  . TYR A 1 15 ? -7.777  -4.180  -3.843  1.00 25.76 ? 226 TYR A CE1  1 
ATOM   204  C  CE2  . TYR A 1 15 ? -9.214  -3.363  -2.120  1.00 26.24 ? 226 TYR A CE2  1 
ATOM   205  C  CZ   . TYR A 1 15 ? -8.959  -3.592  -3.454  1.00 26.52 ? 226 TYR A CZ   1 
ATOM   206  O  OH   . TYR A 1 15 ? -9.874  -3.229  -4.420  1.00 31.77 ? 226 TYR A OH   1 
ATOM   207  H  H    . TYR A 1 15 ? -3.780  -4.407  -1.700  1.00 22.77 ? 226 TYR A H    1 
ATOM   208  H  HA   . TYR A 1 15 ? -5.425  -2.819  -0.205  1.00 22.94 ? 226 TYR A HA   1 
ATOM   209  H  HB2  . TYR A 1 15 ? -5.610  -5.557  -0.803  1.00 25.24 ? 226 TYR A HB2  1 
ATOM   210  H  HB3  . TYR A 1 15 ? -6.485  -4.880  0.337   1.00 25.24 ? 226 TYR A HB3  1 
ATOM   211  H  HD1  . TYR A 1 15 ? -6.055  -4.950  -3.157  1.00 31.02 ? 226 TYR A HD1  1 
ATOM   212  H  HD2  . TYR A 1 15 ? -8.427  -3.559  -0.270  1.00 30.72 ? 226 TYR A HD2  1 
ATOM   213  H  HE1  . TYR A 1 15 ? -7.605  -4.330  -4.745  1.00 30.92 ? 226 TYR A HE1  1 
ATOM   214  H  HE2  . TYR A 1 15 ? -10.014 -2.971  -1.856  1.00 31.49 ? 226 TYR A HE2  1 
ATOM   215  H  HH   . TYR A 1 15 ? -10.549 -2.882  -4.060  1.00 38.13 ? 226 TYR A HH   1 
ATOM   216  N  N    . TYR A 1 16 ? -4.524  -3.386  2.062   1.00 19.99 ? 227 TYR A N    1 
ATOM   217  C  CA   . TYR A 1 16 ? -3.652  -3.438  3.225   1.00 20.18 ? 227 TYR A CA   1 
ATOM   218  C  C    . TYR A 1 16 ? -4.494  -3.465  4.490   1.00 21.32 ? 227 TYR A C    1 
ATOM   219  O  O    . TYR A 1 16 ? -5.668  -3.098  4.489   1.00 23.00 ? 227 TYR A O    1 
ATOM   220  C  CB   . TYR A 1 16 ? -2.697  -2.233  3.236   1.00 20.51 ? 227 TYR A CB   1 
ATOM   221  C  CG   . TYR A 1 16 ? -3.421  -0.917  3.465   1.00 20.62 ? 227 TYR A CG   1 
ATOM   222  C  CD1  . TYR A 1 16 ? -4.049  -0.232  2.422   1.00 22.25 ? 227 TYR A CD1  1 
ATOM   223  C  CD2  . TYR A 1 16 ? -3.454  -0.349  4.731   1.00 21.09 ? 227 TYR A CD2  1 
ATOM   224  C  CE1  . TYR A 1 16 ? -4.725  0.966   2.657   1.00 23.29 ? 227 TYR A CE1  1 
ATOM   225  C  CE2  . TYR A 1 16 ? -4.113  0.843   4.971   1.00 23.26 ? 227 TYR A CE2  1 
ATOM   226  C  CZ   . TYR A 1 16 ? -4.747  1.497   3.931   1.00 22.99 ? 227 TYR A CZ   1 
ATOM   227  O  OH   . TYR A 1 16 ? -5.404  2.685   4.144   1.00 26.33 ? 227 TYR A OH   1 
ATOM   228  H  H    . TYR A 1 16 ? -5.282  -2.998  2.183   1.00 23.99 ? 227 TYR A H    1 
ATOM   229  H  HA   . TYR A 1 16 ? -3.131  -4.256  3.207   1.00 24.22 ? 227 TYR A HA   1 
ATOM   230  H  HB2  . TYR A 1 16 ? -2.049  -2.348  3.948   1.00 24.61 ? 227 TYR A HB2  1 
ATOM   231  H  HB3  . TYR A 1 16 ? -2.243  -2.181  2.381   1.00 24.61 ? 227 TYR A HB3  1 
ATOM   232  H  HD1  . TYR A 1 16 ? -4.017  -0.578  1.560   1.00 26.70 ? 227 TYR A HD1  1 
ATOM   233  H  HD2  . TYR A 1 16 ? -3.022  -0.780  5.434   1.00 25.31 ? 227 TYR A HD2  1 
ATOM   234  H  HE1  . TYR A 1 16 ? -5.158  1.404   1.960   1.00 27.94 ? 227 TYR A HE1  1 
ATOM   235  H  HE2  . TYR A 1 16 ? -4.131  1.204   5.829   1.00 27.92 ? 227 TYR A HE2  1 
ATOM   236  H  HH   . TYR A 1 16 ? -5.735  2.963   3.424   1.00 31.60 ? 227 TYR A HH   1 
ATOM   237  N  N    . ARG A 1 17 ? -3.860  -3.902  5.567   1.00 22.11 ? 228 ARG A N    1 
ATOM   238  C  CA   . ARG A 1 17 ? -4.472  -3.882  6.892   1.00 22.88 ? 228 ARG A CA   1 
ATOM   239  C  C    . ARG A 1 17 ? -3.684  -2.964  7.812   1.00 24.09 ? 228 ARG A C    1 
ATOM   240  O  O    . ARG A 1 17 ? -2.451  -2.940  7.769   1.00 23.35 ? 228 ARG A O    1 
ATOM   241  C  CB   . ARG A 1 17 ? -4.552  -5.289  7.501   1.00 24.70 ? 228 ARG A CB   1 
ATOM   242  C  CG   . ARG A 1 17 ? -5.543  -6.186  6.770   1.00 29.20 ? 228 ARG A CG   1 
ATOM   243  C  CD   . ARG A 1 17 ? -5.640  -7.579  7.350   1.00 33.91 ? 228 ARG A CD   1 
ATOM   244  N  NE   . ARG A 1 17 ? -4.489  -8.412  7.026   1.00 37.53 ? 228 ARG A NE   1 
ATOM   245  C  CZ   . ARG A 1 17 ? -3.529  -8.718  7.893   1.00 40.23 ? 228 ARG A CZ   1 
ATOM   246  N  NH1  . ARG A 1 17 ? -3.595  -8.258  9.134   1.00 42.33 ? 228 ARG A NH1  1 
ATOM   247  N  NH2  . ARG A 1 17 ? -2.507  -9.487  7.526   1.00 39.23 ? 228 ARG A NH2  1 
ATOM   248  H  H    . ARG A 1 17 ? -3.061  -4.221  5.556   1.00 26.54 ? 228 ARG A H    1 
ATOM   249  H  HA   . ARG A 1 17 ? -5.376  -3.536  6.819   1.00 27.45 ? 228 ARG A HA   1 
ATOM   250  H  HB2  . ARG A 1 17 ? -3.677  -5.705  7.453   1.00 29.63 ? 228 ARG A HB2  1 
ATOM   251  H  HB3  . ARG A 1 17 ? -4.836  -5.218  8.426   1.00 29.63 ? 228 ARG A HB3  1 
ATOM   252  H  HG2  . ARG A 1 17 ? -6.423  -5.784  6.816   1.00 35.04 ? 228 ARG A HG2  1 
ATOM   253  H  HG3  . ARG A 1 17 ? -5.264  -6.270  5.844   1.00 35.04 ? 228 ARG A HG3  1 
ATOM   254  H  HD2  . ARG A 1 17 ? -5.700  -7.515  8.316   1.00 40.69 ? 228 ARG A HD2  1 
ATOM   255  H  HD3  . ARG A 1 17 ? -6.432  -8.014  6.997   1.00 40.69 ? 228 ARG A HD3  1 
ATOM   256  H  HE   . ARG A 1 17 ? -4.427  -8.722  6.227   1.00 45.04 ? 228 ARG A HE   1 
ATOM   257  H  HH11 . ARG A 1 17 ? -4.256  -7.763  9.374   1.00 50.79 ? 228 ARG A HH11 1 
ATOM   258  H  HH12 . ARG A 1 17 ? -2.977  -8.453  9.698   1.00 50.79 ? 228 ARG A HH12 1 
ATOM   259  H  HH21 . ARG A 1 17 ? -2.464  -9.790  6.723   1.00 47.07 ? 228 ARG A HH21 1 
ATOM   260  H  HH22 . ARG A 1 17 ? -1.891  -9.681  8.092   1.00 47.07 ? 228 ARG A HH22 1 
ATOM   261  N  N    . ASP A 1 18 ? -4.413  -2.216  8.635   1.00 27.04 ? 229 ASP A N    1 
ATOM   262  C  CA   . ASP A 1 18 ? -3.824  -1.482  9.731   1.00 31.64 ? 229 ASP A CA   1 
ATOM   263  C  C    . ASP A 1 18 ? -3.692  -2.388  10.948  1.00 37.43 ? 229 ASP A C    1 
ATOM   264  O  O    . ASP A 1 18 ? -4.294  -3.459  11.027  1.00 38.34 ? 229 ASP A O    1 
ATOM   265  C  CB   . ASP A 1 18 ? -4.715  -0.307  10.107  1.00 35.81 ? 229 ASP A CB   1 
ATOM   266  C  CG   . ASP A 1 18 ? -4.854  0.702   8.998   1.00 38.75 ? 229 ASP A CG   1 
ATOM   267  O  OD1  . ASP A 1 18 ? -5.984  0.861   8.502   1.00 41.61 ? 229 ASP A OD1  1 
ATOM   268  O  OD2  . ASP A 1 18 ? -3.839  1.318   8.605   1.00 38.15 ? 229 ASP A OD2  1 
ATOM   269  H  H    . ASP A 1 18 ? -5.265  -2.119  8.572   1.00 32.45 ? 229 ASP A H    1 
ATOM   270  H  HA   . ASP A 1 18 ? -2.950  -1.158  9.464   1.00 37.97 ? 229 ASP A HA   1 
ATOM   271  H  HB2  . ASP A 1 18 ? -5.600  -0.638  10.323  1.00 42.97 ? 229 ASP A HB2  1 
ATOM   272  H  HB3  . ASP A 1 18 ? -4.334  0.145   10.876  1.00 42.97 ? 229 ASP A HB3  1 
ATOM   273  N  N    . SER A 1 19 ? -2.899  -1.941  11.916  1.00 41.44 ? 230 SER A N    1 
ATOM   274  C  CA   . SER A 1 19 ? -2.701  -2.713  13.131  1.00 45.19 ? 230 SER A CA   1 
ATOM   275  C  C    . SER A 1 19 ? -4.035  -2.943  13.825  1.00 45.39 ? 230 SER A C    1 
ATOM   276  O  O    . SER A 1 19 ? -4.850  -2.025  13.952  1.00 46.72 ? 230 SER A O    1 
ATOM   277  C  CB   . SER A 1 19 ? -1.745  -1.957  14.051  1.00 47.10 ? 230 SER A CB   1 
ATOM   278  O  OG   . SER A 1 19 ? -0.552  -1.655  13.354  1.00 50.55 ? 230 SER A OG   1 
ATOM   279  H  H    . SER A 1 19 ? -2.468  -1.197  11.893  1.00 49.73 ? 230 SER A H    1 
ATOM   280  H  HA   . SER A 1 19 ? -2.316  -3.578  12.923  1.00 54.23 ? 230 SER A HA   1 
ATOM   281  H  HB2  . SER A 1 19 ? -2.164  -1.131  14.340  1.00 56.52 ? 230 SER A HB2  1 
ATOM   282  H  HB3  . SER A 1 19 ? -1.535  -2.510  14.820  1.00 56.52 ? 230 SER A HB3  1 
ATOM   283  H  HG   . SER A 1 19 ? -0.022  -1.239  13.856  1.00 60.66 ? 230 SER A HG   1 
ATOM   284  N  N    . ARG A 1 20 ? -4.271  -4.191  14.230  1.00 44.52 ? 231 ARG A N    1 
ATOM   285  C  CA   . ARG A 1 20 ? -5.399  -4.541  15.095  1.00 42.66 ? 231 ARG A CA   1 
ATOM   286  C  C    . ARG A 1 20 ? -6.743  -4.326  14.395  1.00 37.04 ? 231 ARG A C    1 
ATOM   287  O  O    . ARG A 1 20 ? -7.726  -3.932  15.019  1.00 35.38 ? 231 ARG A O    1 
ATOM   288  C  CB   . ARG A 1 20 ? -5.333  -3.780  16.422  1.00 48.14 ? 231 ARG A CB   1 
ATOM   289  C  CG   . ARG A 1 20 ? -4.048  -4.003  17.208  1.00 53.26 ? 231 ARG A CG   1 
ATOM   290  C  CD   . ARG A 1 20 ? -4.116  -3.326  18.570  1.00 57.77 ? 231 ARG A CD   1 
ATOM   291  N  NE   . ARG A 1 20 ? -2.889  -3.521  19.339  1.00 62.18 ? 231 ARG A NE   1 
ATOM   292  C  CZ   . ARG A 1 20 ? -1.776  -2.818  19.154  1.00 65.32 ? 231 ARG A CZ   1 
ATOM   293  N  NH1  . ARG A 1 20 ? -1.733  -1.877  18.221  1.00 66.16 ? 231 ARG A NH1  1 
ATOM   294  N  NH2  . ARG A 1 20 ? -0.702  -3.058  19.898  1.00 66.41 ? 231 ARG A NH2  1 
ATOM   295  H  H    . ARG A 1 20 ? -3.782  -4.864  14.013  1.00 53.42 ? 231 ARG A H    1 
ATOM   296  H  HA   . ARG A 1 20 ? -5.341  -5.489  15.293  1.00 51.19 ? 231 ARG A HA   1 
ATOM   297  H  HB2  . ARG A 1 20 ? -5.406  -2.831  16.239  1.00 57.76 ? 231 ARG A HB2  1 
ATOM   298  H  HB3  . ARG A 1 20 ? -6.073  -4.068  16.980  1.00 57.76 ? 231 ARG A HB3  1 
ATOM   299  H  HG2  . ARG A 1 20 ? -3.912  -4.954  17.343  1.00 63.91 ? 231 ARG A HG2  1 
ATOM   300  H  HG3  . ARG A 1 20 ? -3.300  -3.628  16.716  1.00 63.91 ? 231 ARG A HG3  1 
ATOM   301  H  HD2  . ARG A 1 20 ? -4.248  -2.373  18.448  1.00 69.32 ? 231 ARG A HD2  1 
ATOM   302  H  HD3  . ARG A 1 20 ? -4.853  -3.700  19.077  1.00 69.32 ? 231 ARG A HD3  1 
ATOM   303  H  HE   . ARG A 1 20 ? -2.887  -4.127  19.949  1.00 74.62 ? 231 ARG A HE   1 
ATOM   304  H  HH11 . ARG A 1 20 ? -2.426  -1.722  17.736  1.00 79.40 ? 231 ARG A HH11 1 
ATOM   305  H  HH12 . ARG A 1 20 ? -1.013  -1.422  18.101  1.00 79.40 ? 231 ARG A HH12 1 
ATOM   306  H  HH21 . ARG A 1 20 ? -0.725  -3.669  20.502  1.00 79.70 ? 231 ARG A HH21 1 
ATOM   307  H  HH22 . ARG A 1 20 ? 0.016   -2.601  19.776  1.00 79.70 ? 231 ARG A HH22 1 
ATOM   308  N  N    . ASP A 1 21 ? -6.786  -4.598  13.087  1.00 34.38 ? 232 ASP A N    1 
ATOM   309  C  CA   . ASP A 1 21 ? -7.995  -4.458  12.282  1.00 31.10 ? 232 ASP A CA   1 
ATOM   310  C  C    . ASP A 1 21 ? -7.934  -5.452  11.126  1.00 29.69 ? 232 ASP A C    1 
ATOM   311  O  O    . ASP A 1 21 ? -7.114  -5.287  10.217  1.00 30.02 ? 232 ASP A O    1 
ATOM   312  C  CB   . ASP A 1 21 ? -8.080  -3.036  11.734  1.00 36.41 ? 232 ASP A CB   1 
ATOM   313  C  CG   . ASP A 1 21 ? -9.404  -2.743  11.055  1.00 37.49 ? 232 ASP A CG   1 
ATOM   314  O  OD1  . ASP A 1 21 ? -10.238 -3.671  10.909  1.00 37.15 ? 232 ASP A OD1  1 
ATOM   315  O  OD2  . ASP A 1 21 ? -9.605  -1.562  10.685  1.00 39.87 ? 232 ASP A OD2  1 
ATOM   316  H  H    . ASP A 1 21 ? -6.109  -4.873  12.633  1.00 41.25 ? 232 ASP A H    1 
ATOM   317  H  HA   . ASP A 1 21 ? -8.783  -4.639  12.817  1.00 37.32 ? 232 ASP A HA   1 
ATOM   318  H  HB2  . ASP A 1 21 ? -7.974  -2.409  12.466  1.00 43.69 ? 232 ASP A HB2  1 
ATOM   319  H  HB3  . ASP A 1 21 ? -7.375  -2.906  11.082  1.00 43.69 ? 232 ASP A HB3  1 
ATOM   320  N  N    . PRO A 1 22 ? -8.785  -6.478  11.110  1.00 25.98 ? 233 PRO A N    1 
ATOM   321  C  CA   . PRO A 1 22 ? -8.666  -7.529  10.094  1.00 27.61 ? 233 PRO A CA   1 
ATOM   322  C  C    . PRO A 1 22 ? -9.246  -7.171  8.734   1.00 27.87 ? 233 PRO A C    1 
ATOM   323  O  O    . PRO A 1 22 ? -9.015  -7.919  7.779   1.00 29.01 ? 233 PRO A O    1 
ATOM   324  C  CB   . PRO A 1 22 ? -9.420  -8.707  10.720  1.00 29.24 ? 233 PRO A CB   1 
ATOM   325  C  CG   . PRO A 1 22 ? -10.426 -8.075  11.594  1.00 26.77 ? 233 PRO A CG   1 
ATOM   326  C  CD   . PRO A 1 22 ? -9.813  -6.805  12.116  1.00 27.61 ? 233 PRO A CD   1 
ATOM   327  H  HA   . PRO A 1 22 ? -7.734  -7.770  9.982   1.00 33.13 ? 233 PRO A HA   1 
ATOM   328  H  HB2  . PRO A 1 22 ? -9.843  -9.239  10.028  1.00 35.09 ? 233 PRO A HB2  1 
ATOM   329  H  HB3  . PRO A 1 22 ? -8.809  -9.259  11.235  1.00 35.09 ? 233 PRO A HB3  1 
ATOM   330  H  HG2  . PRO A 1 22 ? -11.224 -7.879  11.077  1.00 32.13 ? 233 PRO A HG2  1 
ATOM   331  H  HG3  . PRO A 1 22 ? -10.643 -8.673  12.325  1.00 32.13 ? 233 PRO A HG3  1 
ATOM   332  H  HD2  . PRO A 1 22 ? -10.476 -6.099  12.172  1.00 33.13 ? 233 PRO A HD2  1 
ATOM   333  H  HD3  . PRO A 1 22 ? -9.409  -6.950  12.986  1.00 33.13 ? 233 PRO A HD3  1 
ATOM   334  N  N    . VAL A 1 23 ? -9.973  -6.067  8.602   1.00 26.20 ? 234 VAL A N    1 
ATOM   335  C  CA   . VAL A 1 23 ? -10.646 -5.766  7.343   1.00 29.74 ? 234 VAL A CA   1 
ATOM   336  C  C    . VAL A 1 23 ? -9.644  -5.143  6.371   1.00 26.57 ? 234 VAL A C    1 
ATOM   337  O  O    . VAL A 1 23 ? -8.896  -4.225  6.724   1.00 28.90 ? 234 VAL A O    1 
ATOM   338  C  CB   . VAL A 1 23 ? -11.848 -4.837  7.573   1.00 34.62 ? 234 VAL A CB   1 
ATOM   339  C  CG1  . VAL A 1 23 ? -11.390 -3.484  8.067   1.00 39.10 ? 234 VAL A CG1  1 
ATOM   340  C  CG2  . VAL A 1 23 ? -12.654 -4.708  6.284   1.00 36.03 ? 234 VAL A CG2  1 
ATOM   341  H  H    . VAL A 1 23 ? -10.091 -5.482  9.220   1.00 31.44 ? 234 VAL A H    1 
ATOM   342  H  HA   . VAL A 1 23 ? -10.971 -6.593  6.955   1.00 35.68 ? 234 VAL A HA   1 
ATOM   343  H  HB   . VAL A 1 23 ? -12.422 -5.217  8.257   1.00 41.54 ? 234 VAL A HB   1 
ATOM   344  H  HG11 . VAL A 1 23 ? -12.137 -3.035  8.494   1.00 46.93 ? 234 VAL A HG11 1 
ATOM   345  H  HG12 . VAL A 1 23 ? -10.671 -3.607  8.706   1.00 46.93 ? 234 VAL A HG12 1 
ATOM   346  H  HG13 . VAL A 1 23 ? -11.077 -2.961  7.313   1.00 46.93 ? 234 VAL A HG13 1 
ATOM   347  H  HG21 . VAL A 1 23 ? -13.441 -4.167  6.456   1.00 43.23 ? 234 VAL A HG21 1 
ATOM   348  H  HG22 . VAL A 1 23 ? -12.102 -4.284  5.607   1.00 43.23 ? 234 VAL A HG22 1 
ATOM   349  H  HG23 . VAL A 1 23 ? -12.918 -5.593  5.987   1.00 43.23 ? 234 VAL A HG23 1 
ATOM   350  N  N    . TRP A 1 24 ? -9.612  -5.657  5.146   1.00 26.59 ? 235 TRP A N    1 
ATOM   351  C  CA   . TRP A 1 24 ? -8.691  -5.130  4.144   1.00 25.75 ? 235 TRP A CA   1 
ATOM   352  C  C    . TRP A 1 24 ? -9.160  -3.767  3.663   1.00 25.85 ? 235 TRP A C    1 
ATOM   353  O  O    . TRP A 1 24 ? -10.321 -3.589  3.290   1.00 30.06 ? 235 TRP A O    1 
ATOM   354  C  CB   . TRP A 1 24 ? -8.567  -6.085  2.956   1.00 26.23 ? 235 TRP A CB   1 
ATOM   355  C  CG   . TRP A 1 24 ? -7.840  -7.334  3.288   1.00 27.87 ? 235 TRP A CG   1 
ATOM   356  C  CD1  . TRP A 1 24 ? -8.397  -8.533  3.651   1.00 31.72 ? 235 TRP A CD1  1 
ATOM   357  C  CD2  . TRP A 1 24 ? -6.421  -7.527  3.321   1.00 28.38 ? 235 TRP A CD2  1 
ATOM   358  N  NE1  . TRP A 1 24 ? -7.412  -9.451  3.902   1.00 33.40 ? 235 TRP A NE1  1 
ATOM   359  C  CE2  . TRP A 1 24 ? -6.193  -8.861  3.704   1.00 32.16 ? 235 TRP A CE2  1 
ATOM   360  C  CE3  . TRP A 1 24 ? -5.325  -6.702  3.061   1.00 27.79 ? 235 TRP A CE3  1 
ATOM   361  C  CZ2  . TRP A 1 24 ? -4.915  -9.385  3.835   1.00 33.79 ? 235 TRP A CZ2  1 
ATOM   362  C  CZ3  . TRP A 1 24 ? -4.065  -7.223  3.190   1.00 30.64 ? 235 TRP A CZ3  1 
ATOM   363  C  CH2  . TRP A 1 24 ? -3.865  -8.556  3.577   1.00 32.00 ? 235 TRP A CH2  1 
ATOM   364  H  H    . TRP A 1 24 ? -10.107 -6.303  4.871   1.00 31.90 ? 235 TRP A H    1 
ATOM   365  H  HA   . TRP A 1 24 ? -7.815  -5.038  4.548   1.00 30.90 ? 235 TRP A HA   1 
ATOM   366  H  HB2  . TRP A 1 24 ? -9.455  -6.328  2.652   1.00 31.48 ? 235 TRP A HB2  1 
ATOM   367  H  HB3  . TRP A 1 24 ? -8.083  -5.639  2.244   1.00 31.48 ? 235 TRP A HB3  1 
ATOM   368  H  HD1  . TRP A 1 24 ? -9.310  -8.698  3.718   1.00 38.07 ? 235 TRP A HD1  1 
ATOM   369  H  HE1  . TRP A 1 24 ? -7.539  -10.267 4.144   1.00 40.08 ? 235 TRP A HE1  1 
ATOM   370  H  HE3  . TRP A 1 24 ? -5.449  -5.817  2.804   1.00 33.35 ? 235 TRP A HE3  1 
ATOM   371  H  HZ2  . TRP A 1 24 ? -4.780  -10.270 4.088   1.00 40.54 ? 235 TRP A HZ2  1 
ATOM   372  H  HZ3  . TRP A 1 24 ? -3.327  -6.683  3.019   1.00 36.77 ? 235 TRP A HZ3  1 
ATOM   373  H  HH2  . TRP A 1 24 ? -2.998  -8.881  3.659   1.00 38.40 ? 235 TRP A HH2  1 
ATOM   374  N  N    . LYS A 1 25 ? -8.248  -2.806  3.632   1.00 23.23 ? 236 LYS A N    1 
ATOM   375  C  CA   . LYS A 1 25 ? -8.521  -1.474  3.120   1.00 22.75 ? 236 LYS A CA   1 
ATOM   376  C  C    . LYS A 1 25 ? -7.923  -1.326  1.727   1.00 21.36 ? 236 LYS A C    1 
ATOM   377  O  O    . LYS A 1 25 ? -6.968  -2.011  1.361   1.00 21.96 ? 236 LYS A O    1 
ATOM   378  C  CB   . LYS A 1 25 ? -7.916  -0.411  4.037   1.00 25.97 ? 236 LYS A CB   1 
ATOM   379  C  CG   . LYS A 1 25 ? -8.439  -0.493  5.457   1.00 30.09 ? 236 LYS A CG   1 
ATOM   380  C  CD   . LYS A 1 25 ? -7.732  0.471   6.364   1.00 35.62 ? 236 LYS A CD   1 
ATOM   381  C  CE   . LYS A 1 25 ? -8.091  1.901   6.025   1.00 41.92 ? 236 LYS A CE   1 
ATOM   382  N  NZ   . LYS A 1 25 ? -7.515  2.842   7.019   1.00 45.46 ? 236 LYS A NZ   1 
ATOM   383  H  H    . LYS A 1 25 ? -7.440  -2.908  3.911   1.00 27.88 ? 236 LYS A H    1 
ATOM   384  H  HA   . LYS A 1 25 ? -9.480  -1.336  3.069   1.00 27.31 ? 236 LYS A HA   1 
ATOM   385  H  HB2  . LYS A 1 25 ? -6.953  -0.528  4.064   1.00 31.16 ? 236 LYS A HB2  1 
ATOM   386  H  HB3  . LYS A 1 25 ? -8.133  0.468   3.687   1.00 31.16 ? 236 LYS A HB3  1 
ATOM   387  H  HG2  . LYS A 1 25 ? -9.386  -0.279  5.463   1.00 36.11 ? 236 LYS A HG2  1 
ATOM   388  H  HG3  . LYS A 1 25 ? -8.300  -1.390  5.799   1.00 36.11 ? 236 LYS A HG3  1 
ATOM   389  H  HD2  . LYS A 1 25 ? -7.991  0.300   7.282   1.00 42.74 ? 236 LYS A HD2  1 
ATOM   390  H  HD3  . LYS A 1 25 ? -6.773  0.364   6.264   1.00 42.74 ? 236 LYS A HD3  1 
ATOM   391  H  HE2  . LYS A 1 25 ? -7.738  2.124   5.150   1.00 50.30 ? 236 LYS A HE2  1 
ATOM   392  H  HE3  . LYS A 1 25 ? -9.055  2.002   6.031   1.00 50.30 ? 236 LYS A HE3  1 
ATOM   393  H  HZ1  . LYS A 1 25 ? -7.704  3.680   6.790   1.00 54.54 ? 236 LYS A HZ1  1 
ATOM   394  H  HZ2  . LYS A 1 25 ? -7.854  2.680   7.825   1.00 54.54 ? 236 LYS A HZ2  1 
ATOM   395  H  HZ3  . LYS A 1 25 ? -6.631  2.744   7.053   1.00 54.54 ? 236 LYS A HZ3  1 
ATOM   396  N  N    . GLY A 1 26 ? -8.482  -0.402  0.961   1.00 22.57 ? 237 GLY A N    1 
ATOM   397  C  CA   . GLY A 1 26 ? -8.030  -0.161  -0.389  1.00 22.71 ? 237 GLY A CA   1 
ATOM   398  C  C    . GLY A 1 26 ? -9.187  -0.032  -1.366  1.00 22.59 ? 237 GLY A C    1 
ATOM   399  O  O    . GLY A 1 26 ? -10.357 -0.036  -0.971  1.00 26.96 ? 237 GLY A O    1 
ATOM   400  H  H    . GLY A 1 26 ? -9.134  0.102   1.208   1.00 27.08 ? 237 GLY A H    1 
ATOM   401  H  HA2  . GLY A 1 26 ? -7.515  0.661   -0.414  1.00 27.25 ? 237 GLY A HA2  1 
ATOM   402  H  HA3  . GLY A 1 26 ? -7.466  -0.896  -0.677  1.00 27.25 ? 237 GLY A HA3  1 
ATOM   403  N  N    . PRO A 1 27 ? -8.889  0.055   -2.674  1.00 23.04 ? 238 PRO A N    1 
ATOM   404  C  CA   . PRO A 1 27 ? -7.554  -0.097  -3.260  1.00 21.32 ? 238 PRO A CA   1 
ATOM   405  C  C    . PRO A 1 27 ? -6.691  1.147   -3.070  1.00 21.23 ? 238 PRO A C    1 
ATOM   406  O  O    . PRO A 1 27 ? -7.203  2.270   -3.106  1.00 23.45 ? 238 PRO A O    1 
ATOM   407  C  CB   . PRO A 1 27 ? -7.849  -0.338  -4.744  1.00 23.17 ? 238 PRO A CB   1 
ATOM   408  C  CG   . PRO A 1 27 ? -9.137  0.408   -4.986  1.00 24.71 ? 238 PRO A CG   1 
ATOM   409  C  CD   . PRO A 1 27 ? -9.930  0.272   -3.699  1.00 25.13 ? 238 PRO A CD   1 
ATOM   410  H  HA   . PRO A 1 27 ? -7.097  -0.869  -2.891  1.00 25.59 ? 238 PRO A HA   1 
ATOM   411  H  HB2  . PRO A 1 27 ? -7.130  0.019   -5.289  1.00 27.80 ? 238 PRO A HB2  1 
ATOM   412  H  HB3  . PRO A 1 27 ? -7.956  -1.286  -4.914  1.00 27.80 ? 238 PRO A HB3  1 
ATOM   413  H  HG2  . PRO A 1 27 ? -8.947  1.340   -5.179  1.00 29.65 ? 238 PRO A HG2  1 
ATOM   414  H  HG3  . PRO A 1 27 ? -9.614  0.007   -5.729  1.00 29.65 ? 238 PRO A HG3  1 
ATOM   415  H  HD2  . PRO A 1 27 ? -10.430 1.083   -3.515  1.00 30.15 ? 238 PRO A HD2  1 
ATOM   416  H  HD3  . PRO A 1 27 ? -10.532 -0.487  -3.744  1.00 30.15 ? 238 PRO A HD3  1 
ATOM   417  N  N    . ALA A 1 28 ? -5.397  0.926   -2.831  1.00 18.91 ? 239 ALA A N    1 
ATOM   418  C  CA   . ALA A 1 28 ? -4.418  1.986   -2.680  1.00 17.80 ? 239 ALA A CA   1 
ATOM   419  C  C    . ALA A 1 28 ? -3.371  1.875   -3.780  1.00 17.12 ? 239 ALA A C    1 
ATOM   420  O  O    . ALA A 1 28 ? -3.230  0.844   -4.431  1.00 20.23 ? 239 ALA A O    1 
ATOM   421  C  CB   . ALA A 1 28 ? -3.699  1.872   -1.327  1.00 18.42 ? 239 ALA A CB   1 
ATOM   422  H  H    . ALA A 1 28 ? -5.058  0.140   -2.749  1.00 22.69 ? 239 ALA A H    1 
ATOM   423  H  HA   . ALA A 1 28 ? -4.866  2.845   -2.744  1.00 21.36 ? 239 ALA A HA   1 
ATOM   424  H  HB1  . ALA A 1 28 ? -3.052  2.591   -1.252  1.00 22.11 ? 239 ALA A HB1  1 
ATOM   425  H  HB2  . ALA A 1 28 ? -4.354  1.942   -0.614  1.00 22.11 ? 239 ALA A HB2  1 
ATOM   426  H  HB3  . ALA A 1 28 ? -3.249  1.015   -1.280  1.00 22.11 ? 239 ALA A HB3  1 
ATOM   427  N  N    . LYS A 1 29 ? -2.605  2.943   -3.949  1.00 16.82 ? 240 LYS A N    1 
ATOM   428  C  CA   . LYS A 1 29 ? -1.484  2.970   -4.876  1.00 18.17 ? 240 LYS A CA   1 
ATOM   429  C  C    . LYS A 1 29 ? -0.206  2.560   -4.156  1.00 16.86 ? 240 LYS A C    1 
ATOM   430  O  O    . LYS A 1 29 ? -0.059  2.771   -2.952  1.00 18.14 ? 240 LYS A O    1 
ATOM   431  C  CB   . LYS A 1 29 ? -1.300  4.373   -5.478  1.00 21.87 ? 240 LYS A CB   1 
ATOM   432  C  CG   . LYS A 1 29 ? -2.521  4.849   -6.264  1.00 26.40 ? 240 LYS A CG   1 
ATOM   433  C  CD   . LYS A 1 29 ? -2.511  6.329   -6.632  1.00 32.35 ? 240 LYS A CD   1 
ATOM   434  C  CE   . LYS A 1 29 ? -3.831  6.704   -7.316  1.00 36.98 ? 240 LYS A CE   1 
ATOM   435  N  NZ   . LYS A 1 29 ? -3.943  8.163   -7.578  1.00 40.67 ? 240 LYS A NZ   1 
ATOM   436  H  H    . LYS A 1 29 ? -2.718  3.684   -3.527  1.00 20.18 ? 240 LYS A H    1 
ATOM   437  H  HA   . LYS A 1 29 ? -1.654  2.349   -5.601  1.00 21.80 ? 240 LYS A HA   1 
ATOM   438  H  HB2  . LYS A 1 29 ? -1.141  5.006   -4.759  1.00 26.24 ? 240 LYS A HB2  1 
ATOM   439  H  HB3  . LYS A 1 29 ? -0.541  4.360   -6.082  1.00 26.24 ? 240 LYS A HB3  1 
ATOM   440  H  HG2  . LYS A 1 29 ? -2.571  4.346   -7.091  1.00 31.67 ? 240 LYS A HG2  1 
ATOM   441  H  HG3  . LYS A 1 29 ? -3.314  4.689   -5.729  1.00 31.67 ? 240 LYS A HG3  1 
ATOM   442  H  HD2  . LYS A 1 29 ? -2.413  6.865   -5.829  1.00 38.82 ? 240 LYS A HD2  1 
ATOM   443  H  HD3  . LYS A 1 29 ? -1.780  6.509   -7.243  1.00 38.82 ? 240 LYS A HD3  1 
ATOM   444  H  HE2  . LYS A 1 29 ? -3.889  6.241   -8.167  1.00 44.38 ? 240 LYS A HE2  1 
ATOM   445  H  HE3  . LYS A 1 29 ? -4.569  6.444   -6.745  1.00 44.38 ? 240 LYS A HE3  1 
ATOM   446  H  HZ1  . LYS A 1 29 ? -4.719  8.341   -7.976  1.00 48.81 ? 240 LYS A HZ1  1 
ATOM   447  H  HZ2  . LYS A 1 29 ? -3.900  8.614   -6.812  1.00 48.81 ? 240 LYS A HZ2  1 
ATOM   448  H  HZ3  . LYS A 1 29 ? -3.279  8.429   -8.108  1.00 48.81 ? 240 LYS A HZ3  1 
ATOM   449  N  N    . LEU A 1 30 ? 0.719   1.981   -4.914  1.00 17.51 ? 241 LEU A N    1 
ATOM   450  C  CA   . LEU A 1 30 ? 2.020   1.569   -4.392  1.00 16.89 ? 241 LEU A CA   1 
ATOM   451  C  C    . LEU A 1 30 ? 3.029   2.670   -4.695  1.00 17.52 ? 241 LEU A C    1 
ATOM   452  O  O    . LEU A 1 30 ? 3.174   3.074   -5.851  1.00 18.75 ? 241 LEU A O    1 
ATOM   453  C  CB   . LEU A 1 30 ? 2.452   0.262   -5.055  1.00 19.54 ? 241 LEU A CB   1 
ATOM   454  C  CG   . LEU A 1 30 ? 3.824   -0.233  -4.628  1.00 20.46 ? 241 LEU A CG   1 
ATOM   455  C  CD1  . LEU A 1 30 ? 3.787   -0.679  -3.188  1.00 20.34 ? 241 LEU A CD1  1 
ATOM   456  C  CD2  . LEU A 1 30 ? 4.263   -1.358  -5.514  1.00 22.58 ? 241 LEU A CD2  1 
ATOM   457  H  H    . LEU A 1 30 ? 0.614   1.812   -5.749  1.00 21.01 ? 241 LEU A H    1 
ATOM   458  H  HA   . LEU A 1 30 ? 1.977   1.440   -3.431  1.00 20.27 ? 241 LEU A HA   1 
ATOM   459  H  HB2  . LEU A 1 30 ? 1.807   -0.427  -4.830  1.00 23.44 ? 241 LEU A HB2  1 
ATOM   460  H  HB3  . LEU A 1 30 ? 2.473   0.394   -6.016  1.00 23.44 ? 241 LEU A HB3  1 
ATOM   461  H  HG   . LEU A 1 30 ? 4.469   0.488   -4.708  1.00 24.55 ? 241 LEU A HG   1 
ATOM   462  H  HD11 . LEU A 1 30 ? 4.655   -1.040  -2.947  1.00 24.41 ? 241 LEU A HD11 1 
ATOM   463  H  HD12 . LEU A 1 30 ? 3.579   0.083   -2.626  1.00 24.41 ? 241 LEU A HD12 1 
ATOM   464  H  HD13 . LEU A 1 30 ? 3.105   -1.362  -3.086  1.00 24.41 ? 241 LEU A HD13 1 
ATOM   465  H  HD21 . LEU A 1 30 ? 5.230   -1.430  -5.477  1.00 27.09 ? 241 LEU A HD21 1 
ATOM   466  H  HD22 . LEU A 1 30 ? 3.858   -2.182  -5.202  1.00 27.09 ? 241 LEU A HD22 1 
ATOM   467  H  HD23 . LEU A 1 30 ? 3.980   -1.173  -6.423  1.00 27.09 ? 241 LEU A HD23 1 
ATOM   468  N  N    . LEU A 1 31 ? 3.699   3.171   -3.649  1.00 17.10 ? 242 LEU A N    1 
ATOM   469  C  CA   . LEU A 1 31 ? 4.722   4.206   -3.827  1.00 17.73 ? 242 LEU A CA   1 
ATOM   470  C  C    . LEU A 1 31 ? 6.151   3.700   -3.689  1.00 18.06 ? 242 LEU A C    1 
ATOM   471  O  O    . LEU A 1 31 ? 7.063   4.325   -4.237  1.00 20.09 ? 242 LEU A O    1 
ATOM   472  C  CB   . LEU A 1 31 ? 4.529   5.350   -2.814  1.00 17.22 ? 242 LEU A CB   1 
ATOM   473  C  CG   . LEU A 1 31 ? 3.240   6.166   -2.874  1.00 20.32 ? 242 LEU A CG   1 
ATOM   474  C  CD1  . LEU A 1 31 ? 3.366   7.362   -1.931  1.00 20.05 ? 242 LEU A CD1  1 
ATOM   475  C  CD2  . LEU A 1 31 ? 2.850   6.628   -4.255  1.00 25.78 ? 242 LEU A CD2  1 
ATOM   476  H  H    . LEU A 1 31 ? 3.576   2.929   -2.833  1.00 20.52 ? 242 LEU A H    1 
ATOM   477  H  HA   . LEU A 1 31 ? 4.616   4.570   -4.720  1.00 21.27 ? 242 LEU A HA   1 
ATOM   478  H  HB2  . LEU A 1 31 ? 4.571   4.964   -1.925  1.00 20.67 ? 242 LEU A HB2  1 
ATOM   479  H  HB3  . LEU A 1 31 ? 5.259   5.977   -2.938  1.00 20.67 ? 242 LEU A HB3  1 
ATOM   480  H  HG   . LEU A 1 31 ? 2.518   5.580   -2.598  1.00 24.38 ? 242 LEU A HG   1 
ATOM   481  H  HD11 . LEU A 1 31 ? 2.580   7.921   -2.025  1.00 24.06 ? 242 LEU A HD11 1 
ATOM   482  H  HD12 . LEU A 1 31 ? 3.436   7.039   -1.019  1.00 24.06 ? 242 LEU A HD12 1 
ATOM   483  H  HD13 . LEU A 1 31 ? 4.161   7.866   -2.165  1.00 24.06 ? 242 LEU A HD13 1 
ATOM   484  H  HD21 . LEU A 1 31 ? 2.112   7.255   -4.181  1.00 30.93 ? 242 LEU A HD21 1 
ATOM   485  H  HD22 . LEU A 1 31 ? 3.612   7.062   -4.670  1.00 30.93 ? 242 LEU A HD22 1 
ATOM   486  H  HD23 . LEU A 1 31 ? 2.578   5.859   -4.781  1.00 30.93 ? 242 LEU A HD23 1 
ATOM   487  N  N    . TRP A 1 32 ? 6.371   2.598   -2.960  1.00 16.87 ? 243 TRP A N    1 
ATOM   488  C  CA   . TRP A 1 32 ? 7.726   2.131   -2.712  1.00 18.14 ? 243 TRP A CA   1 
ATOM   489  C  C    . TRP A 1 32 ? 7.649   0.695   -2.205  1.00 18.46 ? 243 TRP A C    1 
ATOM   490  O  O    . TRP A 1 32 ? 6.746   0.360   -1.430  1.00 18.22 ? 243 TRP A O    1 
ATOM   491  C  CB   . TRP A 1 32 ? 8.460   3.052   -1.707  1.00 17.59 ? 243 TRP A CB   1 
ATOM   492  C  CG   . TRP A 1 32 ? 9.864   2.574   -1.461  1.00 16.98 ? 243 TRP A CG   1 
ATOM   493  C  CD1  . TRP A 1 32 ? 10.324  1.896   -0.367  1.00 17.64 ? 243 TRP A CD1  1 
ATOM   494  C  CD2  . TRP A 1 32 ? 10.971  2.695   -2.352  1.00 16.69 ? 243 TRP A CD2  1 
ATOM   495  N  NE1  . TRP A 1 32 ? 11.653  1.579   -0.527  1.00 17.81 ? 243 TRP A NE1  1 
ATOM   496  C  CE2  . TRP A 1 32 ? 12.074  2.057   -1.749  1.00 16.26 ? 243 TRP A CE2  1 
ATOM   497  C  CE3  . TRP A 1 32 ? 11.145  3.276   -3.615  1.00 17.00 ? 243 TRP A CE3  1 
ATOM   498  C  CZ2  . TRP A 1 32 ? 13.324  1.992   -2.344  1.00 17.77 ? 243 TRP A CZ2  1 
ATOM   499  C  CZ3  . TRP A 1 32 ? 12.378  3.214   -4.206  1.00 18.74 ? 243 TRP A CZ3  1 
ATOM   500  C  CH2  . TRP A 1 32 ? 13.448  2.562   -3.585  1.00 18.39 ? 243 TRP A CH2  1 
ATOM   501  H  H    . TRP A 1 32 ? 5.755   2.115   -2.607  1.00 20.24 ? 243 TRP A H    1 
ATOM   502  H  HA   . TRP A 1 32 ? 8.241   2.129   -3.534  1.00 21.77 ? 243 TRP A HA   1 
ATOM   503  H  HB2  . TRP A 1 32 ? 8.501   3.953   -2.067  1.00 21.11 ? 243 TRP A HB2  1 
ATOM   504  H  HB3  . TRP A 1 32 ? 7.984   3.054   -0.863  1.00 21.11 ? 243 TRP A HB3  1 
ATOM   505  H  HD1  . TRP A 1 32 ? 9.813   1.680   0.378   1.00 21.17 ? 243 TRP A HD1  1 
ATOM   506  H  HE1  . TRP A 1 32 ? 12.140  1.153   0.040   1.00 21.37 ? 243 TRP A HE1  1 
ATOM   507  H  HE3  . TRP A 1 32 ? 10.434  3.696   -4.045  1.00 20.40 ? 243 TRP A HE3  1 
ATOM   508  H  HZ2  . TRP A 1 32 ? 14.043  1.580   -1.923  1.00 21.32 ? 243 TRP A HZ2  1 
ATOM   509  H  HZ3  . TRP A 1 32 ? 12.507  3.613   -5.036  1.00 22.49 ? 243 TRP A HZ3  1 
ATOM   510  H  HH2  . TRP A 1 32 ? 14.267  2.515   -4.024  1.00 22.07 ? 243 TRP A HH2  1 
ATOM   511  N  N    . LYS A 1 33 ? 8.563   -0.156  -2.684  1.00 21.19 ? 244 LYS A N    1 
ATOM   512  C  CA   . LYS A 1 33 ? 8.639   -1.558  -2.272  1.00 26.06 ? 244 LYS A CA   1 
ATOM   513  C  C    . LYS A 1 33 ? 9.984   -1.752  -1.586  1.00 24.80 ? 244 LYS A C    1 
ATOM   514  O  O    . LYS A 1 33 ? 11.030  -1.631  -2.230  1.00 26.80 ? 244 LYS A O    1 
ATOM   515  C  CB   . LYS A 1 33 ? 8.543   -2.510  -3.465  1.00 31.44 ? 244 LYS A CB   1 
ATOM   516  C  CG   . LYS A 1 33 ? 7.319   -2.352  -4.312  1.00 35.83 ? 244 LYS A CG   1 
ATOM   517  C  CD   . LYS A 1 33 ? 7.073   -3.593  -5.175  1.00 40.48 ? 244 LYS A CD   1 
ATOM   518  C  CE   . LYS A 1 33 ? 8.230   -3.879  -6.122  1.00 42.56 ? 244 LYS A CE   1 
ATOM   519  N  NZ   . LYS A 1 33 ? 8.008   -5.117  -6.932  1.00 43.70 ? 244 LYS A NZ   1 
ATOM   520  H  H    . LYS A 1 33 ? 9.162   0.065   -3.261  1.00 25.43 ? 244 LYS A H    1 
ATOM   521  H  HA   . LYS A 1 33 ? 7.908   -1.747  -1.663  1.00 31.27 ? 244 LYS A HA   1 
ATOM   522  H  HB2  . LYS A 1 33 ? 9.313   -2.362  -4.037  1.00 37.73 ? 244 LYS A HB2  1 
ATOM   523  H  HB3  . LYS A 1 33 ? 8.549   -3.421  -3.131  1.00 37.73 ? 244 LYS A HB3  1 
ATOM   524  H  HG2  . LYS A 1 33 ? 6.547   -2.220  -3.741  1.00 43.00 ? 244 LYS A HG2  1 
ATOM   525  H  HG3  . LYS A 1 33 ? 7.430   -1.589  -4.901  1.00 43.00 ? 244 LYS A HG3  1 
ATOM   526  H  HD2  . LYS A 1 33 ? 6.958   -4.364  -4.597  1.00 48.57 ? 244 LYS A HD2  1 
ATOM   527  H  HD3  . LYS A 1 33 ? 6.274   -3.456  -5.707  1.00 48.57 ? 244 LYS A HD3  1 
ATOM   528  H  HE2  . LYS A 1 33 ? 8.332   -3.133  -6.733  1.00 51.07 ? 244 LYS A HE2  1 
ATOM   529  H  HE3  . LYS A 1 33 ? 9.042   -3.998  -5.604  1.00 51.07 ? 244 LYS A HE3  1 
ATOM   530  H  HZ1  . LYS A 1 33 ? 8.701   -5.254  -7.473  1.00 52.44 ? 244 LYS A HZ1  1 
ATOM   531  H  HZ2  . LYS A 1 33 ? 7.918   -5.820  -6.394  1.00 52.44 ? 244 LYS A HZ2  1 
ATOM   532  H  HZ3  . LYS A 1 33 ? 7.271   -5.032  -7.422  1.00 52.44 ? 244 LYS A HZ3  1 
ATOM   533  N  N    . GLY A 1 34 ? 9.965   -2.036  -0.287  1.00 24.25 ? 245 GLY A N    1 
ATOM   534  C  CA   . GLY A 1 34 ? 11.169  -2.366  0.441   1.00 26.74 ? 245 GLY A CA   1 
ATOM   535  C  C    . GLY A 1 34 ? 11.199  -3.847  0.772   1.00 30.01 ? 245 GLY A C    1 
ATOM   536  O  O    . GLY A 1 34 ? 10.290  -4.607  0.447   1.00 31.54 ? 245 GLY A O    1 
ATOM   537  H  H    . GLY A 1 34 ? 9.252   -2.041  0.195   1.00 29.09 ? 245 GLY A H    1 
ATOM   538  H  HA2  . GLY A 1 34 ? 11.947  -2.148  -0.096  1.00 32.09 ? 245 GLY A HA2  1 
ATOM   539  H  HA3  . GLY A 1 34 ? 11.203  -1.859  1.266   1.00 32.09 ? 245 GLY A HA3  1 
ATOM   540  N  N    . GLU A 1 35 ? 12.274  -4.255  1.454   1.00 32.82 ? 246 GLU A N    1 
ATOM   541  C  CA   . GLU A 1 35 ? 12.482  -5.680  1.691   1.00 35.84 ? 246 GLU A CA   1 
ATOM   542  C  C    . GLU A 1 35 ? 11.425  -6.249  2.630   1.00 32.96 ? 246 GLU A C    1 
ATOM   543  O  O    . GLU A 1 35 ? 10.989  -7.394  2.461   1.00 36.43 ? 246 GLU A O    1 
ATOM   544  C  CB   . GLU A 1 35 ? 13.877  -5.921  2.264   1.00 44.45 ? 246 GLU A CB   1 
ATOM   545  C  CG   . GLU A 1 35 ? 14.171  -7.384  2.578   1.00 52.31 ? 246 GLU A CG   1 
ATOM   546  C  CD   . GLU A 1 35 ? 15.416  -7.900  1.876   1.00 58.96 ? 246 GLU A CD   1 
ATOM   547  O  OE1  . GLU A 1 35 ? 16.277  -7.079  1.492   1.00 61.74 ? 246 GLU A OE1  1 
ATOM   548  O  OE2  . GLU A 1 35 ? 15.530  -9.130  1.698   1.00 60.92 ? 246 GLU A OE2  1 
ATOM   549  H  H    . GLU A 1 35 ? 12.880  -3.741  1.781   1.00 39.39 ? 246 GLU A H    1 
ATOM   550  H  HA   . GLU A 1 35 ? 12.415  -6.146  0.842   1.00 43.01 ? 246 GLU A HA   1 
ATOM   551  H  HB2  . GLU A 1 35 ? 14.535  -5.619  1.619   1.00 53.34 ? 246 GLU A HB2  1 
ATOM   552  H  HB3  . GLU A 1 35 ? 13.966  -5.417  3.088   1.00 53.34 ? 246 GLU A HB3  1 
ATOM   553  H  HG2  . GLU A 1 35 ? 14.305  -7.481  3.534   1.00 62.77 ? 246 GLU A HG2  1 
ATOM   554  H  HG3  . GLU A 1 35 ? 13.419  -7.926  2.292   1.00 62.77 ? 246 GLU A HG3  1 
ATOM   555  N  N    . GLY A 1 36 ? 11.013  -5.471  3.628   1.00 26.20 ? 247 GLY A N    1 
ATOM   556  C  CA   . GLY A 1 36 ? 10.069  -5.942  4.621   1.00 24.94 ? 247 GLY A CA   1 
ATOM   557  C  C    . GLY A 1 36 ? 8.790   -5.136  4.700   1.00 23.17 ? 247 GLY A C    1 
ATOM   558  O  O    . GLY A 1 36 ? 7.885   -5.500  5.447   1.00 24.42 ? 247 GLY A O    1 
ATOM   559  H  H    . GLY A 1 36 ? 11.271  -4.660  3.748   1.00 31.44 ? 247 GLY A H    1 
ATOM   560  H  HA2  . GLY A 1 36 ? 9.830   -6.859  4.415   1.00 29.93 ? 247 GLY A HA2  1 
ATOM   561  H  HA3  . GLY A 1 36 ? 10.492  -5.914  5.493   1.00 29.93 ? 247 GLY A HA3  1 
ATOM   562  N  N    . ALA A 1 37 ? 8.691   -4.049  3.944   1.00 20.82 ? 248 ALA A N    1 
ATOM   563  C  CA   . ALA A 1 37 ? 7.527   -3.180  4.025   1.00 19.39 ? 248 ALA A CA   1 
ATOM   564  C  C    . ALA A 1 37 ? 7.307   -2.484  2.688   1.00 17.94 ? 248 ALA A C    1 
ATOM   565  O  O    . ALA A 1 37 ? 8.186   -2.449  1.829   1.00 19.44 ? 248 ALA A O    1 
ATOM   566  C  CB   . ALA A 1 37 ? 7.692   -2.125  5.127   1.00 20.27 ? 248 ALA A CB   1 
ATOM   567  H  H    . ALA A 1 37 ? 9.286   -3.793  3.376   1.00 24.98 ? 248 ALA A H    1 
ATOM   568  H  HA   . ALA A 1 37 ? 6.750   -3.728  4.215   1.00 23.28 ? 248 ALA A HA   1 
ATOM   569  H  HB1  . ALA A 1 37 ? 6.899   -1.567  5.151   1.00 24.32 ? 248 ALA A HB1  1 
ATOM   570  H  HB2  . ALA A 1 37 ? 7.806   -2.574  5.980   1.00 24.32 ? 248 ALA A HB2  1 
ATOM   571  H  HB3  . ALA A 1 37 ? 8.472   -1.583  4.932   1.00 24.32 ? 248 ALA A HB3  1 
ATOM   572  N  N    . VAL A 1 38 ? 6.117   -1.914  2.538   1.00 18.08 ? 249 VAL A N    1 
ATOM   573  C  CA   . VAL A 1 38 ? 5.770   -1.125  1.372   1.00 18.67 ? 249 VAL A CA   1 
ATOM   574  C  C    . VAL A 1 38 ? 5.208   0.213   1.835   1.00 16.87 ? 249 VAL A C    1 
ATOM   575  O  O    . VAL A 1 38 ? 4.739   0.373   2.968   1.00 18.08 ? 249 VAL A O    1 
ATOM   576  C  CB   . VAL A 1 38 ? 4.763   -1.835  0.437   1.00 19.30 ? 249 VAL A CB   1 
ATOM   577  C  CG1  . VAL A 1 38 ? 5.332   -3.159  -0.047  1.00 20.26 ? 249 VAL A CG1  1 
ATOM   578  C  CG2  . VAL A 1 38 ? 3.424   -2.040  1.161   1.00 20.28 ? 249 VAL A CG2  1 
ATOM   579  H  H    . VAL A 1 38 ? 5.481   -1.976  3.115   1.00 21.69 ? 249 VAL A H    1 
ATOM   580  H  HA   . VAL A 1 38 ? 6.577   -0.959  0.860   1.00 22.40 ? 249 VAL A HA   1 
ATOM   581  H  HB   . VAL A 1 38 ? 4.601   -1.280  -0.341  1.00 23.16 ? 249 VAL A HB   1 
ATOM   582  H  HG11 . VAL A 1 38 ? 4.701   -3.570  -0.659  1.00 24.32 ? 249 VAL A HG11 1 
ATOM   583  H  HG12 . VAL A 1 38 ? 6.173   -2.994  -0.502  1.00 24.32 ? 249 VAL A HG12 1 
ATOM   584  H  HG13 . VAL A 1 38 ? 5.478   -3.739  0.716   1.00 24.32 ? 249 VAL A HG13 1 
ATOM   585  H  HG21 . VAL A 1 38 ? 2.871   -2.641  0.637   1.00 24.34 ? 249 VAL A HG21 1 
ATOM   586  H  HG22 . VAL A 1 38 ? 3.593   -2.424  2.035   1.00 24.34 ? 249 VAL A HG22 1 
ATOM   587  H  HG23 . VAL A 1 38 ? 2.982   -1.183  1.256   1.00 24.34 ? 249 VAL A HG23 1 
ATOM   588  N  N    . VAL A 1 39 ? 5.284   1.187   0.935   1.00 15.35 ? 250 VAL A N    1 
ATOM   589  C  CA   . VAL A 1 39 ? 4.667   2.492   1.126   1.00 15.94 ? 250 VAL A CA   1 
ATOM   590  C  C    . VAL A 1 39 ? 3.490   2.575   0.174   1.00 16.78 ? 250 VAL A C    1 
ATOM   591  O  O    . VAL A 1 39 ? 3.632   2.318   -1.031  1.00 16.98 ? 250 VAL A O    1 
ATOM   592  C  CB   . VAL A 1 39 ? 5.665   3.635   0.864   1.00 16.70 ? 250 VAL A CB   1 
ATOM   593  C  CG1  . VAL A 1 39 ? 4.999   4.970   1.123   1.00 17.31 ? 250 VAL A CG1  1 
ATOM   594  C  CG2  . VAL A 1 39 ? 6.894   3.480   1.730   1.00 17.74 ? 250 VAL A CG2  1 
ATOM   595  H  H    . VAL A 1 39 ? 5.700   1.109   0.186   1.00 18.41 ? 250 VAL A H    1 
ATOM   596  H  HA   . VAL A 1 39 ? 4.350   2.575   2.038   1.00 19.13 ? 250 VAL A HA   1 
ATOM   597  H  HB   . VAL A 1 39 ? 5.946   3.603   -0.064  1.00 20.04 ? 250 VAL A HB   1 
ATOM   598  H  HG11 . VAL A 1 39 ? 5.672   5.668   1.093   1.00 20.77 ? 250 VAL A HG11 1 
ATOM   599  H  HG12 . VAL A 1 39 ? 4.329   5.126   0.439   1.00 20.77 ? 250 VAL A HG12 1 
ATOM   600  H  HG13 . VAL A 1 39 ? 4.581   4.950   1.998   1.00 20.77 ? 250 VAL A HG13 1 
ATOM   601  H  HG21 . VAL A 1 39 ? 7.472   4.247   1.597   1.00 21.29 ? 250 VAL A HG21 1 
ATOM   602  H  HG22 . VAL A 1 39 ? 6.620   3.429   2.659   1.00 21.29 ? 250 VAL A HG22 1 
ATOM   603  H  HG23 . VAL A 1 39 ? 7.358   2.668   1.477   1.00 21.29 ? 250 VAL A HG23 1 
ATOM   604  N  N    . ILE A 1 40 ? 2.321   2.901   0.708   1.00 17.14 ? 251 ILE A N    1 
ATOM   605  C  CA   . ILE A 1 40 ? 1.102   3.006   -0.080  1.00 17.66 ? 251 ILE A CA   1 
ATOM   606  C  C    . ILE A 1 40 ? 0.539   4.408   0.067   1.00 17.09 ? 251 ILE A C    1 
ATOM   607  O  O    . ILE A 1 40 ? 0.818   5.123   1.034   1.00 17.92 ? 251 ILE A O    1 
ATOM   608  C  CB   . ILE A 1 40 ? 0.052   1.939   0.322   1.00 18.21 ? 251 ILE A CB   1 
ATOM   609  C  CG1  . ILE A 1 40 ? -0.415  2.117   1.762   1.00 23.05 ? 251 ILE A CG1  1 
ATOM   610  C  CG2  . ILE A 1 40 ? 0.630   0.570   0.183   1.00 21.48 ? 251 ILE A CG2  1 
ATOM   611  C  CD1  . ILE A 1 40 ? -1.655  2.934   1.877   1.00 26.36 ? 251 ILE A CD1  1 
ATOM   612  H  H    . ILE A 1 40 ? 2.208   3.070   1.544   1.00 20.57 ? 251 ILE A H    1 
ATOM   613  H  HA   . ILE A 1 40 ? 1.319   2.874   -1.016  1.00 21.19 ? 251 ILE A HA   1 
ATOM   614  H  HB   . ILE A 1 40 ? -0.707  2.054   -0.274  1.00 21.86 ? 251 ILE A HB   1 
ATOM   615  H  HG12 . ILE A 1 40 ? -0.595  1.244   2.144   1.00 27.67 ? 251 ILE A HG12 1 
ATOM   616  H  HG13 . ILE A 1 40 ? 0.285   2.562   2.266   1.00 27.67 ? 251 ILE A HG13 1 
ATOM   617  H  HG21 . ILE A 1 40 ? -0.056  -0.085  0.389   1.00 25.77 ? 251 ILE A HG21 1 
ATOM   618  H  HG22 . ILE A 1 40 ? 0.940   0.449   -0.728  1.00 25.77 ? 251 ILE A HG22 1 
ATOM   619  H  HG23 . ILE A 1 40 ? 1.372   0.476   0.801   1.00 25.77 ? 251 ILE A HG23 1 
ATOM   620  H  HD11 . ILE A 1 40 ? -1.996  2.864   2.781   1.00 31.63 ? 251 ILE A HD11 1 
ATOM   621  H  HD12 . ILE A 1 40 ? -1.443  3.858   1.673   1.00 31.63 ? 251 ILE A HD12 1 
ATOM   622  H  HD13 . ILE A 1 40 ? -2.312  2.598   1.248   1.00 31.63 ? 251 ILE A HD13 1 
ATOM   623  N  N    . GLN A 1 41 ? -0.273  4.796   -0.917  1.00 16.63 ? 252 GLN A N    1 
ATOM   624  C  CA   . GLN A 1 41 ? -1.042  6.032   -0.847  1.00 15.90 ? 252 GLN A CA   1 
ATOM   625  C  C    . GLN A 1 41 ? -2.521  5.695   -1.006  1.00 16.21 ? 252 GLN A C    1 
ATOM   626  O  O    . GLN A 1 41 ? -2.934  5.167   -2.040  1.00 17.88 ? 252 GLN A O    1 
ATOM   627  C  CB   . GLN A 1 41 ? -0.624  7.066   -1.898  1.00 17.94 ? 252 GLN A CB   1 
ATOM   628  C  CG   . GLN A 1 41 ? -1.408  8.354   -1.669  1.00 18.81 ? 252 GLN A CG   1 
ATOM   629  C  CD   . GLN A 1 41 ? -0.893  9.589   -2.363  1.00 20.54 ? 252 GLN A CD   1 
ATOM   630  O  OE1  . GLN A 1 41 ? 0.161   9.574   -3.001  1.00 22.07 ? 252 GLN A OE1  1 
ATOM   631  N  NE2  . GLN A 1 41 ? -1.641  10.685  -2.223  1.00 23.87 ? 252 GLN A NE2  1 
ATOM   632  H  H    . GLN A 1 41 ? -0.392  4.351   -1.644  1.00 19.96 ? 252 GLN A H    1 
ATOM   633  H  HA   . GLN A 1 41 ? -0.888  6.429   0.024   1.00 19.08 ? 252 GLN A HA   1 
ATOM   634  H  HB2  . GLN A 1 41 ? 0.325   7.255   -1.816  1.00 21.52 ? 252 GLN A HB2  1 
ATOM   635  H  HB3  . GLN A 1 41 ? -0.819  6.731   -2.786  1.00 21.52 ? 252 GLN A HB3  1 
ATOM   636  H  HG2  . GLN A 1 41 ? -2.315  8.212   -1.978  1.00 22.57 ? 252 GLN A HG2  1 
ATOM   637  H  HG3  . GLN A 1 41 ? -1.406  8.542   -0.717  1.00 22.57 ? 252 GLN A HG3  1 
ATOM   638  H  HE21 . GLN A 1 41 ? -2.366  10.655  -1.760  1.00 28.64 ? 252 GLN A HE21 1 
ATOM   639  H  HE22 . GLN A 1 41 ? -1.400  11.421  -2.596  1.00 28.64 ? 252 GLN A HE22 1 
ATOM   640  N  N    . ASP A 1 42 ? -3.296  5.964   0.040   1.00 19.49 ? 253 ASP A N    1 
ATOM   641  C  CA   . ASP A 1 42 ? -4.738  5.723   0.050   1.00 21.41 ? 253 ASP A CA   1 
ATOM   642  C  C    . ASP A 1 42 ? -5.388  7.095   0.195   1.00 20.94 ? 253 ASP A C    1 
ATOM   643  O  O    . ASP A 1 42 ? -5.446  7.652   1.291   1.00 20.87 ? 253 ASP A O    1 
ATOM   644  C  CB   . ASP A 1 42 ? -5.078  4.769   1.196   1.00 23.39 ? 253 ASP A CB   1 
ATOM   645  C  CG   . ASP A 1 42 ? -6.547  4.397   1.243   1.00 28.17 ? 253 ASP A CG   1 
ATOM   646  O  OD1  . ASP A 1 42 ? -7.328  4.905   0.420   1.00 30.10 ? 253 ASP A OD1  1 
ATOM   647  O  OD2  . ASP A 1 42 ? -6.925  3.585   2.117   1.00 31.30 ? 253 ASP A OD2  1 
ATOM   648  H  H    . ASP A 1 42 ? -2.999  6.297   0.776   1.00 23.39 ? 253 ASP A H    1 
ATOM   649  H  HA   . ASP A 1 42 ? -5.054  5.322   -0.774  1.00 25.69 ? 253 ASP A HA   1 
ATOM   650  H  HB2  . ASP A 1 42 ? -4.565  3.953   1.087   1.00 28.07 ? 253 ASP A HB2  1 
ATOM   651  H  HB3  . ASP A 1 42 ? -4.851  5.194   2.037   1.00 28.07 ? 253 ASP A HB3  1 
ATOM   652  N  N    . ASN A 1 43 ? -5.862  7.653   -0.921  1.00 23.02 ? 254 ASN A N    1 
ATOM   653  C  CA   . ASN A 1 43 ? -6.363  9.030   -0.974  1.00 24.21 ? 254 ASN A CA   1 
ATOM   654  C  C    . ASN A 1 43 ? -5.266  9.966   -0.493  1.00 25.21 ? 254 ASN A C    1 
ATOM   655  O  O    . ASN A 1 43 ? -4.195  10.005  -1.133  1.00 27.59 ? 254 ASN A O    1 
ATOM   656  C  CB   . ASN A 1 43 ? -7.708  9.132   -0.252  1.00 26.30 ? 254 ASN A CB   1 
ATOM   657  C  CG   . ASN A 1 43 ? -8.770  8.251   -0.876  1.00 30.71 ? 254 ASN A CG   1 
ATOM   658  O  OD1  . ASN A 1 43 ? -8.856  8.135   -2.100  1.00 32.69 ? 254 ASN A OD1  1 
ATOM   659  N  ND2  . ASN A 1 43 ? -9.575  7.615   -0.036  1.00 32.15 ? 254 ASN A ND2  1 
ATOM   660  H  H    . ASN A 1 43 ? -5.903  7.243   -1.676  1.00 27.62 ? 254 ASN A H    1 
ATOM   661  H  HA   . ASN A 1 43 ? -6.523  9.240   -1.906  1.00 29.05 ? 254 ASN A HA   1 
ATOM   662  H  HB2  . ASN A 1 43 ? -7.593  8.857   0.671   1.00 31.56 ? 254 ASN A HB2  1 
ATOM   663  H  HB3  . ASN A 1 43 ? -8.018  10.050  -0.289  1.00 31.56 ? 254 ASN A HB3  1 
ATOM   664  H  HD21 . ASN A 1 43 ? -10.195 7.102   -0.340  1.00 38.58 ? 254 ASN A HD21 1 
ATOM   665  H  HD22 . ASN A 1 43 ? -9.477  7.715   0.813   1.00 38.58 ? 254 ASN A HD22 1 
ATOM   666  N  N    . SER A 1 44 ? -5.450  10.741  0.573   1.00 25.80 ? 255 SER A N    1 
ATOM   667  C  CA   . SER A 1 44 ? -4.423  11.677  1.011   1.00 26.67 ? 255 SER A CA   1 
ATOM   668  C  C    . SER A 1 44 ? -3.447  11.078  2.017   1.00 23.87 ? 255 SER A C    1 
ATOM   669  O  O    . SER A 1 44 ? -2.512  11.769  2.426   1.00 26.17 ? 255 SER A O    1 
ATOM   670  C  CB   . SER A 1 44 ? -5.044  12.956  1.588   1.00 29.30 ? 255 SER A CB   1 
ATOM   671  O  OG   . SER A 1 44 ? -5.588  13.753  0.553   1.00 34.99 ? 255 SER A OG   1 
ATOM   672  H  H    . SER A 1 44 ? -6.161  10.741  1.056   1.00 30.96 ? 255 SER A H    1 
ATOM   673  H  HA   . SER A 1 44 ? -3.913  11.938  0.229   1.00 32.01 ? 255 SER A HA   1 
ATOM   674  H  HB2  . SER A 1 44 ? -5.752  12.714  2.206   1.00 35.17 ? 255 SER A HB2  1 
ATOM   675  H  HB3  . SER A 1 44 ? -4.358  13.462  2.051   1.00 35.17 ? 255 SER A HB3  1 
ATOM   676  H  HG   . SER A 1 44 ? -6.183  13.324  0.143   1.00 41.98 ? 255 SER A HG   1 
ATOM   677  N  N    . ASP A 1 45 ? -3.612  9.808   2.387   1.00 22.38 ? 256 ASP A N    1 
ATOM   678  C  CA   . ASP A 1 45 ? -2.804  9.181   3.425   1.00 21.33 ? 256 ASP A CA   1 
ATOM   679  C  C    . ASP A 1 45 ? -1.715  8.325   2.801   1.00 19.72 ? 256 ASP A C    1 
ATOM   680  O  O    . ASP A 1 45 ? -2.010  7.362   2.090   1.00 21.93 ? 256 ASP A O    1 
ATOM   681  C  CB   . ASP A 1 45 ? -3.670  8.269   4.290   1.00 23.47 ? 256 ASP A CB   1 
ATOM   682  C  CG   . ASP A 1 45 ? -4.732  9.014   5.048   1.00 28.21 ? 256 ASP A CG   1 
ATOM   683  O  OD1  . ASP A 1 45 ? -4.434  10.069  5.624   1.00 27.08 ? 256 ASP A OD1  1 
ATOM   684  O  OD2  . ASP A 1 45 ? -5.886  8.539   5.068   1.00 30.55 ? 256 ASP A OD2  1 
ATOM   685  H  H    . ASP A 1 45 ? -4.198  9.282   2.042   1.00 26.85 ? 256 ASP A H    1 
ATOM   686  H  HA   . ASP A 1 45 ? -2.399  9.885   3.955   1.00 25.60 ? 256 ASP A HA   1 
ATOM   687  H  HB2  . ASP A 1 45 ? -4.111  7.619   3.719   1.00 28.16 ? 256 ASP A HB2  1 
ATOM   688  H  HB3  . ASP A 1 45 ? -3.105  7.815   4.934   1.00 28.16 ? 256 ASP A HB3  1 
ATOM   689  N  N    . ILE A 1 46 ? -0.460  8.651   3.100   1.00 17.69 ? 257 ILE A N    1 
ATOM   690  C  CA   . ILE A 1 46 ? 0.678   7.820   2.728   1.00 16.22 ? 257 ILE A CA   1 
ATOM   691  C  C    . ILE A 1 46 ? 1.114   7.046   3.963   1.00 17.89 ? 257 ILE A C    1 
ATOM   692  O  O    . ILE A 1 46 ? 1.393   7.641   5.012   1.00 18.40 ? 257 ILE A O    1 
ATOM   693  C  CB   . ILE A 1 46 ? 1.816   8.665   2.128   1.00 17.03 ? 257 ILE A CB   1 
ATOM   694  C  CG1  . ILE A 1 46 ? 1.352   9.254   0.784   1.00 19.76 ? 257 ILE A CG1  1 
ATOM   695  C  CG2  . ILE A 1 46 ? 3.052   7.831   1.936   1.00 17.25 ? 257 ILE A CG2  1 
ATOM   696  C  CD1  . ILE A 1 46 ? 2.365   10.131  0.035   1.00 23.18 ? 257 ILE A CD1  1 
ATOM   697  H  H    . ILE A 1 46 ? -0.242  9.364   3.528   1.00 21.23 ? 257 ILE A H    1 
ATOM   698  H  HA   . ILE A 1 46 ? 0.412   7.174   2.056   1.00 19.46 ? 257 ILE A HA   1 
ATOM   699  H  HB   . ILE A 1 46 ? 2.033   9.385   2.741   1.00 20.44 ? 257 ILE A HB   1 
ATOM   700  H  HG12 . ILE A 1 46 ? 1.124   8.518   0.195   1.00 23.71 ? 257 ILE A HG12 1 
ATOM   701  H  HG13 . ILE A 1 46 ? 0.569   9.802   0.949   1.00 23.71 ? 257 ILE A HG13 1 
ATOM   702  H  HG21 . ILE A 1 46 ? 3.718   8.358   1.469   1.00 20.70 ? 257 ILE A HG21 1 
ATOM   703  H  HG22 . ILE A 1 46 ? 3.390   7.564   2.805   1.00 20.70 ? 257 ILE A HG22 1 
ATOM   704  H  HG23 . ILE A 1 46 ? 2.824   7.046   1.414   1.00 20.70 ? 257 ILE A HG23 1 
ATOM   705  H  HD11 . ILE A 1 46 ? 1.905   10.612  -0.671  1.00 27.82 ? 257 ILE A HD11 1 
ATOM   706  H  HD12 . ILE A 1 46 ? 2.761   10.759  0.660   1.00 27.82 ? 257 ILE A HD12 1 
ATOM   707  H  HD13 . ILE A 1 46 ? 3.054   9.563   -0.345  1.00 27.82 ? 257 ILE A HD13 1 
ATOM   708  N  N    . LYS A 1 47 ? 1.139   5.716   3.851   1.00 17.63 ? 258 LYS A N    1 
ATOM   709  C  CA   . LYS A 1 47 ? 1.342   4.850   4.997   1.00 18.91 ? 258 LYS A CA   1 
ATOM   710  C  C    . LYS A 1 47 ? 2.389   3.787   4.703   1.00 16.42 ? 258 LYS A C    1 
ATOM   711  O  O    . LYS A 1 47 ? 2.535   3.323   3.565   1.00 17.59 ? 258 LYS A O    1 
ATOM   712  C  CB   . LYS A 1 47 ? 0.037   4.140   5.389   1.00 19.63 ? 258 LYS A CB   1 
ATOM   713  C  CG   . LYS A 1 47 ? -1.112  5.072   5.736   1.00 22.91 ? 258 LYS A CG   1 
ATOM   714  C  CD   . LYS A 1 47 ? -2.362  4.244   6.024   1.00 25.98 ? 258 LYS A CD   1 
ATOM   715  C  CE   . LYS A 1 47 ? -3.595  5.083   6.319   1.00 31.39 ? 258 LYS A CE   1 
ATOM   716  N  NZ   . LYS A 1 47 ? -4.810  4.212   6.556   1.00 35.31 ? 258 LYS A NZ   1 
ATOM   717  H  H    . LYS A 1 47 ? 1.041   5.294   3.109   1.00 21.15 ? 258 LYS A H    1 
ATOM   718  H  HA   . LYS A 1 47 ? 1.661   5.393   5.735   1.00 22.70 ? 258 LYS A HA   1 
ATOM   719  H  HB2  . LYS A 1 47 ? -0.250  3.587   4.645   1.00 23.56 ? 258 LYS A HB2  1 
ATOM   720  H  HB3  . LYS A 1 47 ? 0.209   3.586   6.167   1.00 23.56 ? 258 LYS A HB3  1 
ATOM   721  H  HG2  . LYS A 1 47 ? -0.889  5.591   6.525   1.00 27.49 ? 258 LYS A HG2  1 
ATOM   722  H  HG3  . LYS A 1 47 ? -1.292  5.665   4.990   1.00 27.49 ? 258 LYS A HG3  1 
ATOM   723  H  HD2  . LYS A 1 47 ? -2.557  3.693   5.250   1.00 31.18 ? 258 LYS A HD2  1 
ATOM   724  H  HD3  . LYS A 1 47 ? -2.194  3.683   6.797   1.00 31.18 ? 258 LYS A HD3  1 
ATOM   725  H  HE2  . LYS A 1 47 ? -3.440  5.614   7.115   1.00 37.66 ? 258 LYS A HE2  1 
ATOM   726  H  HE3  . LYS A 1 47 ? -3.778  5.663   5.563   1.00 37.66 ? 258 LYS A HE3  1 
ATOM   727  H  HZ1  . LYS A 1 47 ? -4.668  3.673   7.250   1.00 42.37 ? 258 LYS A HZ1  1 
ATOM   728  H  HZ2  . LYS A 1 47 ? -5.520  4.720   6.726   1.00 42.37 ? 258 LYS A HZ2  1 
ATOM   729  H  HZ3  . LYS A 1 47 ? -4.976  3.717   5.835   1.00 42.37 ? 258 LYS A HZ3  1 
ATOM   730  N  N    . VAL A 1 48 ? 3.086   3.381   5.758   1.00 16.08 ? 259 VAL A N    1 
ATOM   731  C  CA   . VAL A 1 48 ? 4.028   2.274   5.717   1.00 16.35 ? 259 VAL A CA   1 
ATOM   732  C  C    . VAL A 1 48 ? 3.311   1.042   6.233   1.00 17.33 ? 259 VAL A C    1 
ATOM   733  O  O    . VAL A 1 48 ? 2.748   1.054   7.337   1.00 18.82 ? 259 VAL A O    1 
ATOM   734  C  CB   . VAL A 1 48 ? 5.266   2.587   6.578   1.00 16.32 ? 259 VAL A CB   1 
ATOM   735  C  CG1  . VAL A 1 48 ? 6.183   1.373   6.644   1.00 18.37 ? 259 VAL A CG1  1 
ATOM   736  C  CG2  . VAL A 1 48 ? 6.001   3.826   6.048   1.00 19.14 ? 259 VAL A CG2  1 
ATOM   737  H  H    . VAL A 1 48 ? 3.026   3.746   6.535   1.00 19.29 ? 259 VAL A H    1 
ATOM   738  H  HA   . VAL A 1 48 ? 4.317   2.112   4.806   1.00 19.63 ? 259 VAL A HA   1 
ATOM   739  H  HB   . VAL A 1 48 ? 4.982   2.791   7.483   1.00 19.58 ? 259 VAL A HB   1 
ATOM   740  H  HG11 . VAL A 1 48 ? 7.048   1.647   6.987   1.00 22.04 ? 259 VAL A HG11 1 
ATOM   741  H  HG12 . VAL A 1 48 ? 5.788   0.711   7.235   1.00 22.04 ? 259 VAL A HG12 1 
ATOM   742  H  HG13 . VAL A 1 48 ? 6.282   1.003   5.753   1.00 22.04 ? 259 VAL A HG13 1 
ATOM   743  H  HG21 . VAL A 1 48 ? 6.794   3.976   6.583   1.00 22.97 ? 259 VAL A HG21 1 
ATOM   744  H  HG22 . VAL A 1 48 ? 6.250   3.672   5.122   1.00 22.97 ? 259 VAL A HG22 1 
ATOM   745  H  HG23 . VAL A 1 48 ? 5.411   4.593   6.107   1.00 22.97 ? 259 VAL A HG23 1 
ATOM   746  N  N    . VAL A 1 49 ? 3.351   -0.029  5.440   1.00 16.95 ? 260 VAL A N    1 
ATOM   747  C  CA   . VAL A 1 49 ? 2.637   -1.270  5.736   1.00 17.78 ? 260 VAL A CA   1 
ATOM   748  C  C    . VAL A 1 49 ? 3.624   -2.427  5.683   1.00 18.31 ? 260 VAL A C    1 
ATOM   749  O  O    . VAL A 1 49 ? 4.305   -2.599  4.654   1.00 18.97 ? 260 VAL A O    1 
ATOM   750  C  CB   . VAL A 1 49 ? 1.492   -1.483  4.722   1.00 18.74 ? 260 VAL A CB   1 
ATOM   751  C  CG1  . VAL A 1 49 ? 0.748   -2.766  5.021   1.00 20.59 ? 260 VAL A CG1  1 
ATOM   752  C  CG2  . VAL A 1 49 ? 0.554   -0.278  4.717   1.00 20.47 ? 260 VAL A CG2  1 
ATOM   753  H  H    . VAL A 1 49 ? 3.798   -0.062  4.706   1.00 20.34 ? 260 VAL A H    1 
ATOM   754  H  HA   . VAL A 1 49 ? 2.265   -1.224  6.631   1.00 21.33 ? 260 VAL A HA   1 
ATOM   755  H  HB   . VAL A 1 49 ? 1.867   -1.565  3.831   1.00 22.49 ? 260 VAL A HB   1 
ATOM   756  H  HG11 . VAL A 1 49 ? -0.025  -2.825  4.438   1.00 24.71 ? 260 VAL A HG11 1 
ATOM   757  H  HG12 . VAL A 1 49 ? 1.340   -3.518  4.863   1.00 24.71 ? 260 VAL A HG12 1 
ATOM   758  H  HG13 . VAL A 1 49 ? 0.464   -2.757  5.948   1.00 24.71 ? 260 VAL A HG13 1 
ATOM   759  H  HG21 . VAL A 1 49 ? -0.199  -0.467  4.138   1.00 24.56 ? 260 VAL A HG21 1 
ATOM   760  H  HG22 . VAL A 1 49 ? 0.244   -0.116  5.622   1.00 24.56 ? 260 VAL A HG22 1 
ATOM   761  H  HG23 . VAL A 1 49 ? 1.038   0.497   4.390   1.00 24.56 ? 260 VAL A HG23 1 
ATOM   762  N  N    . PRO A 1 50 ? 3.752   -3.244  6.738   1.00 18.81 ? 261 PRO A N    1 
ATOM   763  C  CA   . PRO A 1 50 ? 4.604   -4.437  6.645   1.00 19.12 ? 261 PRO A CA   1 
ATOM   764  C  C    . PRO A 1 50 ? 4.095   -5.357  5.544   1.00 19.25 ? 261 PRO A C    1 
ATOM   765  O  O    . PRO A 1 50 ? 2.899   -5.443  5.303   1.00 19.49 ? 261 PRO A O    1 
ATOM   766  C  CB   . PRO A 1 50 ? 4.459   -5.098  8.020   1.00 21.44 ? 261 PRO A CB   1 
ATOM   767  C  CG   . PRO A 1 50 ? 3.880   -4.076  8.885   1.00 24.50 ? 261 PRO A CG   1 
ATOM   768  C  CD   . PRO A 1 50 ? 3.114   -3.126  8.062   1.00 20.98 ? 261 PRO A CD   1 
ATOM   769  H  HA   . PRO A 1 50 ? 5.533   -4.197  6.497   1.00 22.94 ? 261 PRO A HA   1 
ATOM   770  H  HB2  . PRO A 1 50 ? 3.871   -5.867  7.953   1.00 25.73 ? 261 PRO A HB2  1 
ATOM   771  H  HB3  . PRO A 1 50 ? 5.330   -5.373  8.344   1.00 25.73 ? 261 PRO A HB3  1 
ATOM   772  H  HG2  . PRO A 1 50 ? 3.295   -4.505  9.528   1.00 29.40 ? 261 PRO A HG2  1 
ATOM   773  H  HG3  . PRO A 1 50 ? 4.597   -3.613  9.347   1.00 29.40 ? 261 PRO A HG3  1 
ATOM   774  H  HD2  . PRO A 1 50 ? 2.178   -3.380  8.020   1.00 25.18 ? 261 PRO A HD2  1 
ATOM   775  H  HD3  . PRO A 1 50 ? 3.197   -2.223  8.407   1.00 25.18 ? 261 PRO A HD3  1 
ATOM   776  N  N    . ARG A 1 51 ? 5.015   -6.062  4.892   1.00 20.69 ? 262 ARG A N    1 
ATOM   777  C  CA   . ARG A 1 51 ? 4.613   -6.912  3.779   1.00 22.05 ? 262 ARG A CA   1 
ATOM   778  C  C    . ARG A 1 51 ? 3.547   -7.919  4.173   1.00 21.47 ? 262 ARG A C    1 
ATOM   779  O  O    . ARG A 1 51 ? 2.666   -8.220  3.363   1.00 24.63 ? 262 ARG A O    1 
ATOM   780  C  CB   . ARG A 1 51 ? 5.824   -7.604  3.166   1.00 24.93 ? 262 ARG A CB   1 
ATOM   781  C  CG   . ARG A 1 51 ? 6.506   -6.716  2.164   1.00 27.05 ? 262 ARG A CG   1 
ATOM   782  C  CD   . ARG A 1 51 ? 7.594   -7.453  1.480   1.00 30.02 ? 262 ARG A CD   1 
ATOM   783  N  NE   . ARG A 1 51 ? 8.267   -6.645  0.479   1.00 30.90 ? 262 ARG A NE   1 
ATOM   784  C  CZ   . ARG A 1 51 ? 7.942   -6.628  -0.807  1.00 32.78 ? 262 ARG A CZ   1 
ATOM   785  N  NH1  . ARG A 1 51 ? 6.927   -7.360  -1.252  1.00 32.53 ? 262 ARG A NH1  1 
ATOM   786  N  NH2  . ARG A 1 51 ? 8.633   -5.876  -1.649  1.00 34.63 ? 262 ARG A NH2  1 
ATOM   787  H  H    . ARG A 1 51 ? 5.856   -6.067  5.068   1.00 24.84 ? 262 ARG A H    1 
ATOM   788  H  HA   . ARG A 1 51 ? 4.228   -6.345  3.093   1.00 26.46 ? 262 ARG A HA   1 
ATOM   789  H  HB2  . ARG A 1 51 ? 6.460   -7.821  3.864   1.00 29.92 ? 262 ARG A HB2  1 
ATOM   790  H  HB3  . ARG A 1 51 ? 5.537   -8.413  2.714   1.00 29.92 ? 262 ARG A HB3  1 
ATOM   791  H  HG2  . ARG A 1 51 ? 5.864   -6.424  1.498   1.00 32.46 ? 262 ARG A HG2  1 
ATOM   792  H  HG3  . ARG A 1 51 ? 6.889   -5.948  2.616   1.00 32.46 ? 262 ARG A HG3  1 
ATOM   793  H  HD2  . ARG A 1 51 ? 8.253   -7.729  2.137   1.00 36.03 ? 262 ARG A HD2  1 
ATOM   794  H  HD3  . ARG A 1 51 ? 7.221   -8.232  1.038   1.00 36.03 ? 262 ARG A HD3  1 
ATOM   795  H  HE   . ARG A 1 51 ? 8.918   -6.145  0.737   1.00 37.08 ? 262 ARG A HE   1 
ATOM   796  H  HH11 . ARG A 1 51 ? 6.477   -7.848  -0.705  1.00 39.04 ? 262 ARG A HH11 1 
ATOM   797  H  HH12 . ARG A 1 51 ? 6.720   -7.345  -2.087  1.00 39.04 ? 262 ARG A HH12 1 
ATOM   798  H  HH21 . ARG A 1 51 ? 9.290   -5.401  -1.362  1.00 41.56 ? 262 ARG A HH21 1 
ATOM   799  H  HH22 . ARG A 1 51 ? 8.425   -5.863  -2.483  1.00 41.56 ? 262 ARG A HH22 1 
ATOM   800  N  N    . ARG A 1 52 ? 3.594   -8.440  5.398   1.00 20.98 ? 263 ARG A N    1 
ATOM   801  C  CA   . ARG A 1 52 ? 2.606   -9.440  5.802   1.00 22.44 ? 263 ARG A CA   1 
ATOM   802  C  C    . ARG A 1 52 ? 1.198   -8.861  5.891   1.00 23.52 ? 263 ARG A C    1 
ATOM   803  O  O    . ARG A 1 52 ? 0.226   -9.631  5.927   1.00 25.36 ? 263 ARG A O    1 
ATOM   804  C  CB   . ARG A 1 52 ? 2.987   -10.058 7.152   1.00 27.29 ? 263 ARG A CB   1 
ATOM   805  C  CG   . ARG A 1 52 ? 2.961   -9.078  8.297   1.00 29.56 ? 263 ARG A CG   1 
ATOM   806  C  CD   . ARG A 1 52 ? 3.318   -9.762  9.602   1.00 33.47 ? 263 ARG A CD   1 
ATOM   807  N  NE   . ARG A 1 52 ? 3.105   -8.906  10.766  1.00 35.53 ? 263 ARG A NE   1 
ATOM   808  C  CZ   . ARG A 1 52 ? 3.954   -7.969  11.177  1.00 38.40 ? 263 ARG A CZ   1 
ATOM   809  N  NH1  . ARG A 1 52 ? 5.078   -7.748  10.506  1.00 38.14 ? 263 ARG A NH1  1 
ATOM   810  N  NH2  . ARG A 1 52 ? 3.681   -7.247  12.259  1.00 40.20 ? 263 ARG A NH2  1 
ATOM   811  H  H    . ARG A 1 52 ? 4.172   -8.239  6.002   1.00 25.18 ? 263 ARG A H    1 
ATOM   812  H  HA   . ARG A 1 52 ? 2.605   -10.147 5.138   1.00 26.93 ? 263 ARG A HA   1 
ATOM   813  H  HB2  . ARG A 1 52 ? 2.359   -10.769 7.357   1.00 32.75 ? 263 ARG A HB2  1 
ATOM   814  H  HB3  . ARG A 1 52 ? 3.885   -10.416 7.088   1.00 32.75 ? 263 ARG A HB3  1 
ATOM   815  H  HG2  . ARG A 1 52 ? 3.607   -8.373  8.134   1.00 35.47 ? 263 ARG A HG2  1 
ATOM   816  H  HG3  . ARG A 1 52 ? 2.072   -8.701  8.381   1.00 35.47 ? 263 ARG A HG3  1 
ATOM   817  H  HD2  . ARG A 1 52 ? 2.765   -10.553 9.707   1.00 40.16 ? 263 ARG A HD2  1 
ATOM   818  H  HD3  . ARG A 1 52 ? 4.255   -10.012 9.583   1.00 40.16 ? 263 ARG A HD3  1 
ATOM   819  H  HE   . ARG A 1 52 ? 2.380   -9.014  11.216  1.00 42.63 ? 263 ARG A HE   1 
ATOM   820  H  HH11 . ARG A 1 52 ? 5.258   -8.211  9.803   1.00 45.77 ? 263 ARG A HH11 1 
ATOM   821  H  HH12 . ARG A 1 52 ? 5.626   -7.142  10.773  1.00 45.77 ? 263 ARG A HH12 1 
ATOM   822  H  HH21 . ARG A 1 52 ? 2.953   -7.383  12.696  1.00 48.25 ? 263 ARG A HH21 1 
ATOM   823  H  HH22 . ARG A 1 52 ? 4.233   -6.641  12.522  1.00 48.25 ? 263 ARG A HH22 1 
ATOM   824  N  N    . LYS A 1 53 ? 1.068   -7.530  5.915   1.00 22.25 ? 264 LYS A N    1 
ATOM   825  C  CA   . LYS A 1 53 ? -0.227  -6.860  5.980   1.00 21.95 ? 264 LYS A CA   1 
ATOM   826  C  C    . LYS A 1 53 ? -0.607  -6.203  4.661   1.00 21.24 ? 264 LYS A C    1 
ATOM   827  O  O    . LYS A 1 53 ? -1.518  -5.360  4.621   1.00 21.27 ? 264 LYS A O    1 
ATOM   828  C  CB   . LYS A 1 53 ? -0.232  -5.817  7.099   1.00 22.86 ? 264 LYS A CB   1 
ATOM   829  C  CG   . LYS A 1 53 ? -0.132  -6.402  8.523   1.00 28.77 ? 264 LYS A CG   1 
ATOM   830  C  CD   . LYS A 1 53 ? -0.041  -5.258  9.549   1.00 33.56 ? 264 LYS A CD   1 
ATOM   831  C  CE   . LYS A 1 53 ? -0.657  -5.594  10.903  1.00 38.97 ? 264 LYS A CE   1 
ATOM   832  N  NZ   . LYS A 1 53 ? -0.478  -7.018  11.268  1.00 40.76 ? 264 LYS A NZ   1 
ATOM   833  H  H    . LYS A 1 53 ? 1.734   -6.986  5.896   1.00 26.70 ? 264 LYS A H    1 
ATOM   834  H  HA   . LYS A 1 53 ? -0.904  -7.523  6.187   1.00 26.34 ? 264 LYS A HA   1 
ATOM   835  H  HB2  . LYS A 1 53 ? 0.526   -5.225  6.971   1.00 27.44 ? 264 LYS A HB2  1 
ATOM   836  H  HB3  . LYS A 1 53 ? -1.059  -5.313  7.047   1.00 27.44 ? 264 LYS A HB3  1 
ATOM   837  H  HG2  . LYS A 1 53 ? -0.921  -6.932  8.716   1.00 34.52 ? 264 LYS A HG2  1 
ATOM   838  H  HG3  . LYS A 1 53 ? 0.664   -6.951  8.596   1.00 34.52 ? 264 LYS A HG3  1 
ATOM   839  H  HD2  . LYS A 1 53 ? 0.893   -5.044  9.696   1.00 40.28 ? 264 LYS A HD2  1 
ATOM   840  H  HD3  . LYS A 1 53 ? -0.507  -4.484  9.196   1.00 40.28 ? 264 LYS A HD3  1 
ATOM   841  H  HE2  . LYS A 1 53 ? -0.236  -5.051  11.587  1.00 46.76 ? 264 LYS A HE2  1 
ATOM   842  H  HE3  . LYS A 1 53 ? -1.609  -5.408  10.872  1.00 46.76 ? 264 LYS A HE3  1 
ATOM   843  H  HZ1  . LYS A 1 53 ? 0.387   -7.228  11.258  1.00 48.91 ? 264 LYS A HZ1  1 
ATOM   844  H  HZ2  . LYS A 1 53 ? -0.801  -7.166  12.083  1.00 48.91 ? 264 LYS A HZ2  1 
ATOM   845  H  HZ3  . LYS A 1 53 ? -0.908  -7.538  10.687  1.00 48.91 ? 264 LYS A HZ3  1 
ATOM   846  N  N    . ALA A 1 54 ? 0.084   -6.552  3.580   1.00 20.89 ? 265 ALA A N    1 
ATOM   847  C  CA   . ALA A 1 54 ? -0.157  -5.952  2.278   1.00 21.50 ? 265 ALA A CA   1 
ATOM   848  C  C    . ALA A 1 54 ? -0.516  -7.039  1.286   1.00 23.02 ? 265 ALA A C    1 
ATOM   849  O  O    . ALA A 1 54 ? 0.085   -8.116  1.291   1.00 25.45 ? 265 ALA A O    1 
ATOM   850  C  CB   . ALA A 1 54 ? 1.072   -5.218  1.748   1.00 21.02 ? 265 ALA A CB   1 
ATOM   851  H  H    . ALA A 1 54 ? 0.707   -7.144  3.580   1.00 25.07 ? 265 ALA A H    1 
ATOM   852  H  HA   . ALA A 1 54 ? -0.887  -5.318  2.361   1.00 25.80 ? 265 ALA A HA   1 
ATOM   853  H  HB1  . ALA A 1 54 ? 0.862   -4.837  0.881   1.00 25.22 ? 265 ALA A HB1  1 
ATOM   854  H  HB2  . ALA A 1 54 ? 1.312   -4.513  2.370   1.00 25.22 ? 265 ALA A HB2  1 
ATOM   855  H  HB3  . ALA A 1 54 ? 1.804   -5.849  1.664   1.00 25.22 ? 265 ALA A HB3  1 
ATOM   856  N  N    . LYS A 1 55 ? -1.500  -6.732  0.448   1.00 24.53 ? 266 LYS A N    1 
ATOM   857  C  CA   . LYS A 1 55 ? -1.882  -7.551  -0.693  1.00 25.37 ? 266 LYS A CA   1 
ATOM   858  C  C    . LYS A 1 55 ? -1.532  -6.754  -1.938  1.00 22.44 ? 266 LYS A C    1 
ATOM   859  O  O    . LYS A 1 55 ? -2.262  -5.835  -2.335  1.00 20.61 ? 266 LYS A O    1 
ATOM   860  C  CB   . LYS A 1 55 ? -3.372  -7.856  -0.660  1.00 30.06 ? 266 LYS A CB   1 
ATOM   861  C  CG   . LYS A 1 55 ? -3.679  -9.230  -0.123  1.00 36.15 ? 266 LYS A CG   1 
ATOM   862  C  CD   . LYS A 1 55 ? -4.988  -9.752  -0.699  1.00 41.42 ? 266 LYS A CD   1 
ATOM   863  C  CE   . LYS A 1 55 ? -5.226  -11.227 -0.361  1.00 46.62 ? 266 LYS A CE   1 
ATOM   864  N  NZ   . LYS A 1 55 ? -6.365  -11.832 -1.127  1.00 50.60 ? 266 LYS A NZ   1 
ATOM   865  H  H    . LYS A 1 55 ? -1.979  -6.023  0.527   1.00 29.44 ? 266 LYS A H    1 
ATOM   866  H  HA   . LYS A 1 55 ? -1.390  -8.387  -0.682  1.00 30.44 ? 266 LYS A HA   1 
ATOM   867  H  HB2  . LYS A 1 55 ? -3.814  -7.207  -0.092  1.00 36.08 ? 266 LYS A HB2  1 
ATOM   868  H  HB3  . LYS A 1 55 ? -3.724  -7.801  -1.563  1.00 36.08 ? 266 LYS A HB3  1 
ATOM   869  H  HG2  . LYS A 1 55 ? -2.969  -9.842  -0.371  1.00 43.38 ? 266 LYS A HG2  1 
ATOM   870  H  HG3  . LYS A 1 55 ? -3.761  -9.190  0.842   1.00 43.38 ? 266 LYS A HG3  1 
ATOM   871  H  HD2  . LYS A 1 55 ? -5.724  -9.237  -0.334  1.00 49.71 ? 266 LYS A HD2  1 
ATOM   872  H  HD3  . LYS A 1 55 ? -4.968  -9.664  -1.665  1.00 49.71 ? 266 LYS A HD3  1 
ATOM   873  H  HE2  . LYS A 1 55 ? -4.425  -11.732 -0.571  1.00 55.94 ? 266 LYS A HE2  1 
ATOM   874  H  HE3  . LYS A 1 55 ? -5.429  -11.304 0.585   1.00 55.94 ? 266 LYS A HE3  1 
ATOM   875  H  HZ1  . LYS A 1 55 ? -6.464  -12.686 -0.899  1.00 60.71 ? 266 LYS A HZ1  1 
ATOM   876  H  HZ2  . LYS A 1 55 ? -7.119  -11.396 -0.946  1.00 60.71 ? 266 LYS A HZ2  1 
ATOM   877  H  HZ3  . LYS A 1 55 ? -6.204  -11.782 -2.000  1.00 60.71 ? 266 LYS A HZ3  1 
ATOM   878  N  N    . ILE A 1 56 ? -0.425  -7.119  -2.554  1.00 24.37 ? 267 ILE A N    1 
ATOM   879  C  CA   . ILE A 1 56 ? 0.091   -6.398  -3.704  1.00 24.37 ? 267 ILE A CA   1 
ATOM   880  C  C    . ILE A 1 56 ? -0.466  -7.069  -4.952  1.00 24.11 ? 267 ILE A C    1 
ATOM   881  O  O    . ILE A 1 56 ? -0.168  -8.230  -5.230  1.00 24.53 ? 267 ILE A O    1 
ATOM   882  C  CB   . ILE A 1 56 ? 1.622   -6.406  -3.703  1.00 27.27 ? 267 ILE A CB   1 
ATOM   883  C  CG1  . ILE A 1 56 ? 2.199   -5.738  -2.441  1.00 28.60 ? 267 ILE A CG1  1 
ATOM   884  C  CG2  . ILE A 1 56 ? 2.110   -5.746  -4.958  1.00 28.86 ? 267 ILE A CG2  1 
ATOM   885  C  CD1  . ILE A 1 56 ? 3.696   -5.980  -2.311  1.00 28.46 ? 267 ILE A CD1  1 
ATOM   886  H  H    . ILE A 1 56 ? 0.055   -7.792  -2.320  1.00 29.25 ? 267 ILE A H    1 
ATOM   887  H  HA   . ILE A 1 56 ? -0.217  -5.478  -3.689  1.00 29.24 ? 267 ILE A HA   1 
ATOM   888  H  HB   . ILE A 1 56 ? 1.931   -7.325  -3.682  1.00 32.72 ? 267 ILE A HB   1 
ATOM   889  H  HG12 . ILE A 1 56 ? 2.048   -4.781  -2.489  1.00 34.32 ? 267 ILE A HG12 1 
ATOM   890  H  HG13 . ILE A 1 56 ? 1.762   -6.104  -1.656  1.00 34.32 ? 267 ILE A HG13 1 
ATOM   891  H  HG21 . ILE A 1 56 ? 3.080   -5.729  -4.949  1.00 34.63 ? 267 ILE A HG21 1 
ATOM   892  H  HG22 . ILE A 1 56 ? 1.794   -6.249  -5.724  1.00 34.63 ? 267 ILE A HG22 1 
ATOM   893  H  HG23 . ILE A 1 56 ? 1.765   -4.839  -4.991  1.00 34.63 ? 267 ILE A HG23 1 
ATOM   894  H  HD11 . ILE A 1 56 ? 3.985   -5.704  -1.426  1.00 34.15 ? 267 ILE A HD11 1 
ATOM   895  H  HD12 . ILE A 1 56 ? 3.875   -6.924  -2.439  1.00 34.15 ? 267 ILE A HD12 1 
ATOM   896  H  HD13 . ILE A 1 56 ? 4.159   -5.461  -2.987  1.00 34.15 ? 267 ILE A HD13 1 
ATOM   897  N  N    . ILE A 1 57 ? -1.268  -6.338  -5.706  1.00 23.45 ? 268 ILE A N    1 
ATOM   898  C  CA   . ILE A 1 57 ? -1.982  -6.894  -6.848  1.00 24.41 ? 268 ILE A CA   1 
ATOM   899  C  C    . ILE A 1 57 ? -1.418  -6.270  -8.112  1.00 27.07 ? 268 ILE A C    1 
ATOM   900  O  O    . ILE A 1 57 ? -1.468  -5.046  -8.292  1.00 28.73 ? 268 ILE A O    1 
ATOM   901  C  CB   . ILE A 1 57 ? -3.492  -6.662  -6.713  1.00 27.33 ? 268 ILE A CB   1 
ATOM   902  C  CG1  . ILE A 1 57 ? -4.009  -7.362  -5.449  1.00 27.77 ? 268 ILE A CG1  1 
ATOM   903  C  CG2  . ILE A 1 57 ? -4.228  -7.212  -7.900  1.00 30.23 ? 268 ILE A CG2  1 
ATOM   904  C  CD1  . ILE A 1 57 ? -5.496  -7.164  -5.212  1.00 29.74 ? 268 ILE A CD1  1 
ATOM   905  H  H    . ILE A 1 57 ? -1.418  -5.501  -5.574  1.00 28.14 ? 268 ILE A H    1 
ATOM   906  H  HA   . ILE A 1 57 ? -1.824  -7.849  -6.907  1.00 29.29 ? 268 ILE A HA   1 
ATOM   907  H  HB   . ILE A 1 57 ? -3.644  -5.706  -6.658  1.00 32.80 ? 268 ILE A HB   1 
ATOM   908  H  HG12 . ILE A 1 57 ? -3.845  -8.314  -5.530  1.00 33.32 ? 268 ILE A HG12 1 
ATOM   909  H  HG13 . ILE A 1 57 ? -3.535  -7.007  -4.679  1.00 33.32 ? 268 ILE A HG13 1 
ATOM   910  H  HG21 . ILE A 1 57 ? -5.182  -7.116  -7.753  1.00 36.28 ? 268 ILE A HG21 1 
ATOM   911  H  HG22 . ILE A 1 57 ? -3.965  -6.717  -8.692  1.00 36.28 ? 268 ILE A HG22 1 
ATOM   912  H  HG23 . ILE A 1 57 ? -4.002  -8.149  -8.007  1.00 36.28 ? 268 ILE A HG23 1 
ATOM   913  H  HD11 . ILE A 1 57 ? -5.710  -7.434  -4.305  1.00 35.69 ? 268 ILE A HD11 1 
ATOM   914  H  HD12 . ILE A 1 57 ? -5.714  -6.227  -5.339  1.00 35.69 ? 268 ILE A HD12 1 
ATOM   915  H  HD13 . ILE A 1 57 ? -5.991  -7.708  -5.844  1.00 35.69 ? 268 ILE A HD13 1 
ATOM   916  N  N    . ARG A 1 58 ? -0.867  -7.116  -8.974  1.00 28.52 ? 269 ARG A N    1 
ATOM   917  C  CA   . ARG A 1 58 ? -0.438  -6.684  -10.293 1.00 32.57 ? 269 ARG A CA   1 
ATOM   918  C  C    . ARG A 1 58 ? -1.666  -6.353  -11.130 1.00 32.90 ? 269 ARG A C    1 
ATOM   919  O  O    . ARG A 1 58 ? -2.607  -7.149  -11.214 1.00 33.86 ? 269 ARG A O    1 
ATOM   920  C  CB   . ARG A 1 58 ? 0.354   -7.805  -10.958 1.00 36.22 ? 269 ARG A CB   1 
ATOM   921  C  CG   . ARG A 1 58 ? 1.635   -8.173  -10.241 1.00 38.64 ? 269 ARG A CG   1 
ATOM   922  C  CD   . ARG A 1 58 ? 2.746   -7.198  -10.581 1.00 41.63 ? 269 ARG A CD   1 
ATOM   923  N  NE   . ARG A 1 58 ? 3.994   -7.512  -9.891  1.00 43.84 ? 269 ARG A NE   1 
ATOM   924  C  CZ   . ARG A 1 58 ? 5.176   -7.009  -10.233 1.00 45.36 ? 269 ARG A CZ   1 
ATOM   925  N  NH1  . ARG A 1 58 ? 5.267   -6.179  -11.264 1.00 45.22 ? 269 ARG A NH1  1 
ATOM   926  N  NH2  . ARG A 1 58 ? 6.268   -7.339  -9.555  1.00 45.80 ? 269 ARG A NH2  1 
ATOM   927  H  H    . ARG A 1 58 ? -0.729  -7.950  -8.818  1.00 34.22 ? 269 ARG A H    1 
ATOM   928  H  HA   . ARG A 1 58 ? 0.126   -5.898  -10.227 1.00 39.08 ? 269 ARG A HA   1 
ATOM   929  H  HB2  . ARG A 1 58 ? -0.203  -8.599  -10.992 1.00 43.46 ? 269 ARG A HB2  1 
ATOM   930  H  HB3  . ARG A 1 58 ? 0.589   -7.527  -11.856 1.00 43.46 ? 269 ARG A HB3  1 
ATOM   931  H  HG2  . ARG A 1 58 ? 1.488   -8.148  -9.283  1.00 46.38 ? 269 ARG A HG2  1 
ATOM   932  H  HG3  . ARG A 1 58 ? 1.913   -9.062  -10.511 1.00 46.38 ? 269 ARG A HG3  1 
ATOM   933  H  HD2  . ARG A 1 58 ? 2.914   -7.229  -11.536 1.00 49.95 ? 269 ARG A HD2  1 
ATOM   934  H  HD3  . ARG A 1 58 ? 2.474   -6.304  -10.321 1.00 49.95 ? 269 ARG A HD3  1 
ATOM   935  H  HE   . ARG A 1 58 ? 3.963   -8.053  -9.224  1.00 52.61 ? 269 ARG A HE   1 
ATOM   936  H  HH11 . ARG A 1 58 ? 4.561   -5.968  -11.708 1.00 54.26 ? 269 ARG A HH11 1 
ATOM   937  H  HH12 . ARG A 1 58 ? 6.030   -5.852  -11.488 1.00 54.26 ? 269 ARG A HH12 1 
ATOM   938  H  HH21 . ARG A 1 58 ? 6.213   -7.882  -8.889  1.00 54.95 ? 269 ARG A HH21 1 
ATOM   939  H  HH22 . ARG A 1 58 ? 7.031   -7.012  -9.781  1.00 54.95 ? 269 ARG A HH22 1 
ATOM   940  N  N    . ASP A 1 59 ? -1.648  -5.182  -11.750 1.00 36.30 ? 270 ASP A N    1 
ATOM   941  C  CA   . ASP A 1 59 ? -2.803  -4.661  -12.467 1.00 42.49 ? 270 ASP A CA   1 
ATOM   942  C  C    . ASP A 1 59 ? -2.309  -4.063  -13.779 1.00 44.67 ? 270 ASP A C    1 
ATOM   943  O  O    . ASP A 1 59 ? -3.025  -3.315  -14.441 1.00 46.69 ? 270 ASP A O    1 
ATOM   944  C  CB   . ASP A 1 59 ? -3.526  -3.586  -11.647 1.00 47.87 ? 270 ASP A CB   1 
ATOM   945  C  CG   . ASP A 1 59 ? -4.919  -3.280  -12.186 1.00 52.12 ? 270 ASP A CG   1 
ATOM   946  O  OD1  . ASP A 1 59 ? -5.377  -4.023  -13.079 1.00 53.04 ? 270 ASP A OD1  1 
ATOM   947  O  OD2  . ASP A 1 59 ? -5.553  -2.301  -11.726 1.00 53.96 ? 270 ASP A OD2  1 
ATOM   948  H  H    . ASP A 1 59 ? -0.966  -4.659  -11.772 1.00 43.56 ? 270 ASP A H    1 
ATOM   949  H  HA   . ASP A 1 59 ? -3.447  -5.367  -12.635 1.00 50.99 ? 270 ASP A HA   1 
ATOM   950  H  HB2  . ASP A 1 59 ? -3.618  -3.895  -10.731 1.00 57.45 ? 270 ASP A HB2  1 
ATOM   951  H  HB3  . ASP A 1 59 ? -3.006  -2.767  -11.669 1.00 57.45 ? 270 ASP A HB3  1 
HETATM 952  NI NI   . NI  B 2 .  ? 5.377   14.272  0.364   0.33 19.63 ? 301 NI  A NI   1 
HETATM 953  O  O    . HOH C 3 .  ? -1.149  2.649   -13.075 1.00 46.73 ? 401 HOH A O    1 
HETATM 954  O  O    . HOH C 3 .  ? -4.018  -5.902  10.970  1.00 50.94 ? 402 HOH A O    1 
HETATM 955  O  O    . HOH C 3 .  ? 10.938  -8.685  0.363   1.00 53.10 ? 403 HOH A O    1 
HETATM 956  O  O    . HOH C 3 .  ? 0.076   9.151   -9.224  1.00 32.88 ? 404 HOH A O    1 
HETATM 957  O  O    . HOH C 3 .  ? 8.176   -6.815  7.687   1.00 47.75 ? 405 HOH A O    1 
HETATM 958  O  O    . HOH C 3 .  ? 5.548   -0.654  -12.910 1.00 31.98 ? 406 HOH A O    1 
HETATM 959  O  O    . HOH C 3 .  ? -6.535  5.497   5.034   1.00 47.80 ? 407 HOH A O    1 
HETATM 960  O  O    . HOH C 3 .  ? 0.489   0.535   8.639   1.00 48.54 ? 408 HOH A O    1 
HETATM 961  O  O    . HOH C 3 .  ? 2.759   6.912   -12.007 1.00 28.97 ? 409 HOH A O    1 
HETATM 962  O  O    . HOH C 3 .  ? 0.335   -12.299 6.194   1.00 56.69 ? 410 HOH A O    1 
HETATM 963  O  O    . HOH C 3 .  ? -12.962 -0.607  -1.313  1.00 57.54 ? 411 HOH A O    1 
HETATM 964  O  O    . HOH C 3 .  ? -7.223  -3.127  8.541   1.00 27.73 ? 412 HOH A O    1 
HETATM 965  O  O    . HOH C 3 .  ? -0.121  -1.967  8.754   1.00 28.37 ? 413 HOH A O    1 
HETATM 966  O  O    . HOH C 3 .  ? 0.393   1.804   -7.715  1.00 19.54 ? 414 HOH A O    1 
HETATM 967  O  O    . HOH C 3 .  ? 4.030   7.217   5.533   1.00 38.51 ? 415 HOH A O    1 
HETATM 968  O  O    . HOH C 3 .  ? -6.755  11.403  5.065   1.00 48.76 ? 416 HOH A O    1 
HETATM 969  O  O    . HOH C 3 .  ? 2.829   -8.916  0.719   1.00 42.79 ? 417 HOH A O    1 
HETATM 970  O  O    . HOH C 3 .  ? -8.164  9.373   6.373   1.00 50.24 ? 418 HOH A O    1 
HETATM 971  O  O    . HOH C 3 .  ? 1.492   9.220   -11.703 1.00 29.83 ? 419 HOH A O    1 
HETATM 972  O  O    . HOH C 3 .  ? 0.171   8.591   -5.682  1.00 29.79 ? 420 HOH A O    1 
HETATM 973  O  O    . HOH C 3 .  ? 5.353   -9.433  -0.157  1.00 47.34 ? 421 HOH A O    1 
HETATM 974  O  O    . HOH C 3 .  ? 6.051   20.706  -1.490  1.00 48.03 ? 422 HOH A O    1 
HETATM 975  O  O    . HOH C 3 .  ? 7.316   8.704   -3.371  1.00 23.92 ? 423 HOH A O    1 
HETATM 976  O  O    . HOH C 3 .  ? 11.606  -2.805  4.412   1.00 55.31 ? 424 HOH A O    1 
HETATM 977  O  O    . HOH C 3 .  ? 3.849   1.503   9.942   1.00 48.03 ? 425 HOH A O    1 
HETATM 978  O  O    . HOH C 3 .  ? 0.931   -2.203  10.954  1.00 52.85 ? 426 HOH A O    1 
HETATM 979  O  O    . HOH C 3 .  ? 1.435   12.231  -3.543  1.00 24.79 ? 427 HOH A O    1 
HETATM 980  O  O    . HOH C 3 .  ? 3.092   -4.606  -12.361 1.00 37.72 ? 428 HOH A O    1 
HETATM 981  O  O    . HOH C 3 .  ? 2.656   4.757   8.269   1.00 22.22 ? 429 HOH A O    1 
HETATM 982  O  O    . HOH C 3 .  ? 1.081   -9.394  -1.563  1.00 38.56 ? 430 HOH A O    1 
HETATM 983  O  O    . HOH C 3 .  ? -10.535 1.385   2.009   1.00 54.81 ? 431 HOH A O    1 
HETATM 984  O  O    . HOH C 3 .  ? 2.078   -9.550  -6.603  1.00 56.83 ? 432 HOH A O    1 
HETATM 985  O  O    . HOH C 3 .  ? -0.700  -9.799  10.227  1.00 38.37 ? 433 HOH A O    1 
HETATM 986  O  O    . HOH C 3 .  ? 10.351  0.501   -4.989  1.00 27.25 ? 434 HOH A O    1 
HETATM 987  O  O    . HOH C 3 .  ? -3.177  1.827   -9.760  1.00 52.99 ? 435 HOH A O    1 
HETATM 988  O  O    . HOH C 3 .  ? 6.091   3.445   -12.627 1.00 37.29 ? 436 HOH A O    1 
HETATM 989  O  O    . HOH C 3 .  ? -10.997 -2.966  0.400   1.00 56.47 ? 437 HOH A O    1 
HETATM 990  O  O    . HOH C 3 .  ? 1.466   7.298   -16.505 1.00 55.62 ? 438 HOH A O    1 
HETATM 991  O  O    . HOH C 3 .  ? -11.823 -7.652  4.480   1.00 42.77 ? 439 HOH A O    1 
HETATM 992  O  O    . HOH C 3 .  ? -7.850  10.860  2.508   1.00 41.64 ? 440 HOH A O    1 
HETATM 993  O  O    . HOH C 3 .  ? 14.061  -1.942  2.576   1.00 32.00 ? 441 HOH A O    1 
HETATM 994  O  O    . HOH C 3 .  ? 2.905   -11.405 12.672  1.00 39.77 ? 442 HOH A O    1 
HETATM 995  O  O    . HOH C 3 .  ? -1.314  13.526  -3.545  1.00 49.38 ? 443 HOH A O    1 
HETATM 996  O  O    . HOH C 3 .  ? 6.101   -8.554  7.349   1.00 25.82 ? 444 HOH A O    1 
HETATM 997  O  O    . HOH C 3 .  ? -3.043  14.224  -1.433  1.00 55.12 ? 445 HOH A O    1 
HETATM 998  O  O    . HOH C 3 .  ? 14.462  0.796   1.056   0.33 12.12 ? 446 HOH A O    1 
HETATM 999  O  O    . HOH C 3 .  ? -7.672  0.892   -12.610 1.00 53.84 ? 447 HOH A O    1 
HETATM 1000 O  O    . HOH C 3 .  ? 5.937   -10.728 11.925  1.00 34.08 ? 448 HOH A O    1 
HETATM 1001 O  O    . HOH C 3 .  ? 8.004   -4.029  8.618   1.00 53.06 ? 449 HOH A O    1 
HETATM 1002 O  O    . HOH C 3 .  ? -9.905  0.795   -11.661 1.00 49.01 ? 450 HOH A O    1 
HETATM 1003 O  O    . HOH C 3 .  ? 4.931   -3.249  -14.076 1.00 53.65 ? 451 HOH A O    1 
HETATM 1004 O  O    . HOH C 3 .  ? -0.136  9.089   -13.691 1.00 34.35 ? 452 HOH A O    1 
HETATM 1005 O  O    . HOH C 3 .  ? 5.067   -9.823  14.476  1.00 25.85 ? 453 HOH A O    1 
HETATM 1006 O  O    . HOH C 3 .  ? 5.391   -10.475 -2.733  1.00 46.96 ? 454 HOH A O    1 
HETATM 1007 O  O    . HOH C 3 .  ? 6.621   -10.723 5.536   1.00 44.08 ? 455 HOH A O    1 
HETATM 1008 O  O    . HOH C 3 .  ? 7.130   8.142   -0.207  1.00 51.61 ? 456 HOH A O    1 
HETATM 1009 O  O    . HOH C 3 .  ? 3.064   -2.015  11.955  1.00 53.79 ? 457 HOH A O    1 
HETATM 1010 O  O    . HOH C 3 .  ? 11.458  5.252   0.827   0.33 44.69 ? 458 HOH A O    1 
HETATM 1011 O  O    . HOH C 3 .  ? 5.428   -7.304  15.946  1.00 44.73 ? 459 HOH A O    1 
HETATM 1012 O  O    . HOH C 3 .  ? 2.150   9.756   -15.317 1.00 49.71 ? 460 HOH A O    1 
HETATM 1013 O  O    . HOH C 3 .  ? 3.223   -12.924 4.578   1.00 57.54 ? 461 HOH A O    1 
HETATM 1014 O  O    . HOH C 3 .  ? -0.311  11.658  -14.178 1.00 51.87 ? 462 HOH A O    1 
HETATM 1015 O  O    . HOH C 3 .  ? -10.007 8.031   7.433   1.00 49.94 ? 463 HOH A O    1 
HETATM 1016 O  O    . HOH C 3 .  ? -0.108  4.605   9.159   1.00 46.33 ? 464 HOH A O    1 
HETATM 1017 O  O    . HOH C 3 .  ? 16.149  -2.952  4.346   1.00 52.38 ? 465 HOH A O    1 
HETATM 1018 O  O    . HOH C 3 .  ? -15.802 -4.859  4.715   0.33 52.15 ? 466 HOH A O    1 
HETATM 1019 O  O    . HOH C 3 .  ? -0.386  11.011  -16.574 1.00 47.74 ? 467 HOH A O    1 
HETATM 1020 O  O    . HOH C 3 .  ? -16.065 -3.829  6.965   1.00 56.01 ? 468 HOH A O    1 
# 
loop_
_atom_site_anisotrop.id 
_atom_site_anisotrop.type_symbol 
_atom_site_anisotrop.pdbx_label_atom_id 
_atom_site_anisotrop.pdbx_label_alt_id 
_atom_site_anisotrop.pdbx_label_comp_id 
_atom_site_anisotrop.pdbx_label_asym_id 
_atom_site_anisotrop.pdbx_label_seq_id 
_atom_site_anisotrop.pdbx_PDB_ins_code 
_atom_site_anisotrop.U[1][1] 
_atom_site_anisotrop.U[2][2] 
_atom_site_anisotrop.U[3][3] 
_atom_site_anisotrop.U[1][2] 
_atom_site_anisotrop.U[1][3] 
_atom_site_anisotrop.U[2][3] 
_atom_site_anisotrop.pdbx_auth_seq_id 
_atom_site_anisotrop.pdbx_auth_comp_id 
_atom_site_anisotrop.pdbx_auth_asym_id 
_atom_site_anisotrop.pdbx_auth_atom_id 
1    N  N   . HIS A 4  ? 0.3761 0.3727 0.2908 0.0559  -0.0085 -0.0174 215 HIS A N   
2    C  CA  . HIS A 4  ? 0.3659 0.2874 0.2647 0.0177  -0.0055 0.0213  215 HIS A CA  
3    C  C   . HIS A 4  ? 0.3141 0.2985 0.2617 0.0221  0.0137  0.0273  215 HIS A C   
4    O  O   . HIS A 4  ? 0.2872 0.3095 0.3068 0.0303  0.0598  0.0214  215 HIS A O   
5    C  CB  . HIS A 4  ? 0.3319 0.2713 0.3028 -0.0213 0.0121  0.0180  215 HIS A CB  
6    C  CG  . HIS A 4  ? 0.2962 0.2553 0.2775 -0.0307 0.0061  -0.0017 215 HIS A CG  
7    N  ND1 . HIS A 4  ? 0.2990 0.2353 0.2718 -0.0450 0.0013  -0.0181 215 HIS A ND1 
8    C  CD2 . HIS A 4  ? 0.2794 0.2374 0.2518 -0.0105 -0.0122 -0.0199 215 HIS A CD2 
9    C  CE1 . HIS A 4  ? 0.2884 0.2380 0.2542 -0.0345 0.0239  -0.0264 215 HIS A CE1 
10   N  NE2 . HIS A 4  ? 0.2763 0.2535 0.2705 0.0221  -0.0202 -0.0357 215 HIS A NE2 
17   N  N   . HIS A 5  ? 0.2605 0.2771 0.2621 -0.0208 0.0081  0.0417  216 HIS A N   
18   C  CA  . HIS A 5  ? 0.2524 0.3246 0.2557 0.0114  -0.0171 0.0291  216 HIS A CA  
19   C  C   . HIS A 5  ? 0.2195 0.2887 0.2512 -0.0140 0.0329  0.0268  216 HIS A C   
20   O  O   . HIS A 5  ? 0.2213 0.3015 0.2669 -0.0110 0.0444  0.0554  216 HIS A O   
21   C  CB  . HIS A 5  ? 0.2394 0.3451 0.2906 0.0069  -0.0129 -0.0032 216 HIS A CB  
22   C  CG  . HIS A 5  ? 0.2705 0.3805 0.3091 0.0085  -0.0533 -0.0311 216 HIS A CG  
23   N  ND1 . HIS A 5  ? 0.2575 0.3999 0.3369 -0.0162 -0.0292 -0.0434 216 HIS A ND1 
24   C  CD2 . HIS A 5  ? 0.2533 0.3798 0.3174 0.0212  -0.0589 -0.0212 216 HIS A CD2 
25   C  CE1 . HIS A 5  ? 0.2422 0.3779 0.3436 -0.0156 -0.0189 -0.0305 216 HIS A CE1 
26   N  NE2 . HIS A 5  ? 0.2496 0.4174 0.3317 0.0371  -0.0493 -0.0578 216 HIS A NE2 
34   N  N   . HIS A 6  ? 0.2195 0.2873 0.2287 -0.0341 0.0047  0.0217  217 HIS A N   
35   C  CA  . HIS A 6  ? 0.2248 0.2580 0.2303 -0.0590 0.0255  0.0011  217 HIS A CA  
36   C  C   . HIS A 6  ? 0.2670 0.2842 0.2238 -0.0446 0.0050  -0.0087 217 HIS A C   
37   O  O   . HIS A 6  ? 0.2392 0.3298 0.2707 -0.0746 0.0197  0.0114  217 HIS A O   
38   C  CB  . HIS A 6  ? 0.2379 0.2188 0.2157 -0.0649 0.0213  0.0095  217 HIS A CB  
39   C  CG  . HIS A 6  ? 0.2281 0.2249 0.2553 -0.0424 0.0062  0.0055  217 HIS A CG  
40   N  ND1 . HIS A 6  ? 0.2531 0.2580 0.2139 -0.0380 0.0013  0.0073  217 HIS A ND1 
41   C  CD2 . HIS A 6  ? 0.2739 0.2648 0.1984 0.0012  -0.0131 -0.0035 217 HIS A CD2 
42   C  CE1 . HIS A 6  ? 0.2984 0.2077 0.1943 -0.0119 0.0043  -0.0097 217 HIS A CE1 
43   N  NE2 . HIS A 6  ? 0.2711 0.2375 0.2084 0.0162  -0.0274 -0.0102 217 HIS A NE2 
51   N  N   . HIS A 7  ? 0.2459 0.2678 0.1790 -0.0517 0.0132  0.0053  218 HIS A N   
52   C  CA  . HIS A 7  ? 0.2343 0.2977 0.1817 -0.0453 0.0011  0.0043  218 HIS A CA  
53   C  C   . HIS A 7  ? 0.2242 0.2725 0.1952 -0.0550 -0.0142 0.0143  218 HIS A C   
54   O  O   . HIS A 7  ? 0.2311 0.2505 0.2345 -0.0226 -0.0039 0.0167  218 HIS A O   
55   C  CB  . HIS A 7  ? 0.2194 0.2939 0.2026 -0.0316 0.0075  0.0337  218 HIS A CB  
56   C  CG  . HIS A 7  ? 0.2127 0.2890 0.2122 -0.0223 -0.0147 0.0560  218 HIS A CG  
57   N  ND1 . HIS A 7  ? 0.2750 0.2960 0.2397 -0.0625 -0.0356 0.0521  218 HIS A ND1 
58   C  CD2 . HIS A 7  ? 0.2105 0.3015 0.2601 -0.0515 -0.0053 0.0757  218 HIS A CD2 
59   C  CE1 . HIS A 7  ? 0.3335 0.3115 0.2582 -0.0646 -0.0592 0.0546  218 HIS A CE1 
60   N  NE2 . HIS A 7  ? 0.2607 0.3223 0.2787 -0.0471 -0.0354 0.0578  218 HIS A NE2 
68   N  N   . HIS A 8  ? 0.2520 0.2819 0.1916 -0.0467 -0.0234 0.0156  219 HIS A N   
69   C  CA  . HIS A 8  ? 0.2138 0.2853 0.1972 -0.0676 -0.0122 0.0179  219 HIS A CA  
70   C  C   . HIS A 8  ? 0.2280 0.3218 0.1601 -0.0764 0.0082  0.0458  219 HIS A C   
71   O  O   . HIS A 8  ? 0.2731 0.3048 0.2118 -0.0834 -0.0081 0.0342  219 HIS A O   
72   C  CB  . HIS A 8  ? 0.2499 0.3146 0.2081 -0.0775 -0.0264 0.0032  219 HIS A CB  
73   C  CG  . HIS A 8  ? 0.2578 0.3156 0.2634 -0.0871 -0.0378 0.0259  219 HIS A CG  
74   N  ND1 . HIS A 8  ? 0.3162 0.3372 0.2879 -0.0712 -0.0449 -0.0109 219 HIS A ND1 
75   C  CD2 . HIS A 8  ? 0.3132 0.3099 0.2943 -0.0775 -0.0675 0.0400  219 HIS A CD2 
76   C  CE1 . HIS A 8  ? 0.3298 0.3508 0.3013 -0.0716 -0.0672 0.0124  219 HIS A CE1 
77   N  NE2 . HIS A 8  ? 0.3375 0.3106 0.3049 -0.0755 -0.0867 0.0117  219 HIS A NE2 
85   N  N   . ILE A 9  ? 0.2729 0.2984 0.1487 -0.0497 0.0094  0.0353  220 ILE A N   
86   C  CA  . ILE A 9  ? 0.2974 0.2833 0.1815 -0.0547 0.0210  0.0251  220 ILE A CA  
87   C  C   . ILE A 9  ? 0.3345 0.3085 0.1927 -0.0370 0.0076  -0.0039 220 ILE A C   
88   O  O   . ILE A 9  ? 0.3088 0.3043 0.2180 -0.0728 0.0263  -0.0007 220 ILE A O   
89   C  CB  . ILE A 9  ? 0.2854 0.2870 0.2262 -0.0669 0.0325  0.0224  220 ILE A CB  
90   C  CG1 . ILE A 9  ? 0.2788 0.3123 0.2294 -0.0637 0.0355  0.0406  220 ILE A CG1 
91   C  CG2 . ILE A 9  ? 0.3072 0.3049 0.2461 -0.0633 0.0380  -0.0193 220 ILE A CG2 
92   C  CD1 . ILE A 9  ? 0.2761 0.3478 0.2322 -0.0509 0.0469  0.0133  220 ILE A CD1 
104  N  N   . GLN A 10 ? 0.4097 0.3373 0.1546 -0.0436 0.0021  -0.0044 221 GLN A N   
105  C  CA  . GLN A 10 ? 0.4364 0.3959 0.1556 -0.0543 -0.0159 -0.0304 221 GLN A CA  
106  C  C   . GLN A 10 ? 0.3941 0.4007 0.1826 -0.0728 0.0146  -0.0187 221 GLN A C   
107  O  O   . GLN A 10 ? 0.4020 0.3561 0.2047 -0.0833 0.0165  -0.0266 221 GLN A O   
108  C  CB  . GLN A 10 ? 0.5173 0.4760 0.1899 -0.0638 -0.0398 -0.0477 221 GLN A CB  
109  C  CG  . GLN A 10 ? 0.5721 0.5398 0.2599 -0.0707 -0.0793 -0.0322 221 GLN A CG  
110  C  CD  . GLN A 10 ? 0.6324 0.6300 0.3587 -0.0787 -0.1342 -0.0483 221 GLN A CD  
111  O  OE1 . GLN A 10 ? 0.6726 0.6796 0.4516 -0.0829 -0.1446 -0.0519 221 GLN A OE1 
112  N  NE2 . GLN A 10 ? 0.6579 0.6883 0.3417 -0.0422 -0.1691 -0.0386 221 GLN A NE2 
121  N  N   . ASN A 11 ? 0.4604 0.3876 0.1931 -0.0874 -0.0127 -0.0123 222 ASN A N   
122  C  CA  . ASN A 11 ? 0.5217 0.4450 0.2138 -0.0627 -0.0083 -0.0267 222 ASN A CA  
123  C  C   . ASN A 11 ? 0.4805 0.4096 0.2290 -0.0656 0.0330  -0.0301 222 ASN A C   
124  O  O   . ASN A 11 ? 0.4807 0.3960 0.2509 -0.0601 0.0235  -0.0383 222 ASN A O   
125  C  CB  . ASN A 11 ? 0.5956 0.4672 0.1933 -0.0543 0.0211  -0.0627 222 ASN A CB  
126  C  CG  . ASN A 11 ? 0.6587 0.5466 0.2556 -0.0483 0.0130  -0.0752 222 ASN A CG  
127  O  OD1 . ASN A 11 ? 0.6898 0.5853 0.2903 -0.0609 0.0208  -0.0523 222 ASN A OD1 
128  N  ND2 . ASN A 11 ? 0.6735 0.5772 0.2296 -0.0320 -0.0222 -0.0965 222 ASN A ND2 
135  N  N   . PHE A 12 ? 0.4452 0.3645 0.1665 -0.0559 0.0379  -0.0279 223 PHE A N   
136  C  CA  . PHE A 12 ? 0.4136 0.3391 0.1886 -0.0680 0.0203  -0.0179 223 PHE A CA  
137  C  C   . PHE A 12 ? 0.3634 0.2659 0.1729 -0.0738 0.0473  0.0012  223 PHE A C   
138  O  O   . PHE A 12 ? 0.3806 0.2294 0.2419 -0.0450 0.0131  0.0047  223 PHE A O   
139  C  CB  . PHE A 12 ? 0.4459 0.3543 0.1908 -0.0593 -0.0018 -0.0410 223 PHE A CB  
140  C  CG  . PHE A 12 ? 0.4748 0.3305 0.2153 -0.0604 -0.0093 -0.0271 223 PHE A CG  
141  C  CD1 . PHE A 12 ? 0.4438 0.3768 0.2447 -0.0668 0.0370  -0.0609 223 PHE A CD1 
142  C  CD2 . PHE A 12 ? 0.5017 0.3776 0.2239 -0.0598 0.0134  -0.0582 223 PHE A CD2 
143  C  CE1 . PHE A 12 ? 0.4725 0.3852 0.2982 -0.0494 0.0361  -0.0852 223 PHE A CE1 
144  C  CE2 . PHE A 12 ? 0.5380 0.3527 0.2703 -0.0706 0.0249  -0.0505 223 PHE A CE2 
145  C  CZ  . PHE A 12 ? 0.5081 0.3910 0.2911 -0.0550 0.0428  -0.0762 223 PHE A CZ  
155  N  N   . ARG A 13 ? 0.3457 0.3087 0.1779 -0.0591 0.0103  -0.0198 224 ARG A N   
156  C  CA  . ARG A 13 ? 0.3567 0.3791 0.1705 -0.0341 -0.0001 -0.0028 224 ARG A CA  
157  C  C   . ARG A 13 ? 0.3290 0.3113 0.1659 -0.0018 0.0289  -0.0346 224 ARG A C   
158  O  O   . ARG A 13 ? 0.3881 0.3204 0.1934 0.0313  -0.0068 -0.0190 224 ARG A O   
159  C  CB  . ARG A 13 ? 0.4345 0.4953 0.2638 0.0001  -0.0704 -0.0360 224 ARG A CB  
160  C  CG  . ARG A 13 ? 0.4512 0.5518 0.3310 -0.0231 -0.0936 -0.0588 224 ARG A CG  
161  C  CD  . ARG A 13 ? 0.4810 0.6587 0.3744 0.0023  -0.1056 -0.1109 224 ARG A CD  
162  N  NE  . ARG A 13 ? 0.4422 0.7613 0.4539 0.0185  -0.1302 -0.1223 224 ARG A NE  
163  C  CZ  . ARG A 13 ? 0.4993 0.8526 0.4859 0.0284  -0.1359 -0.1664 224 ARG A CZ  
164  N  NH1 . ARG A 13 ? 0.4736 0.8924 0.5038 0.0276  -0.1278 -0.1754 224 ARG A NH1 
165  N  NH2 . ARG A 13 ? 0.5661 0.8784 0.4963 0.0398  -0.1319 -0.1954 224 ARG A NH2 
179  N  N   . VAL A 14 ? 0.2687 0.2805 0.1766 -0.0305 0.0352  -0.0113 225 VAL A N   
180  C  CA  . VAL A 14 ? 0.2526 0.2598 0.1914 -0.0759 0.0113  -0.0133 225 VAL A CA  
181  C  C   . VAL A 14 ? 0.2374 0.2500 0.2094 -0.1081 0.0139  0.0036  225 VAL A C   
182  O  O   . VAL A 14 ? 0.2795 0.2716 0.2184 -0.0823 0.0074  0.0105  225 VAL A O   
183  C  CB  . VAL A 14 ? 0.1931 0.2640 0.2461 -0.0891 0.0157  0.0049  225 VAL A CB  
184  C  CG1 . VAL A 14 ? 0.2188 0.2492 0.2735 -0.0710 -0.0030 -0.0078 225 VAL A CG1 
185  C  CG2 . VAL A 14 ? 0.2117 0.3146 0.2586 -0.0442 -0.0086 -0.0014 225 VAL A CG2 
195  N  N   . TYR A 15 ? 0.2222 0.2828 0.2160 -0.0884 -0.0163 -0.0045 226 TYR A N   
196  C  CA  . TYR A 15 ? 0.2158 0.3116 0.1987 -0.0830 -0.0076 0.0316  226 TYR A CA  
197  C  C   . TYR A 15 ? 0.1994 0.3249 0.2102 -0.0582 -0.0227 0.0229  226 TYR A C   
198  O  O   . TYR A 15 ? 0.2018 0.3531 0.2227 -0.0426 -0.0177 0.0416  226 TYR A O   
199  C  CB  . TYR A 15 ? 0.2182 0.3336 0.2475 -0.0883 -0.0095 0.0150  226 TYR A CB  
200  C  CG  . TYR A 15 ? 0.2417 0.3095 0.3204 -0.1226 -0.0268 0.0292  226 TYR A CG  
201  C  CD1 . TYR A 15 ? 0.3105 0.3300 0.3415 -0.1369 -0.0787 0.0712  226 TYR A CD1 
202  C  CD2 . TYR A 15 ? 0.2781 0.3347 0.3598 -0.0868 -0.0979 0.0370  226 TYR A CD2 
203  C  CE1 . TYR A 15 ? 0.2687 0.3643 0.3459 -0.1195 -0.0898 0.0889  226 TYR A CE1 
204  C  CE2 . TYR A 15 ? 0.2817 0.3187 0.3967 -0.0919 -0.0970 0.0556  226 TYR A CE2 
205  C  CZ  . TYR A 15 ? 0.2854 0.3398 0.3825 -0.1092 -0.1442 0.1024  226 TYR A CZ  
206  O  OH  . TYR A 15 ? 0.3670 0.4059 0.4345 -0.1092 -0.1771 0.1062  226 TYR A OH  
216  N  N   . TYR A 16 ? 0.2311 0.3274 0.2010 -0.0827 -0.0204 0.0148  227 TYR A N   
217  C  CA  . TYR A 16 ? 0.2123 0.3566 0.1980 -0.0587 -0.0275 0.0187  227 TYR A CA  
218  C  C   . TYR A 16 ? 0.2303 0.3479 0.2318 -0.0731 -0.0146 0.0453  227 TYR A C   
219  O  O   . TYR A 16 ? 0.2148 0.4017 0.2575 -0.0749 -0.0004 0.0253  227 TYR A O   
220  C  CB  . TYR A 16 ? 0.2104 0.3207 0.2481 -0.0952 -0.0098 0.0137  227 TYR A CB  
221  C  CG  . TYR A 16 ? 0.1905 0.3326 0.2602 -0.0648 0.0194  0.0071  227 TYR A CG  
222  C  CD1 . TYR A 16 ? 0.2377 0.3222 0.2854 -0.0810 0.0247  0.0009  227 TYR A CD1 
223  C  CD2 . TYR A 16 ? 0.2207 0.3341 0.2466 -0.0541 0.0297  0.0081  227 TYR A CD2 
224  C  CE1 . TYR A 16 ? 0.2280 0.3457 0.3112 -0.0910 0.0346  -0.0019 227 TYR A CE1 
225  C  CE2 . TYR A 16 ? 0.2524 0.3395 0.2919 -0.0677 0.0306  -0.0002 227 TYR A CE2 
226  C  CZ  . TYR A 16 ? 0.2355 0.3467 0.2913 -0.0830 0.0564  0.0056  227 TYR A CZ  
227  O  OH  . TYR A 16 ? 0.3283 0.3586 0.3136 -0.0861 0.0483  -0.0258 227 TYR A OH  
237  N  N   . ARG A 17 ? 0.2703 0.3358 0.2341 -0.0818 -0.0323 0.0275  228 ARG A N   
238  C  CA  . ARG A 17 ? 0.2429 0.3738 0.2525 -0.1140 0.0218  0.0369  228 ARG A CA  
239  C  C   . ARG A 17 ? 0.2274 0.4385 0.2495 -0.1035 -0.0042 0.0299  228 ARG A C   
240  O  O   . ARG A 17 ? 0.2577 0.4004 0.2290 -0.0970 -0.0158 0.0092  228 ARG A O   
241  C  CB  . ARG A 17 ? 0.3039 0.3836 0.2508 -0.1113 0.0210  0.0326  228 ARG A CB  
242  C  CG  . ARG A 17 ? 0.3518 0.4479 0.3098 -0.1154 0.0234  0.0202  228 ARG A CG  
243  C  CD  . ARG A 17 ? 0.4542 0.5084 0.3258 -0.1050 0.0057  -0.0106 228 ARG A CD  
244  N  NE  . ARG A 17 ? 0.5160 0.5387 0.3714 -0.1541 -0.0054 0.0148  228 ARG A NE  
245  C  CZ  . ARG A 17 ? 0.5616 0.5605 0.4063 -0.1839 -0.0034 0.0094  228 ARG A CZ  
246  N  NH1 . ARG A 17 ? 0.6042 0.5754 0.4287 -0.1833 -0.0236 -0.0094 228 ARG A NH1 
247  N  NH2 . ARG A 17 ? 0.5260 0.5551 0.4093 -0.2044 0.0408  0.0331  228 ARG A NH2 
261  N  N   . ASP A 18 ? 0.2882 0.4860 0.2531 -0.1034 -0.0206 0.0116  229 ASP A N   
262  C  CA  . ASP A 18 ? 0.3582 0.5360 0.3081 -0.1507 0.0018  -0.0209 229 ASP A CA  
263  C  C   . ASP A 18 ? 0.3768 0.6480 0.3971 -0.1241 -0.0365 -0.0628 229 ASP A C   
264  O  O   . ASP A 18 ? 0.3262 0.6979 0.4325 -0.1106 -0.0473 -0.0684 229 ASP A O   
265  C  CB  . ASP A 18 ? 0.4413 0.5701 0.3493 -0.1816 0.0160  -0.0949 229 ASP A CB  
266  C  CG  . ASP A 18 ? 0.4816 0.6203 0.3703 -0.1913 0.0096  -0.1226 229 ASP A CG  
267  O  OD1 . ASP A 18 ? 0.5163 0.6530 0.4116 -0.1875 0.0338  -0.0991 229 ASP A OD1 
268  O  OD2 . ASP A 18 ? 0.4711 0.6482 0.3303 -0.2215 0.0689  -0.1283 229 ASP A OD2 
273  N  N   . SER A 19 ? 0.4152 0.7167 0.4427 -0.1084 -0.0398 -0.1205 230 SER A N   
274  C  CA  . SER A 19 ? 0.4539 0.7698 0.4935 -0.0844 -0.0526 -0.1576 230 SER A CA  
275  C  C   . SER A 19 ? 0.4772 0.7643 0.4830 -0.0689 -0.0262 -0.1736 230 SER A C   
276  O  O   . SER A 19 ? 0.5384 0.7649 0.4717 -0.0430 -0.0718 -0.1955 230 SER A O   
277  C  CB  . SER A 19 ? 0.4417 0.8259 0.5220 -0.0822 -0.0494 -0.1692 230 SER A CB  
278  O  OG  . SER A 19 ? 0.4980 0.8644 0.5583 -0.0793 -0.0798 -0.1665 230 SER A OG  
284  N  N   . ARG A 20 ? 0.4425 0.7606 0.4886 -0.0680 0.0210  -0.1340 231 ARG A N   
285  C  CA  . ARG A 20 ? 0.3783 0.7669 0.4754 -0.0525 0.0814  -0.0999 231 ARG A CA  
286  C  C   . ARG A 20 ? 0.3809 0.6543 0.3721 -0.0459 0.1065  -0.0232 231 ARG A C   
287  O  O   . ARG A 20 ? 0.3905 0.6102 0.3436 -0.0554 0.1168  0.0279  231 ARG A O   
288  C  CB  . ARG A 20 ? 0.4114 0.8488 0.5688 -0.0486 0.0396  -0.1215 231 ARG A CB  
289  C  CG  . ARG A 20 ? 0.4419 0.9169 0.6647 -0.0502 0.0171  -0.1397 231 ARG A CG  
290  C  CD  . ARG A 20 ? 0.4656 0.9801 0.7492 -0.0364 -0.0178 -0.1547 231 ARG A CD  
291  N  NE  . ARG A 20 ? 0.5212 1.0243 0.8172 -0.0149 -0.0687 -0.1707 231 ARG A NE  
292  C  CZ  . ARG A 20 ? 0.5751 1.0446 0.8620 0.0059  -0.1040 -0.1872 231 ARG A CZ  
293  N  NH1 . ARG A 20 ? 0.5906 1.0504 0.8729 0.0123  -0.1156 -0.1940 231 ARG A NH1 
294  N  NH2 . ARG A 20 ? 0.5975 1.0511 0.8748 0.0124  -0.1190 -0.1917 231 ARG A NH2 
308  N  N   . ASP A 21 ? 0.4110 0.5915 0.3037 -0.0265 0.1138  -0.0268 232 ASP A N   
309  C  CA  . ASP A 21 ? 0.4277 0.4965 0.2576 -0.0007 0.1227  0.0406  232 ASP A CA  
310  C  C   . ASP A 21 ? 0.4060 0.4274 0.2946 -0.0001 0.1075  0.0526  232 ASP A C   
311  O  O   . ASP A 21 ? 0.4418 0.3809 0.3181 -0.0165 0.1005  0.0662  232 ASP A O   
312  C  CB  . ASP A 21 ? 0.4988 0.5518 0.3328 0.0150  0.0750  0.0204  232 ASP A CB  
313  C  CG  . ASP A 21 ? 0.4920 0.5806 0.3518 0.0114  0.0915  0.0433  232 ASP A CG  
314  O  OD1 . ASP A 21 ? 0.5133 0.5743 0.3241 0.0323  0.1149  0.0275  232 ASP A OD1 
315  O  OD2 . ASP A 21 ? 0.5080 0.6080 0.3990 -0.0065 0.0787  0.0460  232 ASP A OD2 
320  N  N   . PRO A 22 ? 0.3285 0.3827 0.2758 -0.0199 0.1225  0.0647  233 PRO A N   
321  C  CA  . PRO A 22 ? 0.3555 0.3968 0.2967 -0.0303 0.0576  0.0539  233 PRO A CA  
322  C  C   . PRO A 22 ? 0.3155 0.4177 0.3257 -0.0632 0.0625  0.0437  233 PRO A C   
323  O  O   . PRO A 22 ? 0.3235 0.3917 0.3869 -0.0713 0.0427  0.0211  233 PRO A O   
324  C  CB  . PRO A 22 ? 0.3447 0.4379 0.3285 -0.0221 0.0562  0.0275  233 PRO A CB  
325  C  CG  . PRO A 22 ? 0.3367 0.3972 0.2833 -0.0394 0.0831  0.0322  233 PRO A CG  
326  C  CD  . PRO A 22 ? 0.3504 0.4039 0.2946 -0.0206 0.1009  0.0419  233 PRO A CD  
334  N  N   . VAL A 23 ? 0.3079 0.3949 0.2927 -0.0893 0.0839  0.0657  234 VAL A N   
335  C  CA  . VAL A 23 ? 0.3225 0.4711 0.3363 -0.0932 0.0280  0.0190  234 VAL A CA  
336  C  C   . VAL A 23 ? 0.3237 0.3779 0.3080 -0.1884 0.0219  0.0438  234 VAL A C   
337  O  O   . VAL A 23 ? 0.4370 0.3872 0.2738 -0.2030 0.0024  0.0574  234 VAL A O   
338  C  CB  . VAL A 23 ? 0.3655 0.5549 0.3949 -0.0681 0.0253  0.0153  234 VAL A CB  
339  C  CG1 . VAL A 23 ? 0.4874 0.5815 0.4168 -0.0390 -0.0370 -0.0022 234 VAL A CG1 
340  C  CG2 . VAL A 23 ? 0.3269 0.6057 0.4361 -0.0525 0.0323  0.0162  234 VAL A CG2 
350  N  N   . TRP A 24 ? 0.3207 0.4101 0.2794 -0.1776 -0.0175 0.0161  235 TRP A N   
351  C  CA  . TRP A 24 ? 0.3322 0.4156 0.2307 -0.1788 -0.0271 0.0002  235 TRP A CA  
352  C  C   . TRP A 24 ? 0.2787 0.4314 0.2722 -0.1373 -0.0265 0.0130  235 TRP A C   
353  O  O   . TRP A 24 ? 0.2894 0.5026 0.3502 -0.1249 -0.0183 0.0315  235 TRP A O   
354  C  CB  . TRP A 24 ? 0.3529 0.4258 0.2181 -0.1788 -0.0068 -0.0042 235 TRP A CB  
355  C  CG  . TRP A 24 ? 0.3708 0.4120 0.2763 -0.1841 0.0445  0.0417  235 TRP A CG  
356  C  CD1 . TRP A 24 ? 0.4254 0.4464 0.3334 -0.1681 0.0535  0.0424  235 TRP A CD1 
357  C  CD2 . TRP A 24 ? 0.3844 0.3951 0.2988 -0.1661 0.0408  0.0427  235 TRP A CD2 
358  N  NE1 . TRP A 24 ? 0.4579 0.4558 0.3552 -0.1472 0.0416  0.0185  235 TRP A NE1 
359  C  CE2 . TRP A 24 ? 0.4220 0.4392 0.3608 -0.1358 0.0393  0.0026  235 TRP A CE2 
360  C  CE3 . TRP A 24 ? 0.3854 0.3590 0.3116 -0.1664 0.0467  0.0700  235 TRP A CE3 
361  C  CZ2 . TRP A 24 ? 0.4230 0.4509 0.4097 -0.1294 0.0289  -0.0044 235 TRP A CZ2 
362  C  CZ3 . TRP A 24 ? 0.4360 0.3664 0.3619 -0.1415 0.0279  0.0364  235 TRP A CZ3 
363  C  CH2 . TRP A 24 ? 0.4058 0.4015 0.4084 -0.1522 0.0536  0.0270  235 TRP A CH2 
374  N  N   . LYS A 25 ? 0.2504 0.3788 0.2536 -0.1170 -0.0043 0.0192  236 LYS A N   
375  C  CA  . LYS A 25 ? 0.2384 0.4106 0.2154 -0.0702 0.0087  0.0086  236 LYS A CA  
376  C  C   . LYS A 25 ? 0.1801 0.3939 0.2374 -0.0749 0.0142  0.0278  236 LYS A C   
377  O  O   . LYS A 25 ? 0.2345 0.3907 0.2091 -0.0531 0.0047  0.0202  236 LYS A O   
378  C  CB  . LYS A 25 ? 0.3057 0.4514 0.2295 -0.0939 0.0531  -0.0028 236 LYS A CB  
379  C  CG  . LYS A 25 ? 0.3966 0.4984 0.2482 -0.1038 0.0674  -0.0346 236 LYS A CG  
380  C  CD  . LYS A 25 ? 0.4648 0.5761 0.3123 -0.0760 0.0346  -0.0971 236 LYS A CD  
381  C  CE  . LYS A 25 ? 0.5268 0.6518 0.4140 -0.0540 -0.0320 -0.1476 236 LYS A CE  
382  N  NZ  . LYS A 25 ? 0.5363 0.6907 0.5000 -0.0249 -0.0643 -0.2056 236 LYS A NZ  
396  N  N   . GLY A 26 ? 0.2014 0.4077 0.2484 -0.0694 0.0022  0.0533  237 GLY A N   
397  C  CA  . GLY A 26 ? 0.2283 0.3887 0.2458 -0.0796 -0.0149 0.1016  237 GLY A CA  
398  C  C   . GLY A 26 ? 0.1842 0.4190 0.2550 -0.0600 -0.0075 0.0825  237 GLY A C   
399  O  O   . GLY A 26 ? 0.2305 0.4733 0.3207 -0.0534 -0.0060 0.0833  237 GLY A O   
403  N  N   . PRO A 27 ? 0.2057 0.3947 0.2750 -0.0866 0.0046  0.0889  238 PRO A N   
404  C  CA  . PRO A 27 ? 0.2357 0.3044 0.2700 -0.0923 -0.0108 0.0728  238 PRO A CA  
405  C  C   . PRO A 27 ? 0.2099 0.2986 0.2980 -0.0665 -0.0296 0.0724  238 PRO A C   
406  O  O   . PRO A 27 ? 0.2281 0.3212 0.3419 -0.0504 -0.0356 0.0491  238 PRO A O   
407  C  CB  . PRO A 27 ? 0.2737 0.3407 0.2659 -0.0724 -0.0382 0.0808  238 PRO A CB  
408  C  CG  . PRO A 27 ? 0.2299 0.4302 0.2789 -0.0434 -0.0292 0.0524  238 PRO A CG  
409  C  CD  . PRO A 27 ? 0.2324 0.4351 0.2872 -0.0634 -0.0257 0.0629  238 PRO A CD  
417  N  N   . ALA A 28 ? 0.1978 0.2772 0.2434 -0.0810 -0.0006 0.0350  239 ALA A N   
418  C  CA  . ALA A 28 ? 0.1723 0.3011 0.2028 -0.0511 -0.0066 0.0008  239 ALA A CA  
419  C  C   . ALA A 28 ? 0.2063 0.2689 0.1751 -0.0673 -0.0044 -0.0134 239 ALA A C   
420  O  O   . ALA A 28 ? 0.2723 0.2980 0.1983 -0.0738 0.0086  -0.0262 239 ALA A O   
421  C  CB  . ALA A 28 ? 0.1820 0.2871 0.2308 -0.0522 0.0000  -0.0017 239 ALA A CB  
427  N  N   . LYS A 29 ? 0.2144 0.2377 0.1868 -0.0484 -0.0203 -0.0151 240 LYS A N   
428  C  CA  . LYS A 29 ? 0.2005 0.2933 0.1964 -0.0251 -0.0028 0.0046  240 LYS A CA  
429  C  C   . LYS A 29 ? 0.1899 0.2677 0.1831 -0.0442 0.0061  0.0081  240 LYS A C   
430  O  O   . LYS A 29 ? 0.2107 0.2939 0.1846 -0.0524 -0.0061 -0.0368 240 LYS A O   
431  C  CB  . LYS A 29 ? 0.2224 0.3282 0.2801 -0.0156 0.0051  0.0611  240 LYS A CB  
432  C  CG  . LYS A 29 ? 0.2558 0.3976 0.3496 0.0029  0.0351  0.0848  240 LYS A CG  
433  C  CD  . LYS A 29 ? 0.3410 0.4869 0.4011 -0.0129 0.0272  0.0944  240 LYS A CD  
434  C  CE  . LYS A 29 ? 0.4506 0.5263 0.4283 0.0024  -0.0336 0.1059  240 LYS A CE  
435  N  NZ  . LYS A 29 ? 0.5053 0.5425 0.4976 -0.0096 -0.0402 0.0759  240 LYS A NZ  
449  N  N   . LEU A 30 ? 0.2542 0.2250 0.1862 -0.0423 0.0051  -0.0058 241 LEU A N   
450  C  CA  . LEU A 30 ? 0.2452 0.2224 0.1743 -0.0533 0.0122  0.0253  241 LEU A CA  
451  C  C   . LEU A 30 ? 0.2441 0.2523 0.1692 -0.0740 0.0270  0.0076  241 LEU A C   
452  O  O   . LEU A 30 ? 0.2619 0.2829 0.1676 -0.0669 0.0040  0.0182  241 LEU A O   
453  C  CB  . LEU A 30 ? 0.2605 0.2712 0.2107 -0.0682 -0.0153 0.0375  241 LEU A CB  
454  C  CG  . LEU A 30 ? 0.2860 0.2625 0.2288 -0.0554 -0.0069 0.0423  241 LEU A CG  
455  C  CD1 . LEU A 30 ? 0.2670 0.2840 0.2218 -0.0107 -0.0186 0.0314  241 LEU A CD1 
456  C  CD2 . LEU A 30 ? 0.3149 0.3243 0.2186 -0.0179 0.0213  -0.0196 241 LEU A CD2 
468  N  N   . LEU A 31 ? 0.2316 0.2638 0.1544 -0.0882 0.0048  0.0021  242 LEU A N   
469  C  CA  . LEU A 31 ? 0.2415 0.2594 0.1727 -0.0648 0.0247  -0.0024 242 LEU A CA  
470  C  C   . LEU A 31 ? 0.2485 0.2828 0.1549 -0.0496 0.0066  0.0113  242 LEU A C   
471  O  O   . LEU A 31 ? 0.2560 0.3122 0.1953 -0.0938 0.0373  0.0274  242 LEU A O   
472  C  CB  . LEU A 31 ? 0.2252 0.2427 0.1865 -0.0531 0.0281  0.0191  242 LEU A CB  
473  C  CG  . LEU A 31 ? 0.2276 0.3060 0.2383 -0.0233 -0.0139 -0.0002 242 LEU A CG  
474  C  CD1 . LEU A 31 ? 0.2473 0.2731 0.2414 -0.0278 0.0134  0.0095  242 LEU A CD1 
475  C  CD2 . LEU A 31 ? 0.3976 0.3895 0.1923 0.0442  -0.0833 -0.0604 242 LEU A CD2 
487  N  N   . TRP A 32 ? 0.2233 0.2472 0.1703 -0.0625 0.0224  -0.0020 243 TRP A N   
488  C  CA  . TRP A 32 ? 0.2106 0.2651 0.2134 -0.0613 0.0404  0.0055  243 TRP A CA  
489  C  C   . TRP A 32 ? 0.2337 0.2472 0.2204 -0.0646 0.0437  -0.0103 243 TRP A C   
490  O  O   . TRP A 32 ? 0.2094 0.2573 0.2256 -0.0643 0.0350  0.0047  243 TRP A O   
491  C  CB  . TRP A 32 ? 0.1906 0.2758 0.2021 -0.0545 0.0159  0.0006  243 TRP A CB  
492  C  CG  . TRP A 32 ? 0.1945 0.2725 0.1782 -0.0354 0.0097  0.0005  243 TRP A CG  
493  C  CD1 . TRP A 32 ? 0.1954 0.2557 0.2193 -0.0566 0.0323  0.0220  243 TRP A CD1 
494  C  CD2 . TRP A 32 ? 0.1951 0.2782 0.1608 -0.0415 0.0205  0.0051  243 TRP A CD2 
495  N  NE1 . TRP A 32 ? 0.1881 0.2867 0.2019 -0.0364 0.0252  0.0268  243 TRP A NE1 
496  C  CE2 . TRP A 32 ? 0.1949 0.2412 0.1817 -0.0388 0.0328  0.0145  243 TRP A CE2 
497  C  CE3 . TRP A 32 ? 0.1978 0.2635 0.1845 -0.0488 0.0112  -0.0151 243 TRP A CE3 
498  C  CZ2 . TRP A 32 ? 0.2205 0.2767 0.1780 -0.0392 0.0417  -0.0417 243 TRP A CZ2 
499  C  CZ3 . TRP A 32 ? 0.2288 0.2870 0.1964 -0.0625 0.0417  -0.0230 243 TRP A CZ3 
500  C  CH2 . TRP A 32 ? 0.2056 0.3256 0.1675 -0.0513 0.0459  -0.0188 243 TRP A CH2 
511  N  N   . LYS A 33 ? 0.2550 0.2738 0.2764 -0.0400 0.0212  0.0034  244 LYS A N   
512  C  CA  . LYS A 33 ? 0.3397 0.3134 0.3371 -0.0334 0.0053  -0.0104 244 LYS A CA  
513  C  C   . LYS A 33 ? 0.2717 0.3149 0.3555 -0.0518 0.0653  0.0232  244 LYS A C   
514  O  O   . LYS A 33 ? 0.3240 0.4012 0.2932 -0.0416 0.0441  0.0345  244 LYS A O   
515  C  CB  . LYS A 33 ? 0.4708 0.3225 0.4011 -0.0484 -0.0262 -0.0099 244 LYS A CB  
516  C  CG  . LYS A 33 ? 0.5823 0.3709 0.4083 -0.0273 -0.0624 -0.0832 244 LYS A CG  
517  C  CD  . LYS A 33 ? 0.6172 0.4619 0.4587 0.0101  -0.0661 -0.1424 244 LYS A CD  
518  C  CE  . LYS A 33 ? 0.6312 0.5089 0.4770 0.0292  -0.0607 -0.1831 244 LYS A CE  
519  N  NZ  . LYS A 33 ? 0.6095 0.5475 0.5034 0.0382  -0.0423 -0.1785 244 LYS A NZ  
533  N  N   . GLY A 34 ? 0.2644 0.2911 0.3657 -0.0712 0.0519  0.0103  245 GLY A N   
534  C  CA  . GLY A 34 ? 0.3066 0.3694 0.3401 -0.0155 0.0453  -0.0070 245 GLY A CA  
535  C  C   . GLY A 34 ? 0.3277 0.4516 0.3610 0.0445  0.0279  -0.0255 245 GLY A C   
536  O  O   . GLY A 34 ? 0.4062 0.4294 0.3629 0.0426  -0.0100 -0.0037 245 GLY A O   
540  N  N   . GLU A 35 ? 0.3338 0.5461 0.3672 0.0430  0.0491  -0.0247 246 GLU A N   
541  C  CA  . GLU A 35 ? 0.3892 0.5563 0.4162 0.0377  0.0278  -0.0383 246 GLU A CA  
542  C  C   . GLU A 35 ? 0.3872 0.4614 0.4039 0.0095  0.0324  -0.0023 246 GLU A C   
543  O  O   . GLU A 35 ? 0.4651 0.4740 0.4450 -0.0090 0.0196  0.0005  246 GLU A O   
544  C  CB  . GLU A 35 ? 0.5184 0.6784 0.4923 0.0700  -0.0370 -0.1063 246 GLU A CB  
545  C  CG  . GLU A 35 ? 0.6553 0.7830 0.5491 0.0725  -0.0867 -0.1626 246 GLU A CG  
546  C  CD  . GLU A 35 ? 0.7751 0.8735 0.5918 0.0743  -0.1255 -0.2129 246 GLU A CD  
547  O  OE1 . GLU A 35 ? 0.8214 0.9126 0.6116 0.0777  -0.1455 -0.2280 246 GLU A OE1 
548  O  OE2 . GLU A 35 ? 0.8063 0.9004 0.6080 0.0765  -0.1268 -0.2243 246 GLU A OE2 
555  N  N   . GLY A 36 ? 0.2899 0.3641 0.3416 0.0377  0.0305  0.0127  247 GLY A N   
556  C  CA  . GLY A 36 ? 0.2585 0.3433 0.3457 -0.0059 0.0009  0.0230  247 GLY A CA  
557  C  C   . GLY A 36 ? 0.2656 0.2863 0.3286 0.0082  -0.0128 0.0228  247 GLY A C   
558  O  O   . GLY A 36 ? 0.2641 0.3044 0.3592 0.0113  -0.0287 0.0621  247 GLY A O   
562  N  N   . ALA A 37 ? 0.2110 0.2683 0.3115 -0.0300 -0.0130 0.0274  248 ALA A N   
563  C  CA  . ALA A 37 ? 0.2421 0.2408 0.2540 -0.0591 0.0014  0.0208  248 ALA A CA  
564  C  C   . ALA A 37 ? 0.2201 0.2199 0.2416 -0.0667 0.0200  0.0258  248 ALA A C   
565  O  O   . ALA A 37 ? 0.2277 0.2688 0.2424 -0.0510 0.0055  -0.0013 248 ALA A O   
566  C  CB  . ALA A 37 ? 0.3142 0.2381 0.2178 -0.0578 -0.0135 0.0192  248 ALA A CB  
572  N  N   . VAL A 38 ? 0.2224 0.2372 0.2273 -0.0630 0.0031  0.0115  249 VAL A N   
573  C  CA  . VAL A 38 ? 0.2160 0.2708 0.2226 -0.0448 -0.0075 -0.0090 249 VAL A CA  
574  C  C   . VAL A 38 ? 0.1762 0.2862 0.1784 -0.0530 0.0181  -0.0164 249 VAL A C   
575  O  O   . VAL A 38 ? 0.2328 0.2869 0.1671 -0.0404 0.0110  0.0153  249 VAL A O   
576  C  CB  . VAL A 38 ? 0.2793 0.2372 0.2168 -0.0102 -0.0365 -0.0174 249 VAL A CB  
577  C  CG1 . VAL A 38 ? 0.2881 0.2326 0.2490 -0.0145 0.0259  -0.0742 249 VAL A CG1 
578  C  CG2 . VAL A 38 ? 0.2353 0.2666 0.2688 -0.0651 -0.0275 0.0187  249 VAL A CG2 
588  N  N   . VAL A 39 ? 0.2008 0.2188 0.1635 -0.0606 0.0184  0.0110  250 VAL A N   
589  C  CA  . VAL A 39 ? 0.2084 0.2347 0.1626 -0.0301 -0.0141 -0.0043 250 VAL A CA  
590  C  C   . VAL A 39 ? 0.2186 0.2197 0.1991 -0.0594 -0.0082 0.0135  250 VAL A C   
591  O  O   . VAL A 39 ? 0.2209 0.2684 0.1556 -0.0450 0.0121  0.0030  250 VAL A O   
592  C  CB  . VAL A 39 ? 0.2472 0.1980 0.1893 -0.0727 -0.0009 0.0149  250 VAL A CB  
593  C  CG1 . VAL A 39 ? 0.2336 0.2290 0.1952 -0.0947 0.0136  0.0237  250 VAL A CG1 
594  C  CG2 . VAL A 39 ? 0.2373 0.2486 0.1882 -0.0632 0.0103  0.0089  250 VAL A CG2 
604  N  N   . ILE A 40 ? 0.2044 0.2846 0.1622 -0.0455 0.0171  -0.0375 251 ILE A N   
605  C  CA  . ILE A 40 ? 0.1879 0.2973 0.1859 -0.0397 -0.0141 -0.0110 251 ILE A CA  
606  C  C   . ILE A 40 ? 0.1967 0.3068 0.1461 -0.0148 0.0038  -0.0112 251 ILE A C   
607  O  O   . ILE A 40 ? 0.2201 0.2735 0.1871 -0.0102 -0.0238 -0.0024 251 ILE A O   
608  C  CB  . ILE A 40 ? 0.2199 0.2656 0.2065 -0.0794 -0.0269 0.0339  251 ILE A CB  
609  C  CG1 . ILE A 40 ? 0.3274 0.3380 0.2106 -0.0432 -0.0491 0.0023  251 ILE A CG1 
610  C  CG2 . ILE A 40 ? 0.2846 0.2780 0.2536 -0.0764 -0.0558 0.0311  251 ILE A CG2 
611  C  CD1 . ILE A 40 ? 0.3524 0.4375 0.2116 -0.0409 -0.0581 -0.0156 251 ILE A CD1 
623  N  N   . GLN A 41 ? 0.2037 0.2353 0.1930 -0.0290 -0.0089 -0.0388 252 GLN A N   
624  C  CA  . GLN A 41 ? 0.1809 0.2162 0.2069 -0.0258 -0.0148 -0.0138 252 GLN A CA  
625  C  C   . GLN A 41 ? 0.1828 0.2338 0.1993 -0.0352 -0.0251 0.0168  252 GLN A C   
626  O  O   . GLN A 41 ? 0.2038 0.2646 0.2110 -0.0359 -0.0204 0.0004  252 GLN A O   
627  C  CB  . GLN A 41 ? 0.1807 0.2722 0.2285 -0.0145 -0.0018 -0.0015 252 GLN A CB  
628  C  CG  . GLN A 41 ? 0.2050 0.2856 0.2240 -0.0171 -0.0077 0.0018  252 GLN A CG  
629  C  CD  . GLN A 41 ? 0.1882 0.2847 0.3075 -0.0324 0.0008  0.0296  252 GLN A CD  
630  O  OE1 . GLN A 41 ? 0.2113 0.3262 0.3012 -0.0318 0.0060  0.0292  252 GLN A OE1 
631  N  NE2 . GLN A 41 ? 0.2446 0.3246 0.3376 -0.0132 0.0061  0.0444  252 GLN A NE2 
640  N  N   . ASP A 42 ? 0.1689 0.3426 0.2290 -0.0298 -0.0043 0.0006  253 ASP A N   
641  C  CA  . ASP A 42 ? 0.2125 0.3598 0.2412 -0.0352 -0.0024 0.0153  253 ASP A CA  
642  C  C   . ASP A 42 ? 0.2220 0.3252 0.2485 -0.0386 -0.0138 0.0049  253 ASP A C   
643  O  O   . ASP A 42 ? 0.2265 0.3182 0.2482 -0.0542 -0.0358 0.0024  253 ASP A O   
644  C  CB  . ASP A 42 ? 0.2105 0.3691 0.3093 -0.0615 0.0057  0.0180  253 ASP A CB  
645  C  CG  . ASP A 42 ? 0.2609 0.4460 0.3636 -0.0660 0.0154  0.0386  253 ASP A CG  
646  O  OD1 . ASP A 42 ? 0.2006 0.4994 0.4435 -0.0729 -0.0109 0.0207  253 ASP A OD1 
647  O  OD2 . ASP A 42 ? 0.3018 0.4928 0.3946 -0.0597 0.0461  0.0608  253 ASP A OD2 
652  N  N   . ASN A 43 ? 0.2636 0.3164 0.2946 -0.0445 -0.0315 0.0020  254 ASN A N   
653  C  CA  . ASN A 43 ? 0.1896 0.3684 0.3617 -0.0380 -0.0207 -0.0095 254 ASN A CA  
654  C  C   . ASN A 43 ? 0.2107 0.3607 0.3866 -0.0276 -0.0016 0.0120  254 ASN A C   
655  O  O   . ASN A 43 ? 0.2688 0.3819 0.3977 -0.0220 0.0240  0.0023  254 ASN A O   
656  C  CB  . ASN A 43 ? 0.1752 0.4442 0.3797 -0.0371 -0.0220 -0.0427 254 ASN A CB  
657  C  CG  . ASN A 43 ? 0.2570 0.5202 0.3897 -0.0526 -0.0404 -0.0618 254 ASN A CG  
658  O  OD1 . ASN A 43 ? 0.2717 0.5676 0.4026 -0.0375 -0.0481 -0.0885 254 ASN A OD1 
659  N  ND2 . ASN A 43 ? 0.2947 0.5435 0.3833 -0.0920 -0.0261 -0.0298 254 ASN A ND2 
666  N  N   . SER A 44 ? 0.2222 0.3419 0.4163 -0.0167 -0.0114 0.0293  255 SER A N   
667  C  CA  . SER A 44 ? 0.2647 0.3279 0.4208 -0.0020 -0.0566 -0.0090 255 SER A CA  
668  C  C   . SER A 44 ? 0.2011 0.3276 0.3784 -0.0215 -0.0241 -0.0019 255 SER A C   
669  O  O   . SER A 44 ? 0.2518 0.3523 0.3902 -0.0270 -0.0714 -0.0210 255 SER A O   
670  C  CB  . SER A 44 ? 0.3050 0.3581 0.4503 0.0259  -0.0833 -0.0374 255 SER A CB  
671  O  OG  . SER A 44 ? 0.4065 0.4203 0.5024 0.0238  -0.0979 -0.0588 255 SER A OG  
677  N  N   . ASP A 45 ? 0.2184 0.3146 0.3173 -0.0352 0.0044  -0.0164 256 ASP A N   
678  C  CA  . ASP A 45 ? 0.2135 0.3005 0.2966 -0.0263 -0.0201 0.0007  256 ASP A CA  
679  C  C   . ASP A 45 ? 0.1754 0.2950 0.2788 -0.0220 -0.0217 -0.0155 256 ASP A C   
680  O  O   . ASP A 45 ? 0.2318 0.3233 0.2781 -0.0363 -0.0390 -0.0672 256 ASP A O   
681  C  CB  . ASP A 45 ? 0.2396 0.3579 0.2943 -0.0236 -0.0176 -0.0269 256 ASP A CB  
682  C  CG  . ASP A 45 ? 0.2637 0.4586 0.3497 -0.0132 -0.0254 -0.0780 256 ASP A CG  
683  O  OD1 . ASP A 45 ? 0.2560 0.4320 0.3411 0.0105  -0.0402 -0.0954 256 ASP A OD1 
684  O  OD2 . ASP A 45 ? 0.2457 0.5144 0.4007 -0.0545 0.0055  -0.0921 256 ASP A OD2 
689  N  N   . ILE A 46 ? 0.1781 0.2675 0.2265 0.0002  -0.0335 -0.0185 257 ILE A N   
690  C  CA  . ILE A 46 ? 0.1625 0.2577 0.1959 -0.0370 0.0004  0.0158  257 ILE A CA  
691  C  C   . ILE A 46 ? 0.2034 0.2612 0.2151 -0.0516 0.0069  0.0084  257 ILE A C   
692  O  O   . ILE A 46 ? 0.2419 0.2564 0.2007 -0.0518 -0.0146 -0.0259 257 ILE A O   
693  C  CB  . ILE A 46 ? 0.1882 0.2561 0.2028 -0.0351 0.0275  -0.0022 257 ILE A CB  
694  C  CG1 . ILE A 46 ? 0.2513 0.2764 0.2230 -0.0421 0.0451  0.0176  257 ILE A CG1 
695  C  CG2 . ILE A 46 ? 0.1804 0.2470 0.2281 -0.0540 0.0229  -0.0111 257 ILE A CG2 
696  C  CD1 . ILE A 46 ? 0.3567 0.2786 0.2453 -0.0313 0.0118  0.0555  257 ILE A CD1 
708  N  N   . LYS A 47 ? 0.2064 0.2754 0.1879 -0.0268 -0.0325 -0.0056 258 LYS A N   
709  C  CA  . LYS A 47 ? 0.2263 0.2837 0.2085 -0.0473 -0.0215 -0.0018 258 LYS A CA  
710  C  C   . LYS A 47 ? 0.2278 0.2330 0.1631 -0.0760 -0.0026 0.0072  258 LYS A C   
711  O  O   . LYS A 47 ? 0.2316 0.2738 0.1630 -0.0528 -0.0207 0.0009  258 LYS A O   
712  C  CB  . LYS A 47 ? 0.2193 0.3221 0.2045 -0.0478 0.0025  0.0059  258 LYS A CB  
713  C  CG  . LYS A 47 ? 0.2194 0.3816 0.2695 -0.0459 0.0121  -0.0587 258 LYS A CG  
714  C  CD  . LYS A 47 ? 0.1761 0.4600 0.3510 -0.0897 0.0336  -0.0434 258 LYS A CD  
715  C  CE  . LYS A 47 ? 0.2697 0.5051 0.4178 -0.1140 0.0606  -0.0375 258 LYS A CE  
716  N  NZ  . LYS A 47 ? 0.3246 0.5678 0.4492 -0.1090 0.0410  -0.0575 258 LYS A NZ  
730  N  N   . VAL A 48 ? 0.2331 0.2317 0.1459 -0.0572 -0.0057 -0.0121 259 VAL A N   
731  C  CA  . VAL A 48 ? 0.2175 0.2331 0.1708 -0.0678 -0.0016 0.0222  259 VAL A CA  
732  C  C   . VAL A 48 ? 0.1940 0.2799 0.1844 -0.0845 0.0121  0.0050  259 VAL A C   
733  O  O   . VAL A 48 ? 0.2386 0.2811 0.1954 -0.0898 0.0183  0.0065  259 VAL A O   
734  C  CB  . VAL A 48 ? 0.1932 0.2280 0.1989 -0.0497 0.0012  0.0228  259 VAL A CB  
735  C  CG1 . VAL A 48 ? 0.2055 0.2767 0.2157 -0.0391 -0.0190 0.0336  259 VAL A CG1 
736  C  CG2 . VAL A 48 ? 0.2147 0.2854 0.2271 -0.0650 0.0152  -0.0023 259 VAL A CG2 
746  N  N   . VAL A 49 ? 0.2014 0.2336 0.2091 -0.0654 0.0077  -0.0075 260 VAL A N   
747  C  CA  . VAL A 49 ? 0.1907 0.2426 0.2422 -0.0658 -0.0052 0.0021  260 VAL A CA  
748  C  C   . VAL A 49 ? 0.2166 0.2313 0.2476 -0.0705 0.0321  0.0456  260 VAL A C   
749  O  O   . VAL A 49 ? 0.2068 0.2773 0.2368 -0.0371 0.0360  0.0646  260 VAL A O   
750  C  CB  . VAL A 49 ? 0.2337 0.2160 0.2624 -0.0626 -0.0465 0.0302  260 VAL A CB  
751  C  CG1 . VAL A 49 ? 0.2863 0.2389 0.2573 -0.0389 -0.0494 0.0160  260 VAL A CG1 
752  C  CG2 . VAL A 49 ? 0.2249 0.2677 0.2850 -0.0987 -0.0399 0.0370  260 VAL A CG2 
762  N  N   . PRO A 50 ? 0.2233 0.2653 0.2261 -0.0333 0.0142  0.0043  261 PRO A N   
763  C  CA  . PRO A 50 ? 0.2664 0.2688 0.1912 -0.0369 0.0107  0.0137  261 PRO A CA  
764  C  C   . PRO A 50 ? 0.2558 0.2604 0.2152 -0.0316 -0.0223 0.0296  261 PRO A C   
765  O  O   . PRO A 50 ? 0.2484 0.2442 0.2481 -0.0394 0.0065  0.0186  261 PRO A O   
766  C  CB  . PRO A 50 ? 0.3450 0.2822 0.1876 -0.0397 -0.0333 0.0245  261 PRO A CB  
767  C  CG  . PRO A 50 ? 0.3591 0.3672 0.2046 -0.0349 -0.0074 0.0039  261 PRO A CG  
768  C  CD  . PRO A 50 ? 0.2373 0.3284 0.2315 -0.0462 0.0145  -0.0008 261 PRO A CD  
776  N  N   . ARG A 51 ? 0.2568 0.2697 0.2598 -0.0408 -0.0144 0.0333  262 ARG A N   
777  C  CA  . ARG A 51 ? 0.2512 0.3021 0.2843 -0.0469 0.0161  0.0194  262 ARG A CA  
778  C  C   . ARG A 51 ? 0.2719 0.2813 0.2625 -0.0443 0.0051  0.0153  262 ARG A C   
779  O  O   . ARG A 51 ? 0.3352 0.3074 0.2932 -0.0374 -0.0157 -0.0047 262 ARG A O   
780  C  CB  . ARG A 51 ? 0.3057 0.3370 0.3047 -0.0640 0.0350  0.0279  262 ARG A CB  
781  C  CG  . ARG A 51 ? 0.3481 0.3675 0.3124 -0.0430 0.0194  0.0350  262 ARG A CG  
782  C  CD  . ARG A 51 ? 0.4478 0.3897 0.3032 -0.0305 -0.0095 0.0322  262 ARG A CD  
783  N  NE  . ARG A 51 ? 0.4211 0.4697 0.2833 -0.0278 -0.0024 0.0091  262 ARG A NE  
784  C  CZ  . ARG A 51 ? 0.4170 0.5042 0.3242 -0.0297 -0.0220 -0.0145 262 ARG A CZ  
785  N  NH1 . ARG A 51 ? 0.4098 0.4978 0.3283 -0.0327 -0.0527 -0.0334 262 ARG A NH1 
786  N  NH2 . ARG A 51 ? 0.4649 0.5209 0.3301 -0.0059 -0.0203 -0.0332 262 ARG A NH2 
800  N  N   . ARG A 52 ? 0.2662 0.2697 0.2614 -0.0484 -0.0121 0.0407  263 ARG A N   
801  C  CA  . ARG A 52 ? 0.2948 0.2706 0.2875 -0.0540 -0.0496 0.0656  263 ARG A CA  
802  C  C   . ARG A 52 ? 0.2770 0.2986 0.3179 -0.0539 -0.0404 0.0546  263 ARG A C   
803  O  O   . ARG A 52 ? 0.3087 0.2882 0.3665 -0.0853 -0.0438 0.0598  263 ARG A O   
804  C  CB  . ARG A 52 ? 0.4132 0.2967 0.3270 -0.0453 -0.0838 0.0684  263 ARG A CB  
805  C  CG  . ARG A 52 ? 0.4765 0.3087 0.3380 -0.0517 -0.0843 0.0808  263 ARG A CG  
806  C  CD  . ARG A 52 ? 0.4979 0.3893 0.3844 -0.0593 -0.0989 0.0541  263 ARG A CD  
807  N  NE  . ARG A 52 ? 0.5111 0.4408 0.3980 -0.0711 -0.1107 0.0531  263 ARG A NE  
808  C  CZ  . ARG A 52 ? 0.5601 0.4775 0.4213 -0.0806 -0.1157 0.0192  263 ARG A CZ  
809  N  NH1 . ARG A 52 ? 0.5526 0.4543 0.4423 -0.1013 -0.1161 0.0569  263 ARG A NH1 
810  N  NH2 . ARG A 52 ? 0.5937 0.5381 0.3958 -0.0661 -0.1501 -0.0212 263 ARG A NH2 
824  N  N   . LYS A 53 ? 0.2813 0.2904 0.2736 -0.0715 0.0076  0.0524  264 LYS A N   
825  C  CA  . LYS A 53 ? 0.2316 0.3238 0.2787 -0.0735 0.0087  0.0751  264 LYS A CA  
826  C  C   . LYS A 53 ? 0.2141 0.2936 0.2995 -0.0548 0.0206  0.0732  264 LYS A C   
827  O  O   . LYS A 53 ? 0.2294 0.3279 0.2507 -0.0221 -0.0288 0.0901  264 LYS A O   
828  C  CB  . LYS A 53 ? 0.2592 0.3462 0.2632 -0.0603 -0.0089 0.1057  264 LYS A CB  
829  C  CG  . LYS A 53 ? 0.3706 0.4100 0.3126 -0.0066 -0.0648 0.1178  264 LYS A CG  
830  C  CD  . LYS A 53 ? 0.4664 0.4724 0.3366 0.0088  -0.0651 0.1214  264 LYS A CD  
831  C  CE  . LYS A 53 ? 0.5726 0.5439 0.3641 0.0339  -0.0885 0.0744  264 LYS A CE  
832  N  NZ  . LYS A 53 ? 0.6318 0.5509 0.3659 0.0435  -0.0816 0.0827  264 LYS A NZ  
846  N  N   . ALA A 54 ? 0.2493 0.2330 0.3114 -0.0412 -0.0259 0.0701  265 ALA A N   
847  C  CA  . ALA A 54 ? 0.2706 0.2291 0.3172 -0.0574 -0.0267 0.0291  265 ALA A CA  
848  C  C   . ALA A 54 ? 0.2841 0.2579 0.3327 -0.0317 -0.0379 -0.0028 265 ALA A C   
849  O  O   . ALA A 54 ? 0.3691 0.2557 0.3421 0.0135  -0.0807 -0.0333 265 ALA A O   
850  C  CB  . ALA A 54 ? 0.2803 0.2251 0.2932 -0.0443 -0.0143 0.0388  265 ALA A CB  
856  N  N   . LYS A 55 ? 0.3025 0.2976 0.3320 -0.0767 -0.0676 0.0033  266 LYS A N   
857  C  CA  . LYS A 55 ? 0.3137 0.3005 0.3495 -0.0761 -0.0725 0.0186  266 LYS A CA  
858  C  C   . LYS A 55 ? 0.2847 0.2645 0.3035 -0.0716 -0.0494 0.0169  266 LYS A C   
859  O  O   . LYS A 55 ? 0.2820 0.2250 0.2761 -0.0473 -0.0191 -0.0117 266 LYS A O   
860  C  CB  . LYS A 55 ? 0.3316 0.3693 0.4413 -0.0986 -0.0748 0.0068  266 LYS A CB  
861  C  CG  . LYS A 55 ? 0.3967 0.4260 0.5508 -0.1096 -0.0928 -0.0010 266 LYS A CG  
862  C  CD  . LYS A 55 ? 0.4331 0.4699 0.6709 -0.1317 -0.1170 0.0008  266 LYS A CD  
863  C  CE  . LYS A 55 ? 0.4982 0.5509 0.7223 -0.1166 -0.1481 -0.0374 266 LYS A CE  
864  N  NZ  . LYS A 55 ? 0.5413 0.6334 0.7478 -0.0746 -0.1897 -0.0723 266 LYS A NZ  
878  N  N   . ILE A 56 ? 0.3245 0.2715 0.3301 -0.0765 -0.0511 0.0065  267 ILE A N   
879  C  CA  . ILE A 56 ? 0.3112 0.2957 0.3190 -0.0460 -0.0289 -0.0137 267 ILE A CA  
880  C  C   . ILE A 56 ? 0.3267 0.2853 0.3039 -0.0374 0.0034  -0.0394 267 ILE A C   
881  O  O   . ILE A 56 ? 0.3283 0.2681 0.3356 -0.0135 -0.0025 -0.0370 267 ILE A O   
882  C  CB  . ILE A 56 ? 0.2871 0.4085 0.3405 -0.0161 -0.0203 -0.0481 267 ILE A CB  
883  C  CG1 . ILE A 56 ? 0.3322 0.3935 0.3608 -0.0384 -0.0485 -0.0150 267 ILE A CG1 
884  C  CG2 . ILE A 56 ? 0.3086 0.4322 0.3556 -0.0036 -0.0228 -0.0511 267 ILE A CG2 
885  C  CD1 . ILE A 56 ? 0.3773 0.3373 0.3669 -0.0680 -0.0378 0.0092  267 ILE A CD1 
897  N  N   . ILE A 57 ? 0.3034 0.3064 0.2813 -0.0556 0.0290  -0.0509 268 ILE A N   
898  C  CA  . ILE A 57 ? 0.3054 0.3275 0.2946 -0.0470 0.0307  -0.0538 268 ILE A CA  
899  C  C   . ILE A 57 ? 0.3896 0.3129 0.3259 -0.0503 0.0209  -0.0605 268 ILE A C   
900  O  O   . ILE A 57 ? 0.4735 0.3132 0.3050 -0.0349 -0.0187 -0.0600 268 ILE A O   
901  C  CB  . ILE A 57 ? 0.3386 0.3627 0.3373 -0.0691 0.0298  -0.0503 268 ILE A CB  
902  C  CG1 . ILE A 57 ? 0.2935 0.4179 0.3438 -0.0588 0.0293  -0.0323 268 ILE A CG1 
903  C  CG2 . ILE A 57 ? 0.4015 0.3994 0.3477 -0.0667 -0.0102 -0.0397 268 ILE A CG2 
904  C  CD1 . ILE A 57 ? 0.3330 0.4479 0.3492 -0.0426 0.0127  -0.0535 268 ILE A CD1 
916  N  N   . ARG A 58 ? 0.4054 0.3594 0.3187 -0.0474 0.0333  -0.0807 269 ARG A N   
917  C  CA  . ARG A 58 ? 0.4715 0.4052 0.3608 -0.0340 -0.0036 -0.1173 269 ARG A CA  
918  C  C   . ARG A 58 ? 0.4239 0.4683 0.3577 -0.0621 -0.0044 -0.1072 269 ARG A C   
919  O  O   . ARG A 58 ? 0.4787 0.4842 0.3236 -0.0984 -0.0300 -0.0452 269 ARG A O   
920  C  CB  . ARG A 58 ? 0.5092 0.4291 0.4379 0.0107  -0.0114 -0.1559 269 ARG A CB  
921  C  CG  . ARG A 58 ? 0.5705 0.4317 0.4661 -0.0009 -0.0373 -0.1622 269 ARG A CG  
922  C  CD  . ARG A 58 ? 0.6001 0.4713 0.5102 0.0073  -0.0558 -0.1517 269 ARG A CD  
923  N  NE  . ARG A 58 ? 0.6395 0.4634 0.5630 0.0233  -0.0561 -0.1727 269 ARG A NE  
924  C  CZ  . ARG A 58 ? 0.7123 0.4210 0.5903 0.0324  -0.0609 -0.1935 269 ARG A CZ  
925  N  NH1 . ARG A 58 ? 0.7526 0.3751 0.5905 0.0448  -0.0504 -0.2155 269 ARG A NH1 
926  N  NH2 . ARG A 58 ? 0.6908 0.4493 0.6000 0.0391  -0.0678 -0.1973 269 ARG A NH2 
940  N  N   . ASP A 59 ? 0.4327 0.5547 0.3917 -0.0222 -0.0358 -0.1351 270 ASP A N   
941  C  CA  . ASP A 59 ? 0.5195 0.6812 0.4139 0.0179  -0.0868 -0.1473 270 ASP A CA  
942  C  C   . ASP A 59 ? 0.5797 0.7077 0.4100 0.0222  -0.1112 -0.1203 270 ASP A C   
943  O  O   . ASP A 59 ? 0.6399 0.7335 0.4005 0.0363  -0.1071 -0.1101 270 ASP A O   
944  C  CB  . ASP A 59 ? 0.5436 0.7930 0.4824 0.0565  -0.0987 -0.1474 270 ASP A CB  
945  C  CG  . ASP A 59 ? 0.5800 0.8594 0.5410 0.0695  -0.0840 -0.1685 270 ASP A CG  
946  O  OD1 . ASP A 59 ? 0.5595 0.8890 0.5668 0.0701  -0.0830 -0.1682 270 ASP A OD1 
947  O  OD2 . ASP A 59 ? 0.6056 0.8842 0.5603 0.0811  -0.0703 -0.1879 270 ASP A OD2 
952  NI NI  . NI  B .  ? 0.2484 0.2511 0.2462 -0.0033 0.0002  -0.0003 301 NI  A NI  
953  O  O   . HOH C .  ? 0.4377 0.8683 0.4694 -0.1572 -0.0206 -0.2900 401 HOH A O   
954  O  O   . HOH C .  ? 0.9603 0.6689 0.3063 0.0629  0.1214  0.1297  402 HOH A O   
955  O  O   . HOH C .  ? 0.5282 0.6277 0.8618 -0.0764 0.0730  -0.0433 403 HOH A O   
956  O  O   . HOH C .  ? 0.4250 0.4289 0.3953 -0.0465 -0.0473 0.0479  404 HOH A O   
957  O  O   . HOH C .  ? 0.4017 0.6820 0.7304 -0.0794 -0.0555 0.3938  405 HOH A O   
958  O  O   . HOH C .  ? 0.4716 0.4926 0.2510 0.0014  0.0668  -0.0284 406 HOH A O   
959  O  O   . HOH C .  ? 0.4513 0.7152 0.6498 -0.1715 0.1277  -0.1866 407 HOH A O   
960  O  O   . HOH C .  ? 0.4361 0.6333 0.7749 -0.2578 0.1250  -0.2046 408 HOH A O   
961  O  O   . HOH C .  ? 0.5285 0.3438 0.2286 -0.0845 -0.0058 0.0314  409 HOH A O   
962  O  O   . HOH C .  ? 0.4134 0.7991 0.9415 -0.1292 -0.0892 -0.0889 410 HOH A O   
963  O  O   . HOH C .  ? 0.3525 1.0242 0.8095 -0.0658 -0.0560 -0.0470 411 HOH A O   
964  O  O   . HOH C .  ? 0.3229 0.4151 0.3156 -0.0820 0.1080  -0.0289 412 HOH A O   
965  O  O   . HOH C .  ? 0.2763 0.4885 0.3132 -0.0729 -0.0043 -0.0622 413 HOH A O   
966  O  O   . HOH C .  ? 0.2584 0.3243 0.1596 -0.0515 0.0169  -0.0278 414 HOH A O   
967  O  O   . HOH C .  ? 0.3950 0.6399 0.4283 -0.2604 -0.0987 0.0171  415 HOH A O   
968  O  O   . HOH C .  ? 0.4217 0.7904 0.6407 0.2326  -0.1794 -0.3923 416 HOH A O   
969  O  O   . HOH C .  ? 0.4029 0.7772 0.4458 0.1154  -0.0096 -0.2690 417 HOH A O   
970  O  O   . HOH C .  ? 0.4128 1.0035 0.4925 -0.1873 -0.0030 -0.2853 418 HOH A O   
971  O  O   . HOH C .  ? 0.3892 0.3927 0.3515 -0.0758 -0.0776 0.0171  419 HOH A O   
972  O  O   . HOH C .  ? 0.2595 0.5680 0.3044 -0.0849 0.0273  0.0323  420 HOH A O   
973  O  O   . HOH C .  ? 0.8546 0.6409 0.3031 -0.2940 -0.0053 0.0377  421 HOH A O   
974  O  O   . HOH C .  ? 0.8483 0.2753 0.7013 -0.1172 0.1035  -0.0852 422 HOH A O   
975  O  O   . HOH C .  ? 0.3279 0.3070 0.2741 -0.0291 0.0272  0.0304  423 HOH A O   
976  O  O   . HOH C .  ? 0.4895 0.5165 1.0955 -0.1496 0.2096  -0.2677 424 HOH A O   
977  O  O   . HOH C .  ? 0.4109 1.1197 0.2945 -0.1755 0.0184  -0.0477 425 HOH A O   
978  O  O   . HOH C .  ? 0.7860 0.8591 0.3629 0.1137  -0.0520 -0.0935 426 HOH A O   
979  O  O   . HOH C .  ? 0.2676 0.4002 0.2740 -0.0162 0.0249  -0.0259 427 HOH A O   
980  O  O   . HOH C .  ? 0.4287 0.5291 0.4753 -0.0945 0.0797  0.1045  428 HOH A O   
981  O  O   . HOH C .  ? 0.3314 0.3010 0.2118 -0.0189 0.0032  -0.0239 429 HOH A O   
982  O  O   . HOH C .  ? 0.7957 0.3044 0.3651 0.0851  -0.1583 -0.0108 430 HOH A O   
983  O  O   . HOH C .  ? 0.7093 0.9074 0.4659 0.3806  0.1133  -0.0290 431 HOH A O   
984  O  O   . HOH C .  ? 0.7269 0.4561 0.9764 -0.0967 0.4278  -0.2056 432 HOH A O   
985  O  O   . HOH C .  ? 0.6356 0.5926 0.2298 -0.2740 -0.0082 0.0271  433 HOH A O   
986  O  O   . HOH C .  ? 0.3681 0.3374 0.3298 -0.0970 0.0973  -0.0302 434 HOH A O   
987  O  O   . HOH C .  ? 0.9057 0.7531 0.3545 0.0168  -0.1461 -0.1500 435 HOH A O   
988  O  O   . HOH C .  ? 0.4324 0.6780 0.3066 -0.1421 0.1237  0.0833  436 HOH A O   
989  O  O   . HOH C .  ? 0.4917 0.9177 0.7361 -0.1946 0.1036  0.2990  437 HOH A O   
990  O  O   . HOH C .  ? 0.5949 1.1792 0.3391 0.1457  0.0423  -0.1230 438 HOH A O   
991  O  O   . HOH C .  ? 0.7146 0.5202 0.3902 -0.2855 -0.0637 -0.0989 439 HOH A O   
992  O  O   . HOH C .  ? 0.4060 0.7335 0.4427 -0.1910 0.0275  -0.1399 440 HOH A O   
993  O  O   . HOH C .  ? 0.4743 0.3857 0.3561 -0.1429 -0.0176 0.0485  441 HOH A O   
994  O  O   . HOH C .  ? 0.6189 0.4800 0.4122 -0.1193 0.1097  -0.0368 442 HOH A O   
995  O  O   . HOH C .  ? 0.5857 0.6297 0.6609 0.0482  0.3119  0.2094  443 HOH A O   
996  O  O   . HOH C .  ? 0.3142 0.3331 0.3336 -0.0824 -0.0424 0.0202  444 HOH A O   
997  O  O   . HOH C .  ? 0.6595 0.9292 0.5055 0.2751  0.1096  0.3357  445 HOH A O   
998  O  O   . HOH C .  ? 0.1525 0.1710 0.1371 -0.0229 0.0012  -0.0017 446 HOH A O   
999  O  O   . HOH C .  ? 0.6627 0.7124 0.6704 0.3276  -0.1608 -0.0197 447 HOH A O   
1000 O  O   . HOH C .  ? 0.5775 0.4215 0.2957 -0.0375 -0.0950 0.0341  448 HOH A O   
1001 O  O   . HOH C .  ? 0.4154 0.9498 0.6509 -0.0479 -0.1074 0.2035  449 HOH A O   
1002 O  O   . HOH C .  ? 0.7197 0.5569 0.5856 0.0164  -0.0518 0.2307  450 HOH A O   
1003 O  O   . HOH C .  ? 0.7758 0.5524 0.7102 -0.3382 0.2750  -0.1746 451 HOH A O   
1004 O  O   . HOH C .  ? 0.3847 0.5056 0.4148 -0.0392 -0.1388 0.0522  452 HOH A O   
1005 O  O   . HOH C .  ? 0.3424 0.3579 0.2818 0.0186  -0.0176 0.0313  453 HOH A O   
1006 O  O   . HOH C .  ? 0.8553 0.5320 0.3970 -0.0282 -0.0397 0.0961  454 HOH A O   
1007 O  O   . HOH C .  ? 0.5669 0.5593 0.5486 -0.0340 0.0654  0.2170  455 HOH A O   
1008 O  O   . HOH C .  ? 0.4702 0.6617 0.8288 -0.0558 0.0988  0.3888  456 HOH A O   
1009 O  O   . HOH C .  ? 0.4696 1.1331 0.4410 0.1462  -0.1366 -0.2230 457 HOH A O   
1010 O  O   . HOH C .  ? 0.5710 0.4851 0.6421 0.1061  -0.0054 0.0081  458 HOH A O   
1011 O  O   . HOH C .  ? 0.4953 0.8087 0.3955 0.0696  -0.0682 0.1267  459 HOH A O   
1012 O  O   . HOH C .  ? 0.5324 0.7598 0.5967 -0.1212 -0.1602 -0.2177 460 HOH A O   
1013 O  O   . HOH C .  ? 1.2614 0.4700 0.4551 0.2468  -0.2953 -0.0882 461 HOH A O   
1014 O  O   . HOH C .  ? 0.8000 0.8039 0.3669 0.1288  -0.1335 -0.0870 462 HOH A O   
1015 O  O   . HOH C .  ? 0.6438 0.6581 0.5956 -0.1755 -0.0080 0.2041  463 HOH A O   
1016 O  O   . HOH C .  ? 0.4999 0.4104 0.8500 -0.0609 -0.0425 0.0331  464 HOH A O   
1017 O  O   . HOH C .  ? 0.6918 0.5469 0.7514 -0.1354 0.1761  -0.0813 465 HOH A O   
1018 O  O   . HOH C .  ? 0.6719 0.4736 0.8361 0.2451  -0.0126 0.0187  466 HOH A O   
1019 O  O   . HOH C .  ? 0.6891 0.7752 0.3496 0.1930  0.0446  0.1101  467 HOH A O   
1020 O  O   . HOH C .  ? 0.5470 0.8583 0.7227 -0.3153 0.0562  -0.2249 468 HOH A O   
# 
